data_5M50
#
_entry.id   5M50
#
loop_
_entity.id
_entity.type
_entity.pdbx_description
1 polymer 'Tubulin alpha chain'
2 polymer 'Tubulin beta-2B chain'
3 polymer 'Calmodulin-regulated spectrin-associated protein 3'
4 non-polymer "GUANOSINE-5'-TRIPHOSPHATE"
5 non-polymer 'MAGNESIUM ION'
6 non-polymer "GUANOSINE-5'-DIPHOSPHATE"
7 non-polymer TAXOL
8 water water
#
loop_
_entity_poly.entity_id
_entity_poly.type
_entity_poly.pdbx_seq_one_letter_code
_entity_poly.pdbx_strand_id
1 'polypeptide(L)'
;MRECISIHVGQAGVQIGNACWELYCLEHGIQPDGQMPSDKTIGGGDDSFNTFFSETGAGKHVPRAVFVDLEPTVIDEVRT
GTYRQLFHPEQLITGKEDAANNYARGHYTIGKEIIDLVLDRIRKLADQCTGLQGFSVFHSFGGGTGSGFTSLLMERLSVD
YGKKSKLEFSIYPAPQVSTAVVEPYNSILTTHTTLEHSDCAFMVDNEAIYDICRRNLDIERPTYTNLNRLIGQIVSSITA
SLRFDGALNVDLTEFQTNLVPYPRGHFPLATYAPVISAEKAYHEQLSVAEITNACFEPANQMVKCDPRHGKYMACCLLYR
GDVVPKDVNAAIATIKTKRTIQFVDWCPTGFKVGINYEPPTVVPGGDLAKVQRAVCMLSNTTAIAEAWARLDHKFDLMYA
KRAFVHWYVGEGMEEGEFSEAREDMAALEKDYEEVGVDS
;
D,A
2 'polypeptide(L)'
;MREIVHIQAGQCGNQIGAKFWEVISDEHGIDPTGSYHGDSDLQLERINVYYNEAAGNKYVPRAILVDLEPGTMDSVRSGP
FGQIFRPDNFVFGQSGAGNNWAKGHYTEGAELVDSVLDVVRKESESCDCLQGFQLTHSLGGGTGSGMGTLLISKIREEYP
DRIMNTFSVVPSPKVSDTVVEPYNATLSVHQLVENTDETYCIDNEALYDICFRTLKLTTPTYGDLNHLVSATMSGVTTCL
RFPGQLNADLRKLAVNMVPFPRLHFFMPGFAPLTSRGSQQYRALTVPELTQQMFDAKNMMAACDPRHGRYLTVAAVFRGR
MSMKEVDEQMLNVQNKNSSYFVEWIPNNVKTAVCDIPPRGLKMSATFIGNSTAIQELFKRISEQFTAMFRRKAFLHWYTG
EGMDEMEFTEAESNMNDLVSEYQQYQD
;
E,B
3 'polypeptide(L)'
;AKSNKFIIHNALSHCCLAGKVNEPQKNRILEEIEKSKANHFLILFRDSSCQFRALYTLSGETEELSRLAGYGPRTVTPAM
VEGIYKYNSDRKRFTQIPAKTMSMSVDAFTIQGHLWQS
;
C
#
loop_
_chem_comp.id
_chem_comp.type
_chem_comp.name
_chem_comp.formula
GDP RNA linking GUANOSINE-5'-DIPHOSPHATE 'C10 H15 N5 O11 P2'
GTP non-polymer GUANOSINE-5'-TRIPHOSPHATE 'C10 H16 N5 O14 P3'
MG non-polymer 'MAGNESIUM ION' 'Mg 2'
TA1 non-polymer TAXOL 'C47 H51 N O14'
#
# COMPACT_ATOMS: atom_id res chain seq x y z
N ARG A 2 4.52 37.23 -15.33
CA ARG A 2 3.15 37.70 -15.43
C ARG A 2 2.13 36.65 -15.01
N GLU A 3 2.50 35.76 -14.10
CA GLU A 3 1.64 34.68 -13.67
C GLU A 3 1.72 34.49 -12.16
N CYS A 4 0.67 33.86 -11.62
CA CYS A 4 0.61 33.52 -10.20
C CYS A 4 -0.33 32.34 -10.02
N ILE A 5 -0.29 31.74 -8.82
CA ILE A 5 -0.96 30.48 -8.53
C ILE A 5 -1.82 30.63 -7.29
N SER A 6 -3.08 30.24 -7.40
CA SER A 6 -3.99 30.19 -6.27
C SER A 6 -3.78 28.88 -5.52
N ILE A 7 -3.88 28.94 -4.19
CA ILE A 7 -3.63 27.79 -3.32
C ILE A 7 -4.86 27.57 -2.45
N HIS A 8 -5.34 26.33 -2.40
CA HIS A 8 -6.56 25.97 -1.70
C HIS A 8 -6.22 24.86 -0.71
N VAL A 9 -6.05 25.21 0.55
CA VAL A 9 -5.66 24.27 1.58
C VAL A 9 -6.83 24.04 2.51
N GLY A 10 -7.19 22.76 2.70
CA GLY A 10 -8.19 22.39 3.67
C GLY A 10 -9.54 22.09 3.04
N GLN A 11 -10.49 21.72 3.91
CA GLN A 11 -11.85 21.50 3.47
C GLN A 11 -12.49 22.80 2.99
N ALA A 12 -12.14 23.90 3.64
CA ALA A 12 -12.75 25.19 3.31
C ALA A 12 -12.25 25.73 1.98
N GLY A 13 -10.92 25.75 1.79
CA GLY A 13 -10.36 26.50 0.68
C GLY A 13 -10.59 25.83 -0.68
N VAL A 14 -10.72 24.51 -0.67
CA VAL A 14 -11.03 23.80 -1.90
C VAL A 14 -12.49 24.07 -2.29
N GLN A 15 -13.37 24.14 -1.29
CA GLN A 15 -14.77 24.51 -1.56
C GLN A 15 -14.87 25.95 -2.03
N ILE A 16 -13.98 26.82 -1.55
CA ILE A 16 -13.86 28.15 -2.12
C ILE A 16 -13.37 28.07 -3.56
N GLY A 17 -12.40 27.19 -3.82
CA GLY A 17 -11.85 27.06 -5.15
C GLY A 17 -12.80 26.42 -6.14
N ASN A 18 -13.82 25.72 -5.63
CA ASN A 18 -14.89 25.23 -6.49
C ASN A 18 -15.67 26.38 -7.08
N ALA A 19 -15.80 27.48 -6.33
CA ALA A 19 -16.49 28.64 -6.84
C ALA A 19 -15.55 29.56 -7.62
N CYS A 20 -14.28 29.63 -7.21
CA CYS A 20 -13.36 30.60 -7.78
C CYS A 20 -13.02 30.28 -9.24
N TRP A 21 -12.66 29.03 -9.51
CA TRP A 21 -12.31 28.67 -10.88
C TRP A 21 -13.54 28.52 -11.76
N GLU A 22 -14.70 28.32 -11.15
CA GLU A 22 -15.96 28.49 -11.87
C GLU A 22 -16.16 29.94 -12.26
N LEU A 23 -15.86 30.85 -11.34
CA LEU A 23 -15.86 32.28 -11.66
C LEU A 23 -14.71 32.63 -12.60
N TYR A 24 -13.65 31.83 -12.59
CA TYR A 24 -12.56 32.11 -13.50
C TYR A 24 -12.88 31.57 -14.89
N CYS A 25 -13.74 30.55 -14.99
CA CYS A 25 -14.32 30.20 -16.28
C CYS A 25 -15.29 31.28 -16.75
N LEU A 26 -15.87 32.02 -15.81
CA LEU A 26 -16.82 33.08 -16.17
C LEU A 26 -16.09 34.28 -16.73
N GLU A 27 -14.76 34.35 -16.54
CA GLU A 27 -13.99 35.51 -16.97
C GLU A 27 -13.93 35.61 -18.49
N HIS A 28 -13.94 34.47 -19.18
CA HIS A 28 -13.79 34.47 -20.62
C HIS A 28 -14.76 33.55 -21.34
N GLY A 29 -15.73 32.97 -20.63
CA GLY A 29 -16.62 32.00 -21.24
C GLY A 29 -15.90 30.71 -21.53
N ILE A 30 -15.22 30.19 -20.52
CA ILE A 30 -14.28 29.09 -20.72
C ILE A 30 -15.02 27.76 -20.57
N GLN A 31 -14.85 26.91 -21.57
CA GLN A 31 -15.52 25.63 -21.62
C GLN A 31 -14.85 24.66 -20.65
N PRO A 32 -15.56 23.62 -20.20
CA PRO A 32 -14.96 22.69 -19.22
C PRO A 32 -13.83 21.81 -19.74
N ASP A 33 -13.46 21.91 -21.01
CA ASP A 33 -12.29 21.18 -21.51
C ASP A 33 -11.05 22.07 -21.61
N GLY A 34 -11.24 23.38 -21.74
CA GLY A 34 -10.15 24.31 -21.93
C GLY A 34 -10.32 25.23 -23.13
N GLN A 35 -11.45 25.13 -23.83
CA GLN A 35 -11.66 25.92 -25.03
C GLN A 35 -12.12 27.32 -24.68
N MET A 36 -11.36 28.31 -25.14
CA MET A 36 -11.69 29.72 -24.95
C MET A 36 -11.05 30.54 -26.08
N PRO A 37 -11.80 31.46 -26.68
CA PRO A 37 -11.18 32.38 -27.65
C PRO A 37 -10.44 33.53 -26.96
N SER A 38 -9.11 33.51 -27.04
CA SER A 38 -8.20 34.50 -26.44
C SER A 38 -8.41 34.72 -24.94
N PHE A 49 -4.74 35.76 -22.92
CA PHE A 49 -4.83 35.59 -21.48
C PHE A 49 -4.18 34.32 -20.98
N ASN A 50 -2.97 34.43 -20.42
CA ASN A 50 -2.35 33.35 -19.65
C ASN A 50 -1.68 33.95 -18.41
N THR A 51 -2.46 34.07 -17.34
CA THR A 51 -1.91 34.41 -16.03
C THR A 51 -2.22 33.35 -14.99
N PHE A 52 -3.47 32.94 -14.91
CA PHE A 52 -3.88 31.83 -14.07
C PHE A 52 -3.75 30.49 -14.79
N PHE A 53 -3.32 30.51 -16.04
CA PHE A 53 -3.46 29.35 -16.91
C PHE A 53 -2.13 28.92 -17.50
N SER A 54 -2.08 27.63 -17.82
CA SER A 54 -1.11 27.07 -18.74
C SER A 54 -1.88 26.58 -19.96
N GLU A 55 -1.41 26.96 -21.14
CA GLU A 55 -2.08 26.63 -22.39
C GLU A 55 -1.39 25.46 -23.06
N THR A 56 -2.18 24.46 -23.45
CA THR A 56 -1.70 23.33 -24.21
C THR A 56 -1.77 23.63 -25.70
N GLY A 57 -1.13 22.77 -26.49
CA GLY A 57 -1.11 22.93 -27.93
C GLY A 57 -2.43 22.70 -28.63
N ALA A 58 -3.35 21.97 -27.99
CA ALA A 58 -4.67 21.77 -28.56
C ALA A 58 -5.64 22.90 -28.20
N GLY A 59 -5.15 24.00 -27.66
CA GLY A 59 -5.99 25.11 -27.29
C GLY A 59 -6.74 24.95 -25.99
N LYS A 60 -6.25 24.11 -25.09
CA LYS A 60 -6.91 23.85 -23.82
C LYS A 60 -6.11 24.49 -22.70
N HIS A 61 -6.80 25.20 -21.82
CA HIS A 61 -6.17 25.93 -20.73
C HIS A 61 -6.49 25.25 -19.41
N VAL A 62 -5.46 25.00 -18.61
CA VAL A 62 -5.65 24.38 -17.32
C VAL A 62 -5.30 25.40 -16.25
N PRO A 63 -5.95 25.38 -15.10
CA PRO A 63 -5.63 26.33 -14.04
C PRO A 63 -4.23 26.14 -13.49
N ARG A 64 -3.69 27.21 -12.92
CA ARG A 64 -2.47 27.15 -12.13
C ARG A 64 -2.93 27.23 -10.69
N ALA A 65 -3.35 26.08 -10.15
CA ALA A 65 -4.00 26.04 -8.84
C ALA A 65 -3.31 25.01 -7.98
N VAL A 66 -3.60 25.06 -6.68
CA VAL A 66 -3.09 24.10 -5.70
C VAL A 66 -4.27 23.56 -4.91
N PHE A 67 -4.47 22.25 -4.98
CA PHE A 67 -5.56 21.57 -4.30
C PHE A 67 -4.98 20.62 -3.26
N VAL A 68 -5.17 20.95 -1.98
CA VAL A 68 -4.57 20.20 -0.88
C VAL A 68 -5.65 19.84 0.13
N ASP A 69 -5.77 18.54 0.42
CA ASP A 69 -6.57 18.06 1.54
C ASP A 69 -5.95 16.77 2.04
N LEU A 70 -6.00 16.55 3.35
CA LEU A 70 -5.63 15.26 3.92
C LEU A 70 -6.78 14.26 3.91
N GLU A 71 -7.98 14.71 3.59
CA GLU A 71 -9.15 13.89 3.40
C GLU A 71 -9.44 13.73 1.91
N PRO A 72 -9.69 12.50 1.44
CA PRO A 72 -9.95 12.32 0.00
C PRO A 72 -11.32 12.83 -0.42
N THR A 73 -12.26 12.99 0.52
CA THR A 73 -13.67 13.15 0.18
C THR A 73 -13.93 14.48 -0.52
N VAL A 74 -13.26 15.55 -0.06
CA VAL A 74 -13.38 16.84 -0.73
C VAL A 74 -12.74 16.77 -2.11
N ILE A 75 -11.63 16.03 -2.21
CA ILE A 75 -10.98 15.82 -3.50
C ILE A 75 -11.86 14.93 -4.38
N ASP A 76 -12.58 13.98 -3.75
CA ASP A 76 -13.50 13.11 -4.49
C ASP A 76 -14.65 13.91 -5.09
N GLU A 77 -15.05 15.00 -4.42
CA GLU A 77 -16.07 15.88 -4.99
C GLU A 77 -15.53 16.62 -6.20
N VAL A 78 -14.23 16.94 -6.18
CA VAL A 78 -13.64 17.72 -7.27
C VAL A 78 -13.40 16.83 -8.48
N ARG A 79 -12.73 15.70 -8.28
CA ARG A 79 -12.29 14.88 -9.40
C ARG A 79 -13.43 14.08 -10.02
N THR A 80 -14.59 14.03 -9.37
CA THR A 80 -15.76 13.40 -9.95
C THR A 80 -16.82 14.41 -10.33
N GLY A 81 -16.65 15.68 -9.97
CA GLY A 81 -17.59 16.72 -10.30
C GLY A 81 -17.29 17.36 -11.64
N THR A 82 -17.85 18.56 -11.83
CA THR A 82 -17.60 19.31 -13.04
C THR A 82 -16.18 19.87 -13.04
N TYR A 83 -15.76 20.32 -14.22
CA TYR A 83 -14.46 20.93 -14.52
C TYR A 83 -13.28 20.01 -14.25
N ARG A 84 -13.50 18.69 -14.16
CA ARG A 84 -12.40 17.75 -13.99
C ARG A 84 -11.57 17.59 -15.25
N GLN A 85 -12.12 17.94 -16.41
CA GLN A 85 -11.32 17.95 -17.63
C GLN A 85 -10.46 19.20 -17.73
N LEU A 86 -10.66 20.16 -16.82
CA LEU A 86 -9.72 21.25 -16.65
C LEU A 86 -8.62 20.89 -15.66
N PHE A 87 -8.87 19.91 -14.81
CA PHE A 87 -8.05 19.65 -13.64
C PHE A 87 -7.15 18.45 -13.87
N HIS A 88 -5.89 18.59 -13.51
CA HIS A 88 -4.94 17.51 -13.66
C HIS A 88 -4.54 16.97 -12.28
N PRO A 89 -4.28 15.67 -12.16
CA PRO A 89 -3.87 15.11 -10.85
C PRO A 89 -2.54 15.63 -10.30
N GLU A 90 -1.76 16.36 -11.09
CA GLU A 90 -0.67 17.15 -10.56
C GLU A 90 -1.17 18.17 -9.53
N GLN A 91 -2.30 18.80 -9.82
CA GLN A 91 -2.90 19.70 -8.86
C GLN A 91 -3.75 18.98 -7.82
N LEU A 92 -4.38 17.86 -8.20
CA LEU A 92 -5.24 17.10 -7.31
C LEU A 92 -4.38 16.33 -6.32
N ILE A 93 -3.94 17.04 -5.29
CA ILE A 93 -3.07 16.46 -4.27
C ILE A 93 -3.90 16.17 -3.03
N THR A 94 -4.10 14.89 -2.74
CA THR A 94 -4.90 14.46 -1.61
C THR A 94 -4.03 13.72 -0.61
N GLY A 95 -4.49 13.68 0.63
CA GLY A 95 -3.92 12.85 1.66
C GLY A 95 -4.79 11.65 1.94
N LYS A 96 -4.29 10.76 2.76
CA LYS A 96 -5.06 9.56 3.08
C LYS A 96 -5.47 9.49 4.53
N GLU A 97 -4.78 10.22 5.41
CA GLU A 97 -5.08 10.23 6.84
C GLU A 97 -5.41 11.66 7.23
N ASP A 98 -6.51 11.82 7.97
CA ASP A 98 -7.01 13.12 8.40
C ASP A 98 -6.04 13.78 9.37
N ALA A 99 -6.07 15.11 9.43
CA ALA A 99 -5.35 15.88 10.43
C ALA A 99 -6.04 15.88 11.78
N ALA A 100 -7.27 15.35 11.83
CA ALA A 100 -8.11 15.28 13.04
C ALA A 100 -8.32 16.66 13.66
N ASN A 101 -8.47 17.67 12.78
CA ASN A 101 -8.68 19.07 13.12
C ASN A 101 -7.59 19.62 14.02
N ASN A 102 -6.33 19.23 13.80
CA ASN A 102 -5.26 19.55 14.73
C ASN A 102 -4.20 20.40 14.04
N TYR A 103 -3.63 21.33 14.81
CA TYR A 103 -2.47 22.08 14.35
C TYR A 103 -1.22 21.21 14.37
N ALA A 104 -1.04 20.45 15.46
CA ALA A 104 0.17 19.64 15.63
C ALA A 104 0.18 18.48 14.65
N ARG A 105 -0.98 18.08 14.15
CA ARG A 105 -0.99 17.10 13.07
C ARG A 105 -0.91 17.78 11.71
N GLY A 106 -1.55 18.93 11.55
CA GLY A 106 -1.44 19.65 10.29
C GLY A 106 -0.04 20.18 10.06
N HIS A 107 0.54 20.87 11.05
CA HIS A 107 1.86 21.43 10.88
C HIS A 107 2.95 20.38 11.04
N TYR A 108 2.83 19.52 12.05
CA TYR A 108 3.97 18.70 12.40
C TYR A 108 3.78 17.23 12.06
N THR A 109 2.68 16.62 12.51
CA THR A 109 2.63 15.15 12.48
C THR A 109 2.20 14.62 11.12
N ILE A 110 0.98 14.92 10.69
CA ILE A 110 0.40 14.31 9.50
C ILE A 110 0.78 15.09 8.23
N GLY A 111 0.91 16.41 8.36
CA GLY A 111 1.13 17.23 7.18
C GLY A 111 2.53 17.11 6.59
N LYS A 112 3.48 16.59 7.38
CA LYS A 112 4.85 16.48 6.90
C LYS A 112 5.02 15.40 5.85
N GLU A 113 4.11 14.43 5.78
CA GLU A 113 4.26 13.35 4.82
C GLU A 113 3.85 13.76 3.42
N ILE A 114 3.15 14.89 3.29
CA ILE A 114 2.62 15.29 1.98
C ILE A 114 3.38 16.48 1.43
N ILE A 115 3.95 17.32 2.31
CA ILE A 115 4.57 18.59 1.93
C ILE A 115 5.76 18.39 1.01
N ASP A 116 6.46 17.26 1.13
CA ASP A 116 7.56 16.97 0.23
C ASP A 116 7.06 16.67 -1.17
N LEU A 117 5.89 16.02 -1.27
CA LEU A 117 5.24 15.87 -2.56
C LEU A 117 4.66 17.20 -3.03
N VAL A 118 4.13 17.99 -2.11
CA VAL A 118 3.44 19.23 -2.45
C VAL A 118 4.44 20.25 -3.00
N LEU A 119 5.53 20.48 -2.26
CA LEU A 119 6.53 21.46 -2.67
C LEU A 119 7.21 21.07 -3.98
N ASP A 120 7.28 19.76 -4.25
CA ASP A 120 7.79 19.31 -5.54
C ASP A 120 6.83 19.67 -6.67
N ARG A 121 5.53 19.54 -6.40
CA ARG A 121 4.54 19.96 -7.39
C ARG A 121 4.53 21.48 -7.54
N ILE A 122 4.89 22.19 -6.47
CA ILE A 122 5.05 23.64 -6.55
C ILE A 122 6.22 23.99 -7.47
N ARG A 123 7.33 23.26 -7.32
CA ARG A 123 8.51 23.52 -8.14
C ARG A 123 8.27 23.12 -9.59
N LYS A 124 7.32 22.21 -9.83
CA LYS A 124 6.92 21.93 -11.20
C LYS A 124 6.25 23.14 -11.83
N LEU A 125 5.19 23.64 -11.18
CA LEU A 125 4.37 24.67 -11.79
C LEU A 125 5.07 26.02 -11.78
N ALA A 126 5.89 26.29 -10.76
CA ALA A 126 6.61 27.55 -10.71
C ALA A 126 7.70 27.60 -11.76
N ASP A 127 8.26 26.45 -12.13
CA ASP A 127 9.18 26.41 -13.26
C ASP A 127 8.45 26.62 -14.58
N GLN A 128 7.20 26.17 -14.67
CA GLN A 128 6.39 26.43 -15.85
C GLN A 128 6.00 27.89 -15.98
N CYS A 129 5.94 28.63 -14.88
CA CYS A 129 5.60 30.04 -14.90
C CYS A 129 6.77 30.87 -15.39
N THR A 130 6.44 31.94 -16.10
CA THR A 130 7.42 32.90 -16.62
C THR A 130 7.07 34.26 -16.03
N GLY A 131 7.86 34.72 -15.05
CA GLY A 131 7.55 35.96 -14.40
C GLY A 131 6.55 35.79 -13.28
N LEU A 132 6.91 34.95 -12.31
CA LEU A 132 6.01 34.66 -11.19
C LEU A 132 5.84 35.89 -10.32
N GLN A 133 4.58 36.28 -10.09
CA GLN A 133 4.31 37.42 -9.24
C GLN A 133 4.16 36.99 -7.79
N GLY A 134 3.67 35.79 -7.55
CA GLY A 134 3.49 35.28 -6.21
C GLY A 134 2.38 34.25 -6.18
N PHE A 135 1.62 34.27 -5.09
CA PHE A 135 0.59 33.28 -4.85
C PHE A 135 -0.39 33.79 -3.81
N SER A 136 -1.51 33.08 -3.68
CA SER A 136 -2.51 33.35 -2.65
C SER A 136 -3.01 32.02 -2.10
N VAL A 137 -3.12 31.93 -0.77
CA VAL A 137 -3.53 30.70 -0.09
C VAL A 137 -4.93 30.92 0.48
N PHE A 138 -5.81 29.96 0.23
CA PHE A 138 -7.20 30.04 0.68
C PHE A 138 -7.44 28.97 1.74
N HIS A 139 -7.75 29.40 2.97
CA HIS A 139 -7.86 28.49 4.09
C HIS A 139 -8.63 29.18 5.22
N SER A 140 -8.59 28.58 6.40
CA SER A 140 -9.18 29.17 7.60
C SER A 140 -8.13 29.32 8.69
N PHE A 141 -8.54 29.94 9.80
CA PHE A 141 -7.65 30.10 10.95
C PHE A 141 -7.75 28.94 11.92
N GLY A 142 -8.93 28.37 12.10
CA GLY A 142 -9.17 27.37 13.12
C GLY A 142 -9.35 25.96 12.66
N GLY A 143 -9.08 25.66 11.38
CA GLY A 143 -9.17 24.32 10.85
C GLY A 143 -8.01 23.46 11.26
N GLY A 144 -7.98 22.25 10.71
CA GLY A 144 -6.84 21.38 10.94
C GLY A 144 -5.85 21.44 9.80
N THR A 145 -6.35 21.24 8.58
CA THR A 145 -5.49 21.29 7.41
C THR A 145 -5.19 22.74 7.03
N GLY A 146 -6.20 23.60 7.01
CA GLY A 146 -6.01 24.98 6.60
C GLY A 146 -5.34 25.86 7.63
N SER A 147 -5.05 25.32 8.82
CA SER A 147 -4.29 26.06 9.81
C SER A 147 -2.92 25.45 10.04
N GLY A 148 -2.86 24.14 10.30
CA GLY A 148 -1.58 23.51 10.58
C GLY A 148 -0.71 23.40 9.35
N PHE A 149 -1.25 22.77 8.29
CA PHE A 149 -0.47 22.54 7.09
C PHE A 149 -0.17 23.84 6.36
N THR A 150 -1.06 24.82 6.49
CA THR A 150 -0.81 26.15 5.96
C THR A 150 0.38 26.79 6.67
N SER A 151 0.45 26.60 7.98
CA SER A 151 1.62 27.03 8.74
C SER A 151 2.87 26.25 8.32
N LEU A 152 2.68 25.01 7.90
CA LEU A 152 3.78 24.24 7.35
C LEU A 152 4.12 24.70 5.94
N LEU A 153 3.10 25.07 5.16
CA LEU A 153 3.32 25.43 3.77
C LEU A 153 3.95 26.81 3.62
N MET A 154 3.42 27.80 4.36
CA MET A 154 3.92 29.17 4.24
C MET A 154 5.32 29.30 4.81
N GLU A 155 5.69 28.40 5.72
CA GLU A 155 7.06 28.40 6.23
C GLU A 155 8.04 27.96 5.15
N ARG A 156 7.65 26.95 4.36
CA ARG A 156 8.56 26.41 3.37
C ARG A 156 8.64 27.29 2.14
N LEU A 157 7.51 27.90 1.76
CA LEU A 157 7.50 28.75 0.57
C LEU A 157 8.27 30.04 0.80
N SER A 158 8.27 30.54 2.03
CA SER A 158 9.07 31.72 2.37
C SER A 158 10.56 31.42 2.34
N VAL A 159 10.96 30.17 2.60
CA VAL A 159 12.35 29.78 2.44
C VAL A 159 12.74 29.77 0.97
N ASP A 160 11.94 29.10 0.16
CA ASP A 160 12.29 28.90 -1.24
C ASP A 160 12.10 30.18 -2.06
N TYR A 161 10.94 30.80 -1.95
CA TYR A 161 10.58 31.95 -2.76
C TYR A 161 10.38 33.15 -1.84
N GLY A 162 11.47 33.85 -1.53
CA GLY A 162 11.38 34.94 -0.56
C GLY A 162 10.80 36.20 -1.15
N LYS A 163 11.16 36.51 -2.40
CA LYS A 163 10.76 37.77 -3.03
C LYS A 163 9.50 37.63 -3.87
N LYS A 164 8.59 36.73 -3.48
CA LYS A 164 7.32 36.58 -4.16
C LYS A 164 6.17 37.01 -3.26
N SER A 165 5.01 37.21 -3.85
CA SER A 165 3.84 37.65 -3.10
C SER A 165 3.26 36.50 -2.29
N LYS A 166 3.11 36.72 -0.99
CA LYS A 166 2.67 35.71 -0.05
C LYS A 166 1.32 36.16 0.51
N LEU A 167 0.23 35.77 -0.16
CA LEU A 167 -1.10 36.22 0.19
C LEU A 167 -1.88 35.10 0.88
N GLU A 168 -2.74 35.50 1.81
CA GLU A 168 -3.72 34.59 2.40
C GLU A 168 -5.06 35.30 2.47
N PHE A 169 -6.10 34.64 1.97
CA PHE A 169 -7.45 35.14 2.15
C PHE A 169 -8.13 34.13 3.06
N SER A 170 -8.11 34.39 4.36
CA SER A 170 -8.38 33.38 5.37
C SER A 170 -9.74 33.61 6.01
N ILE A 171 -10.32 32.53 6.54
CA ILE A 171 -11.65 32.59 7.15
C ILE A 171 -11.52 32.71 8.65
N TYR A 172 -12.05 33.80 9.21
CA TYR A 172 -12.01 33.93 10.66
C TYR A 172 -13.33 33.46 11.27
N PRO A 173 -13.28 32.52 12.21
CA PRO A 173 -14.52 31.99 12.80
C PRO A 173 -15.22 33.04 13.65
N ALA A 174 -16.54 32.93 13.69
CA ALA A 174 -17.34 33.89 14.44
C ALA A 174 -17.18 33.67 15.94
N PRO A 175 -17.24 34.73 16.75
CA PRO A 175 -17.27 34.53 18.21
C PRO A 175 -18.57 33.93 18.72
N GLN A 176 -19.60 33.91 17.88
CA GLN A 176 -20.89 33.34 18.24
C GLN A 176 -21.16 32.03 17.52
N VAL A 177 -20.53 31.81 16.36
CA VAL A 177 -20.70 30.60 15.58
C VAL A 177 -19.35 29.95 15.39
N SER A 178 -19.18 28.74 15.92
CA SER A 178 -17.99 27.95 15.67
C SER A 178 -18.41 26.50 15.50
N THR A 179 -17.96 25.90 14.39
CA THR A 179 -18.29 24.52 14.09
C THR A 179 -17.42 23.51 14.84
N ALA A 180 -16.32 23.95 15.46
CA ALA A 180 -15.49 23.09 16.28
C ALA A 180 -14.96 23.91 17.44
N VAL A 181 -14.72 23.25 18.57
CA VAL A 181 -14.39 23.96 19.79
C VAL A 181 -12.91 24.37 19.78
N VAL A 182 -12.08 23.62 19.05
CA VAL A 182 -10.64 23.85 19.05
C VAL A 182 -10.25 24.90 18.02
N GLU A 183 -11.25 25.49 17.37
CA GLU A 183 -10.97 26.54 16.38
C GLU A 183 -10.30 27.78 16.97
N PRO A 184 -10.67 28.31 18.15
CA PRO A 184 -9.75 29.25 18.81
C PRO A 184 -8.49 28.59 19.32
N TYR A 185 -8.56 27.33 19.72
CA TYR A 185 -7.40 26.62 20.26
C TYR A 185 -6.38 26.32 19.17
N ASN A 186 -6.82 26.29 17.90
CA ASN A 186 -5.89 26.11 16.80
C ASN A 186 -5.25 27.42 16.39
N SER A 187 -6.04 28.49 16.32
CA SER A 187 -5.62 29.70 15.61
C SER A 187 -4.62 30.52 16.41
N ILE A 188 -4.40 30.20 17.68
CA ILE A 188 -3.36 30.88 18.44
C ILE A 188 -1.99 30.52 17.89
N LEU A 189 -1.76 29.22 17.67
CA LEU A 189 -0.48 28.76 17.14
C LEU A 189 -0.36 29.10 15.66
N THR A 190 -1.49 29.25 14.98
CA THR A 190 -1.49 29.51 13.55
C THR A 190 -1.03 30.93 13.25
N THR A 191 -1.40 31.87 14.13
CA THR A 191 -1.39 33.29 13.79
C THR A 191 0.03 33.86 13.77
N HIS A 192 0.83 33.51 14.77
CA HIS A 192 2.20 34.02 14.86
C HIS A 192 3.07 33.48 13.73
N THR A 193 2.89 32.21 13.40
CA THR A 193 3.56 31.63 12.25
C THR A 193 3.06 32.26 10.94
N THR A 194 1.79 32.64 10.90
CA THR A 194 1.27 33.37 9.75
C THR A 194 1.86 34.76 9.67
N LEU A 195 1.97 35.43 10.81
CA LEU A 195 2.55 36.77 10.87
C LEU A 195 4.04 36.74 10.52
N GLU A 196 4.69 35.61 10.81
CA GLU A 196 6.11 35.46 10.53
C GLU A 196 6.39 35.43 9.03
N HIS A 197 5.46 34.88 8.24
CA HIS A 197 5.76 34.60 6.85
C HIS A 197 4.92 35.40 5.85
N SER A 198 3.67 35.72 6.17
CA SER A 198 2.77 36.23 5.15
C SER A 198 3.07 37.69 4.82
N ASP A 199 2.79 38.06 3.57
CA ASP A 199 2.88 39.43 3.11
C ASP A 199 1.58 40.18 3.28
N CYS A 200 0.45 39.47 3.31
CA CYS A 200 -0.88 40.05 3.46
C CYS A 200 -1.83 38.92 3.82
N ALA A 201 -2.70 39.17 4.80
CA ALA A 201 -3.63 38.17 5.29
C ALA A 201 -4.98 38.81 5.56
N PHE A 202 -6.04 38.23 5.00
CA PHE A 202 -7.40 38.71 5.24
C PHE A 202 -8.11 37.84 6.27
N MET A 203 -9.22 38.34 6.77
CA MET A 203 -10.06 37.63 7.71
C MET A 203 -11.50 37.64 7.19
N VAL A 204 -12.12 36.47 7.14
CA VAL A 204 -13.47 36.34 6.61
C VAL A 204 -14.36 35.74 7.69
N ASP A 205 -15.37 36.48 8.12
CA ASP A 205 -16.34 36.02 9.10
C ASP A 205 -17.64 35.72 8.37
N ASN A 206 -18.07 34.46 8.42
CA ASN A 206 -19.30 34.00 7.79
C ASN A 206 -20.53 34.64 8.42
N GLU A 207 -20.39 35.00 9.71
CA GLU A 207 -21.48 35.61 10.46
C GLU A 207 -21.89 36.95 9.86
N ALA A 208 -20.91 37.78 9.50
CA ALA A 208 -21.23 39.04 8.82
C ALA A 208 -21.72 38.78 7.40
N ILE A 209 -21.23 37.71 6.77
CA ILE A 209 -21.72 37.34 5.45
C ILE A 209 -23.16 36.85 5.53
N TYR A 210 -23.51 36.21 6.64
CA TYR A 210 -24.90 35.82 6.88
C TYR A 210 -25.81 37.04 6.97
N ASP A 211 -25.31 38.13 7.57
CA ASP A 211 -26.11 39.34 7.68
C ASP A 211 -26.28 40.02 6.33
N ILE A 212 -25.29 39.90 5.46
CA ILE A 212 -25.38 40.50 4.14
C ILE A 212 -26.37 39.74 3.27
N CYS A 213 -26.36 38.40 3.37
CA CYS A 213 -27.24 37.58 2.55
C CYS A 213 -28.70 37.75 2.93
N ARG A 214 -28.98 37.91 4.22
CA ARG A 214 -30.36 38.03 4.67
C ARG A 214 -30.90 39.44 4.49
N ARG A 215 -30.03 40.42 4.23
CA ARG A 215 -30.46 41.81 4.12
C ARG A 215 -30.20 42.41 2.75
N ASN A 216 -28.96 42.36 2.28
CA ASN A 216 -28.61 42.93 0.99
C ASN A 216 -28.98 42.02 -0.17
N LEU A 217 -29.31 40.77 0.12
CA LEU A 217 -29.84 39.84 -0.87
C LEU A 217 -31.13 39.20 -0.43
N ASP A 218 -31.49 39.31 0.86
CA ASP A 218 -32.69 38.75 1.47
C ASP A 218 -32.78 37.24 1.28
N ILE A 219 -31.64 36.56 1.39
CA ILE A 219 -31.58 35.11 1.25
C ILE A 219 -31.59 34.52 2.65
N GLU A 220 -32.67 33.82 2.98
CA GLU A 220 -32.80 33.17 4.27
C GLU A 220 -32.32 31.72 4.24
N ARG A 221 -31.94 31.21 3.07
CA ARG A 221 -31.36 29.87 2.95
C ARG A 221 -30.02 29.91 2.23
N PRO A 222 -28.95 30.32 2.90
CA PRO A 222 -27.63 30.25 2.26
C PRO A 222 -26.89 28.96 2.60
N THR A 223 -26.05 28.52 1.68
CA THR A 223 -25.15 27.41 1.90
C THR A 223 -23.71 27.89 1.72
N TYR A 224 -22.76 27.00 2.06
CA TYR A 224 -21.34 27.28 1.83
C TYR A 224 -21.02 27.49 0.35
N THR A 225 -21.80 26.87 -0.53
CA THR A 225 -21.74 27.21 -1.95
C THR A 225 -22.08 28.66 -2.18
N ASN A 226 -23.20 29.12 -1.63
CA ASN A 226 -23.69 30.45 -1.91
C ASN A 226 -22.87 31.52 -1.21
N LEU A 227 -22.22 31.18 -0.10
CA LEU A 227 -21.36 32.15 0.57
C LEU A 227 -20.12 32.45 -0.26
N ASN A 228 -19.49 31.41 -0.80
CA ASN A 228 -18.27 31.61 -1.58
C ASN A 228 -18.57 32.21 -2.95
N ARG A 229 -19.83 32.11 -3.41
CA ARG A 229 -20.26 32.89 -4.55
C ARG A 229 -20.13 34.37 -4.29
N LEU A 230 -20.50 34.81 -3.09
CA LEU A 230 -20.28 36.20 -2.70
C LEU A 230 -18.79 36.46 -2.49
N ILE A 231 -18.08 35.53 -1.85
CA ILE A 231 -16.68 35.75 -1.51
C ILE A 231 -15.82 35.74 -2.76
N GLY A 232 -16.00 34.72 -3.61
CA GLY A 232 -15.12 34.57 -4.76
C GLY A 232 -15.33 35.62 -5.83
N GLN A 233 -16.54 36.18 -5.91
CA GLN A 233 -16.81 37.27 -6.84
C GLN A 233 -15.99 38.50 -6.48
N ILE A 234 -15.82 38.74 -5.18
CA ILE A 234 -14.96 39.82 -4.71
C ILE A 234 -13.51 39.51 -5.07
N VAL A 235 -13.07 38.28 -4.78
CA VAL A 235 -11.69 37.87 -4.99
C VAL A 235 -11.35 37.86 -6.48
N SER A 236 -12.32 37.51 -7.32
CA SER A 236 -12.12 37.62 -8.77
C SER A 236 -11.93 39.07 -9.18
N SER A 237 -12.65 40.00 -8.54
CA SER A 237 -12.37 41.41 -8.76
C SER A 237 -11.10 41.84 -8.06
N ILE A 238 -10.71 41.15 -6.99
CA ILE A 238 -9.43 41.45 -6.36
C ILE A 238 -8.28 41.00 -7.24
N THR A 239 -8.34 39.79 -7.77
CA THR A 239 -7.16 39.16 -8.36
C THR A 239 -7.09 39.28 -9.87
N ALA A 240 -8.07 38.76 -10.61
CA ALA A 240 -7.97 38.70 -12.06
C ALA A 240 -8.14 40.09 -12.68
N SER A 241 -8.83 40.97 -11.97
CA SER A 241 -9.14 42.28 -12.54
C SER A 241 -7.91 43.19 -12.53
N LEU A 242 -7.00 43.00 -11.58
CA LEU A 242 -5.84 43.88 -11.50
C LEU A 242 -4.83 43.59 -12.60
N ARG A 243 -4.94 42.43 -13.24
CA ARG A 243 -4.14 42.18 -14.44
C ARG A 243 -4.90 42.57 -15.69
N PHE A 244 -6.23 42.62 -15.61
CA PHE A 244 -7.03 43.01 -16.75
C PHE A 244 -6.90 44.52 -16.99
N ASP A 245 -7.00 44.90 -18.25
CA ASP A 245 -6.69 46.27 -18.65
C ASP A 245 -7.84 47.21 -18.34
N GLY A 246 -7.52 48.34 -17.74
CA GLY A 246 -8.52 49.32 -17.40
C GLY A 246 -8.04 50.74 -17.55
N ALA A 247 -8.74 51.68 -16.90
CA ALA A 247 -8.34 53.08 -16.97
C ALA A 247 -7.17 53.39 -16.04
N LEU A 248 -7.00 52.60 -14.98
CA LEU A 248 -5.92 52.79 -14.02
C LEU A 248 -5.44 51.41 -13.62
N ASN A 249 -4.42 50.91 -14.31
CA ASN A 249 -3.97 49.53 -14.13
C ASN A 249 -2.95 49.48 -13.01
N VAL A 250 -3.35 48.93 -11.87
CA VAL A 250 -2.48 48.71 -10.72
C VAL A 250 -2.54 47.23 -10.38
N ASP A 251 -1.40 46.63 -10.05
CA ASP A 251 -1.35 45.23 -9.67
C ASP A 251 -1.38 45.08 -8.15
N LEU A 252 -1.25 43.83 -7.71
CA LEU A 252 -1.24 43.53 -6.28
C LEU A 252 0.02 44.02 -5.58
N THR A 253 1.16 44.00 -6.26
CA THR A 253 2.43 44.36 -5.64
C THR A 253 2.53 45.84 -5.30
N GLU A 254 1.88 46.70 -6.08
CA GLU A 254 1.88 48.13 -5.75
C GLU A 254 0.98 48.42 -4.56
N PHE A 255 0.03 47.53 -4.28
CA PHE A 255 -0.73 47.64 -3.05
C PHE A 255 0.13 47.28 -1.85
N GLN A 256 0.99 46.26 -2.01
CA GLN A 256 1.69 45.66 -0.88
C GLN A 256 2.67 46.63 -0.24
N THR A 257 3.19 47.57 -1.02
CA THR A 257 3.97 48.66 -0.43
C THR A 257 3.04 49.75 0.09
N ASN A 258 2.00 50.09 -0.65
CA ASN A 258 1.11 51.19 -0.32
C ASN A 258 0.13 50.86 0.81
N LEU A 259 -0.50 49.70 0.76
CA LEU A 259 -1.44 49.32 1.80
C LEU A 259 -0.75 48.87 3.08
N VAL A 260 0.50 48.41 2.99
CA VAL A 260 1.24 48.02 4.18
C VAL A 260 2.45 48.93 4.30
N PRO A 261 2.36 50.01 5.09
CA PRO A 261 3.57 50.79 5.41
C PRO A 261 4.31 50.26 6.62
N TYR A 262 3.94 49.09 7.13
CA TYR A 262 4.38 48.58 8.40
C TYR A 262 5.29 47.37 8.22
N PRO A 263 6.17 47.11 9.18
CA PRO A 263 6.78 45.78 9.26
C PRO A 263 5.75 44.69 9.52
N ARG A 264 4.96 44.83 10.58
CA ARG A 264 3.91 43.87 10.89
C ARG A 264 2.57 44.60 11.06
N GLY A 265 1.92 44.84 9.93
CA GLY A 265 0.62 45.49 9.95
C GLY A 265 -0.34 44.93 8.92
N HIS A 266 0.07 43.88 8.23
CA HIS A 266 -0.61 43.44 7.02
C HIS A 266 -1.86 42.61 7.22
N PHE A 267 -2.82 43.15 7.97
CA PHE A 267 -4.16 42.58 8.09
C PHE A 267 -5.17 43.56 7.54
N PRO A 268 -5.41 43.56 6.23
CA PRO A 268 -6.34 44.54 5.67
C PRO A 268 -7.77 44.02 5.68
N LEU A 269 -8.70 44.97 5.78
CA LEU A 269 -10.12 44.67 5.71
C LEU A 269 -10.60 44.79 4.28
N ALA A 270 -10.95 43.65 3.69
CA ALA A 270 -11.50 43.60 2.35
C ALA A 270 -13.01 43.79 2.40
N THR A 271 -13.48 44.85 1.76
CA THR A 271 -14.91 45.11 1.70
C THR A 271 -15.35 45.33 0.27
N TYR A 272 -16.65 45.13 0.07
CA TYR A 272 -17.29 45.17 -1.23
C TYR A 272 -18.78 45.36 -1.00
N ALA A 273 -19.33 46.46 -1.48
CA ALA A 273 -20.77 46.59 -1.28
C ALA A 273 -21.55 47.08 -2.49
N PRO A 274 -21.25 46.61 -3.72
CA PRO A 274 -22.50 46.45 -4.48
C PRO A 274 -23.03 45.06 -4.22
N VAL A 275 -24.05 44.93 -3.36
CA VAL A 275 -24.62 43.62 -3.07
C VAL A 275 -26.13 43.77 -3.25
N ILE A 276 -26.61 43.48 -4.44
CA ILE A 276 -27.96 43.83 -4.86
C ILE A 276 -28.65 42.57 -5.33
N SER A 277 -29.82 42.28 -4.76
CA SER A 277 -30.61 41.16 -5.24
C SER A 277 -31.22 41.47 -6.59
N ALA A 278 -31.71 40.42 -7.25
CA ALA A 278 -32.27 40.59 -8.60
C ALA A 278 -33.55 41.41 -8.58
N GLU A 279 -34.31 41.36 -7.49
CA GLU A 279 -35.47 42.22 -7.38
C GLU A 279 -35.11 43.61 -6.89
N LYS A 280 -33.98 43.75 -6.18
CA LYS A 280 -33.57 45.06 -5.69
C LYS A 280 -33.06 45.94 -6.82
N ALA A 281 -32.67 45.35 -7.94
CA ALA A 281 -32.08 46.07 -9.07
C ALA A 281 -33.07 46.99 -9.76
N TYR A 282 -34.36 46.70 -9.65
CA TYR A 282 -35.35 47.56 -10.30
C TYR A 282 -35.57 48.83 -9.51
N HIS A 283 -35.51 48.76 -8.18
CA HIS A 283 -35.44 49.93 -7.33
C HIS A 283 -33.97 50.19 -7.05
N GLU A 284 -33.24 50.62 -8.07
CA GLU A 284 -31.82 50.89 -7.90
C GLU A 284 -31.32 51.90 -8.93
N GLN A 285 -30.65 52.94 -8.45
CA GLN A 285 -29.80 53.76 -9.30
C GLN A 285 -28.66 54.26 -8.43
N LEU A 286 -27.51 53.56 -8.48
CA LEU A 286 -26.40 53.83 -7.58
C LEU A 286 -25.25 54.47 -8.35
N SER A 287 -24.78 55.61 -7.85
CA SER A 287 -23.59 56.22 -8.39
C SER A 287 -22.34 55.59 -7.78
N VAL A 288 -21.20 56.18 -8.09
CA VAL A 288 -19.94 55.74 -7.49
C VAL A 288 -19.93 56.06 -6.00
N ALA A 289 -20.35 57.29 -5.66
CA ALA A 289 -20.26 57.74 -4.27
C ALA A 289 -21.28 57.05 -3.39
N GLU A 290 -22.44 56.68 -3.95
CA GLU A 290 -23.47 56.02 -3.17
C GLU A 290 -23.05 54.61 -2.78
N ILE A 291 -22.20 53.97 -3.60
CA ILE A 291 -21.71 52.65 -3.26
C ILE A 291 -20.61 52.75 -2.21
N THR A 292 -19.77 53.78 -2.31
CA THR A 292 -18.72 53.96 -1.30
C THR A 292 -19.29 54.37 0.04
N ASN A 293 -20.47 54.99 0.04
CA ASN A 293 -21.20 55.18 1.30
C ASN A 293 -21.65 53.84 1.86
N ALA A 294 -22.08 52.93 0.97
CA ALA A 294 -22.43 51.58 1.41
C ALA A 294 -21.19 50.77 1.76
N CYS A 295 -20.03 51.18 1.26
CA CYS A 295 -18.78 50.57 1.69
C CYS A 295 -18.46 50.93 3.13
N PHE A 296 -18.95 52.07 3.60
CA PHE A 296 -18.74 52.50 4.98
C PHE A 296 -19.83 52.03 5.93
N GLU A 297 -20.74 51.17 5.46
CA GLU A 297 -21.75 50.67 6.37
C GLU A 297 -21.17 49.59 7.27
N PRO A 298 -21.51 49.62 8.57
CA PRO A 298 -21.08 48.53 9.45
C PRO A 298 -21.71 47.18 9.11
N ALA A 299 -22.85 47.18 8.43
CA ALA A 299 -23.47 45.93 8.01
C ALA A 299 -22.80 45.33 6.77
N ASN A 300 -21.88 46.06 6.14
CA ASN A 300 -21.22 45.61 4.93
C ASN A 300 -19.70 45.55 5.10
N GLN A 301 -19.23 45.03 6.24
CA GLN A 301 -17.80 45.03 6.51
C GLN A 301 -17.15 43.67 6.32
N MET A 302 -17.98 42.61 6.19
CA MET A 302 -17.62 41.20 6.04
C MET A 302 -16.93 40.61 7.27
N VAL A 303 -16.77 41.41 8.32
CA VAL A 303 -16.18 41.02 9.60
C VAL A 303 -17.05 41.64 10.69
N LYS A 304 -17.40 40.84 11.69
CA LYS A 304 -18.20 41.34 12.80
C LYS A 304 -17.30 42.26 13.63
N CYS A 305 -17.35 43.55 13.30
CA CYS A 305 -16.51 44.56 13.93
C CYS A 305 -17.15 45.91 13.71
N ASP A 306 -16.73 46.90 14.50
CA ASP A 306 -17.28 48.24 14.36
C ASP A 306 -16.20 49.17 13.84
N PRO A 307 -16.37 49.72 12.63
CA PRO A 307 -15.35 50.62 12.07
C PRO A 307 -15.30 51.96 12.78
N ARG A 308 -16.37 52.29 13.51
CA ARG A 308 -16.47 53.57 14.18
C ARG A 308 -15.46 53.70 15.30
N HIS A 309 -15.18 52.62 16.01
CA HIS A 309 -14.22 52.63 17.10
C HIS A 309 -12.80 52.43 16.62
N GLY A 310 -12.60 52.05 15.36
CA GLY A 310 -11.28 51.81 14.82
C GLY A 310 -10.77 53.01 14.02
N LYS A 311 -9.44 53.15 14.04
CA LYS A 311 -8.78 54.21 13.31
C LYS A 311 -8.32 53.70 11.95
N TYR A 312 -8.80 54.36 10.91
CA TYR A 312 -8.43 54.02 9.54
C TYR A 312 -6.97 54.39 9.29
N MET A 313 -6.21 53.40 8.83
CA MET A 313 -4.83 53.64 8.42
C MET A 313 -4.78 53.83 6.91
N ALA A 314 -5.52 53.00 6.18
CA ALA A 314 -5.48 53.03 4.72
C ALA A 314 -6.87 52.80 4.15
N CYS A 315 -7.03 53.17 2.89
CA CYS A 315 -8.27 52.94 2.14
C CYS A 315 -7.91 52.73 0.68
N CYS A 316 -7.91 51.48 0.24
CA CYS A 316 -7.60 51.14 -1.15
C CYS A 316 -8.88 50.78 -1.90
N LEU A 317 -9.18 51.54 -2.93
CA LEU A 317 -10.43 51.45 -3.66
C LEU A 317 -10.19 50.74 -4.98
N LEU A 318 -10.93 49.66 -5.22
CA LEU A 318 -10.80 48.86 -6.42
C LEU A 318 -12.13 48.89 -7.16
N TYR A 319 -12.10 49.24 -8.44
CA TYR A 319 -13.29 49.58 -9.19
C TYR A 319 -13.48 48.65 -10.38
N ARG A 320 -14.73 48.51 -10.80
CA ARG A 320 -15.09 47.79 -12.02
C ARG A 320 -16.07 48.64 -12.82
N GLY A 321 -16.08 48.40 -14.13
CA GLY A 321 -17.21 48.84 -14.96
C GLY A 321 -17.30 50.33 -15.14
N ASP A 322 -18.50 50.87 -14.92
CA ASP A 322 -18.83 52.28 -15.19
C ASP A 322 -18.18 53.15 -14.12
N VAL A 323 -17.00 53.69 -14.46
CA VAL A 323 -16.22 54.51 -13.56
C VAL A 323 -15.88 55.82 -14.28
N VAL A 324 -16.15 56.95 -13.64
CA VAL A 324 -15.68 58.25 -14.07
C VAL A 324 -14.76 58.79 -12.99
N PRO A 325 -13.47 59.00 -13.29
CA PRO A 325 -12.51 59.37 -12.23
C PRO A 325 -12.74 60.76 -11.65
N LYS A 326 -13.29 61.67 -12.44
CA LYS A 326 -13.67 62.98 -11.92
C LYS A 326 -14.81 62.84 -10.91
N ASP A 327 -15.70 61.87 -11.15
CA ASP A 327 -16.74 61.58 -10.16
C ASP A 327 -16.18 60.81 -8.98
N VAL A 328 -15.11 60.05 -9.19
CA VAL A 328 -14.41 59.42 -8.08
C VAL A 328 -13.74 60.49 -7.22
N ASN A 329 -13.19 61.52 -7.87
CA ASN A 329 -12.57 62.62 -7.14
C ASN A 329 -13.60 63.38 -6.30
N ALA A 330 -14.84 63.45 -6.79
CA ALA A 330 -15.91 63.97 -5.96
C ALA A 330 -16.27 62.98 -4.86
N ALA A 331 -16.18 61.69 -5.16
CA ALA A 331 -16.51 60.67 -4.17
C ALA A 331 -15.46 60.61 -3.07
N ILE A 332 -14.21 60.89 -3.42
CA ILE A 332 -13.16 61.03 -2.40
C ILE A 332 -13.44 62.25 -1.53
N ALA A 333 -13.89 63.33 -2.15
CA ALA A 333 -14.30 64.51 -1.39
C ALA A 333 -15.55 64.24 -0.57
N THR A 334 -16.40 63.32 -1.05
CA THR A 334 -17.57 62.91 -0.30
C THR A 334 -17.18 62.15 0.95
N ILE A 335 -16.12 61.33 0.84
CA ILE A 335 -15.57 60.64 2.01
C ILE A 335 -15.01 61.65 3.00
N LYS A 336 -14.34 62.68 2.51
CA LYS A 336 -13.77 63.70 3.39
C LYS A 336 -14.86 64.61 3.95
N THR A 337 -16.04 64.63 3.32
CA THR A 337 -17.13 65.45 3.80
C THR A 337 -17.91 64.73 4.90
N LYS A 338 -18.16 63.44 4.73
CA LYS A 338 -18.98 62.65 5.64
C LYS A 338 -18.20 62.07 6.80
N ARG A 339 -17.12 62.73 7.23
CA ARG A 339 -16.10 62.12 8.06
C ARG A 339 -16.60 61.74 9.46
N THR A 340 -16.64 60.44 9.70
CA THR A 340 -16.73 59.84 11.03
C THR A 340 -15.70 58.72 11.12
N ILE A 341 -14.63 58.85 10.34
CA ILE A 341 -13.77 57.73 10.00
C ILE A 341 -12.61 57.57 10.97
N GLN A 342 -12.24 58.67 11.65
CA GLN A 342 -11.10 58.77 12.55
C GLN A 342 -9.82 58.32 11.83
N PHE A 343 -9.46 59.06 10.79
CA PHE A 343 -8.28 58.70 10.01
C PHE A 343 -7.03 59.22 10.68
N VAL A 344 -5.94 58.46 10.55
CA VAL A 344 -4.73 58.74 11.31
C VAL A 344 -3.98 59.93 10.72
N ASP A 345 -3.09 60.50 11.53
CA ASP A 345 -2.21 61.57 11.06
C ASP A 345 -0.90 61.05 10.51
N TRP A 346 -0.66 59.73 10.58
CA TRP A 346 0.59 59.18 10.07
C TRP A 346 0.66 59.26 8.54
N CYS A 347 -0.49 59.14 7.87
CA CYS A 347 -0.58 59.39 6.45
C CYS A 347 -1.52 60.57 6.28
N PRO A 348 -1.18 61.55 5.45
CA PRO A 348 -2.06 62.72 5.29
C PRO A 348 -3.38 62.42 4.60
N THR A 349 -3.34 61.93 3.36
CA THR A 349 -4.56 61.74 2.59
C THR A 349 -4.48 60.49 1.70
N GLY A 350 -3.91 59.42 2.21
CA GLY A 350 -3.61 58.31 1.32
C GLY A 350 -4.78 57.40 1.07
N PHE A 351 -5.47 57.63 -0.05
CA PHE A 351 -6.67 56.91 -0.47
C PHE A 351 -6.39 56.39 -1.87
N LYS A 352 -5.77 55.21 -1.96
CA LYS A 352 -5.29 54.73 -3.25
C LYS A 352 -6.45 54.16 -4.07
N VAL A 353 -6.43 54.42 -5.37
CA VAL A 353 -7.52 54.09 -6.28
C VAL A 353 -7.03 53.04 -7.28
N GLY A 354 -7.87 52.03 -7.53
CA GLY A 354 -7.66 51.10 -8.61
C GLY A 354 -8.90 51.02 -9.47
N ILE A 355 -8.75 51.15 -10.79
CA ILE A 355 -9.89 51.27 -11.71
C ILE A 355 -9.77 50.20 -12.78
N ASN A 356 -10.81 49.41 -12.96
CA ASN A 356 -10.92 48.53 -14.11
C ASN A 356 -12.01 49.06 -15.04
N TYR A 357 -11.69 49.13 -16.33
CA TYR A 357 -12.67 49.51 -17.32
C TYR A 357 -13.64 48.36 -17.59
N GLU A 358 -13.22 47.13 -17.31
CA GLU A 358 -14.01 45.97 -17.68
C GLU A 358 -15.18 45.79 -16.71
N PRO A 359 -16.37 45.41 -17.20
CA PRO A 359 -17.51 45.28 -16.31
C PRO A 359 -17.38 44.04 -15.45
N PRO A 360 -17.99 44.04 -14.27
CA PRO A 360 -17.98 42.83 -13.44
C PRO A 360 -18.87 41.74 -14.02
N THR A 361 -18.67 40.52 -13.53
CA THR A 361 -19.36 39.35 -14.06
C THR A 361 -20.43 38.87 -13.09
N VAL A 362 -21.41 38.15 -13.64
CA VAL A 362 -22.56 37.65 -12.89
C VAL A 362 -22.65 36.15 -13.12
N VAL A 363 -22.82 35.40 -12.03
CA VAL A 363 -22.88 33.94 -12.08
C VAL A 363 -24.19 33.54 -12.72
N PRO A 364 -24.20 32.66 -13.73
CA PRO A 364 -25.44 31.96 -14.07
C PRO A 364 -25.78 30.99 -12.96
N GLY A 365 -26.79 31.35 -12.17
CA GLY A 365 -27.10 30.66 -10.94
C GLY A 365 -26.79 31.46 -9.70
N GLY A 366 -26.13 32.61 -9.84
CA GLY A 366 -25.89 33.49 -8.70
C GLY A 366 -27.12 34.27 -8.29
N ASP A 367 -26.95 35.11 -7.26
CA ASP A 367 -28.07 35.82 -6.67
C ASP A 367 -27.87 37.33 -6.65
N LEU A 368 -26.83 37.84 -7.33
CA LEU A 368 -26.68 39.26 -7.55
C LEU A 368 -27.03 39.59 -8.99
N ALA A 369 -27.72 40.71 -9.18
CA ALA A 369 -28.13 41.10 -10.52
C ALA A 369 -26.98 41.74 -11.28
N LYS A 370 -27.21 42.01 -12.56
CA LYS A 370 -26.19 42.62 -13.40
C LYS A 370 -26.04 44.10 -13.07
N VAL A 371 -24.85 44.48 -12.64
CA VAL A 371 -24.55 45.86 -12.30
C VAL A 371 -23.60 46.43 -13.33
N GLN A 372 -23.56 47.76 -13.40
CA GLN A 372 -22.67 48.45 -14.33
C GLN A 372 -21.33 48.81 -13.70
N ARG A 373 -21.21 48.67 -12.38
CA ARG A 373 -19.96 48.99 -11.70
C ARG A 373 -19.88 48.19 -10.41
N ALA A 374 -18.65 47.86 -10.02
CA ALA A 374 -18.42 47.11 -8.79
C ALA A 374 -17.22 47.73 -8.06
N VAL A 375 -17.37 47.90 -6.75
CA VAL A 375 -16.41 48.62 -5.93
C VAL A 375 -15.92 47.74 -4.80
N CYS A 376 -14.65 47.37 -4.86
CA CYS A 376 -13.96 46.68 -3.78
C CYS A 376 -13.14 47.69 -2.99
N MET A 377 -13.27 47.63 -1.67
CA MET A 377 -12.53 48.55 -0.82
C MET A 377 -11.67 47.77 0.16
N LEU A 378 -10.37 48.07 0.15
CA LEU A 378 -9.42 47.50 1.08
C LEU A 378 -9.04 48.56 2.10
N SER A 379 -9.10 48.21 3.39
CA SER A 379 -8.84 49.20 4.43
C SER A 379 -8.06 48.57 5.58
N ASN A 380 -7.35 49.42 6.31
CA ASN A 380 -6.68 49.04 7.53
C ASN A 380 -7.31 49.79 8.69
N THR A 381 -7.74 49.07 9.72
CA THR A 381 -8.32 49.70 10.89
C THR A 381 -7.83 48.99 12.15
N THR A 382 -8.02 49.65 13.29
CA THR A 382 -7.55 49.13 14.56
C THR A 382 -8.59 48.34 15.32
N ALA A 383 -9.82 48.26 14.82
CA ALA A 383 -10.86 47.49 15.49
C ALA A 383 -10.77 46.00 15.19
N ILE A 384 -9.79 45.59 14.38
CA ILE A 384 -9.59 44.19 14.07
C ILE A 384 -9.14 43.42 15.31
N ALA A 385 -8.33 44.08 16.15
CA ALA A 385 -7.79 43.44 17.35
C ALA A 385 -8.86 43.16 18.39
N GLU A 386 -10.02 43.82 18.28
CA GLU A 386 -11.15 43.48 19.13
C GLU A 386 -11.68 42.09 18.79
N ALA A 387 -11.65 41.73 17.50
CA ALA A 387 -11.97 40.35 17.13
C ALA A 387 -10.88 39.40 17.59
N TRP A 388 -9.63 39.87 17.62
CA TRP A 388 -8.57 39.08 18.24
C TRP A 388 -8.73 39.06 19.75
N ALA A 389 -9.35 40.09 20.32
CA ALA A 389 -9.65 40.08 21.75
C ALA A 389 -10.76 39.09 22.07
N ARG A 390 -11.65 38.84 21.10
CA ARG A 390 -12.61 37.75 21.24
C ARG A 390 -11.90 36.41 21.28
N LEU A 391 -10.79 36.31 20.57
CA LEU A 391 -10.09 35.03 20.45
C LEU A 391 -9.32 34.71 21.72
N ASP A 392 -8.74 35.73 22.34
CA ASP A 392 -7.83 35.52 23.46
C ASP A 392 -8.57 35.11 24.73
N HIS A 393 -9.80 35.60 24.88
CA HIS A 393 -10.62 35.21 26.03
C HIS A 393 -11.04 33.75 25.92
N LYS A 394 -11.19 33.24 24.71
CA LYS A 394 -11.56 31.84 24.53
C LYS A 394 -10.43 30.92 24.92
N PHE A 395 -9.20 31.29 24.57
CA PHE A 395 -8.06 30.40 24.74
C PHE A 395 -7.62 30.35 26.20
N ASP A 396 -7.64 31.49 26.88
CA ASP A 396 -7.07 31.58 28.22
C ASP A 396 -7.91 30.83 29.24
N LEU A 397 -9.23 30.78 29.03
CA LEU A 397 -10.08 29.96 29.88
C LEU A 397 -9.80 28.49 29.66
N MET A 398 -9.56 28.10 28.41
CA MET A 398 -9.19 26.72 28.13
C MET A 398 -7.76 26.44 28.55
N TYR A 399 -6.92 27.47 28.58
CA TYR A 399 -5.55 27.29 29.05
C TYR A 399 -5.48 27.24 30.57
N ALA A 400 -6.43 27.89 31.25
CA ALA A 400 -6.45 27.82 32.70
C ALA A 400 -6.96 26.47 33.18
N LYS A 401 -8.04 25.99 32.56
CA LYS A 401 -8.56 24.67 32.87
C LYS A 401 -7.69 23.55 32.34
N ARG A 402 -6.83 23.86 31.37
CA ARG A 402 -5.99 22.89 30.63
C ARG A 402 -6.84 21.80 29.99
N ALA A 403 -8.02 22.17 29.51
CA ALA A 403 -8.82 21.26 28.72
C ALA A 403 -8.27 21.21 27.31
N PHE A 404 -8.44 20.05 26.66
CA PHE A 404 -8.00 19.72 25.30
C PHE A 404 -6.49 19.76 25.13
N VAL A 405 -5.70 19.85 26.20
CA VAL A 405 -4.26 19.97 26.05
C VAL A 405 -3.66 18.61 25.74
N HIS A 406 -4.39 17.54 26.03
CA HIS A 406 -3.88 16.19 25.80
C HIS A 406 -4.02 15.75 24.35
N TRP A 407 -4.36 16.65 23.43
CA TRP A 407 -4.32 16.30 22.03
C TRP A 407 -3.16 16.96 21.30
N TYR A 408 -2.54 17.96 21.91
CA TYR A 408 -1.29 18.51 21.40
C TYR A 408 -0.09 18.11 22.24
N VAL A 409 -0.31 17.88 23.54
CA VAL A 409 0.62 17.08 24.32
C VAL A 409 0.27 15.60 24.16
N GLY A 410 -0.75 15.32 23.32
CA GLY A 410 -0.85 14.02 22.69
C GLY A 410 -0.18 13.97 21.33
N GLU A 411 0.16 15.12 20.76
CA GLU A 411 0.79 15.19 19.44
C GLU A 411 2.00 16.12 19.38
N GLY A 412 2.77 16.23 20.46
CA GLY A 412 4.07 16.85 20.38
C GLY A 412 4.11 18.35 20.50
N MET A 413 3.38 18.94 21.44
CA MET A 413 3.49 20.37 21.70
C MET A 413 3.80 20.63 23.17
N GLU A 414 4.22 21.86 23.45
CA GLU A 414 4.65 22.26 24.79
C GLU A 414 3.68 23.29 25.35
N GLU A 415 3.52 23.27 26.68
CA GLU A 415 2.62 24.21 27.36
C GLU A 415 3.10 25.65 27.23
N GLY A 416 4.41 25.87 27.37
CA GLY A 416 4.96 27.21 27.26
C GLY A 416 4.89 27.78 25.86
N GLU A 417 4.86 26.92 24.84
CA GLU A 417 4.66 27.37 23.46
C GLU A 417 3.28 27.98 23.28
N PHE A 418 2.30 27.47 24.03
CA PHE A 418 0.94 27.98 23.93
C PHE A 418 0.85 29.38 24.52
N SER A 419 1.45 29.60 25.68
CA SER A 419 1.47 30.92 26.29
C SER A 419 2.38 31.87 25.52
N GLU A 420 3.44 31.35 24.89
CA GLU A 420 4.31 32.19 24.09
C GLU A 420 3.59 32.70 22.85
N ALA A 421 2.83 31.82 22.19
CA ALA A 421 2.00 32.25 21.08
C ALA A 421 0.86 33.13 21.55
N ARG A 422 0.43 32.95 22.80
CA ARG A 422 -0.52 33.89 23.40
C ARG A 422 0.14 35.24 23.62
N GLU A 423 1.42 35.24 24.04
CA GLU A 423 2.15 36.49 24.13
C GLU A 423 2.46 37.04 22.75
N ASP A 424 2.58 36.16 21.76
CA ASP A 424 2.62 36.63 20.37
C ASP A 424 1.27 37.19 19.97
N MET A 425 0.19 36.56 20.42
CA MET A 425 -1.14 37.11 20.23
C MET A 425 -1.32 38.40 21.03
N ALA A 426 -0.68 38.47 22.20
CA ALA A 426 -0.70 39.72 22.97
C ALA A 426 0.11 40.79 22.27
N ALA A 427 1.24 40.41 21.68
CA ALA A 427 2.06 41.37 20.95
C ALA A 427 1.36 41.84 19.68
N LEU A 428 0.52 40.98 19.11
CA LEU A 428 -0.35 41.40 18.01
C LEU A 428 -1.31 42.49 18.46
N GLU A 429 -1.86 42.35 19.67
CA GLU A 429 -2.71 43.40 20.21
C GLU A 429 -1.88 44.61 20.61
N LYS A 430 -0.59 44.40 20.92
CA LYS A 430 0.30 45.53 21.15
C LYS A 430 0.59 46.27 19.86
N ASP A 431 0.52 45.59 18.72
CA ASP A 431 0.85 46.23 17.44
C ASP A 431 -0.17 47.28 17.05
N TYR A 432 -1.45 46.92 17.07
CA TYR A 432 -2.47 47.88 16.67
C TYR A 432 -2.83 48.83 17.79
N GLU A 433 -2.37 48.53 19.01
CA GLU A 433 -2.41 49.52 20.07
C GLU A 433 -1.50 50.69 19.76
N GLU A 434 -0.27 50.41 19.30
CA GLU A 434 0.68 51.46 18.97
C GLU A 434 0.21 52.27 17.76
N VAL A 435 -0.55 51.62 16.87
CA VAL A 435 -1.20 52.37 15.79
C VAL A 435 -2.30 53.26 16.37
N GLY A 436 -3.12 52.72 17.26
CA GLY A 436 -4.24 53.45 17.81
C GLY A 436 -3.86 54.56 18.77
N VAL A 437 -2.83 54.33 19.58
CA VAL A 437 -2.44 55.33 20.57
C VAL A 437 -1.73 56.49 19.90
N ASP A 438 -0.64 56.22 19.19
CA ASP A 438 0.15 57.29 18.63
C ASP A 438 -0.43 57.75 17.31
N SER A 439 -0.37 59.07 17.10
CA SER A 439 -0.89 59.69 15.90
C SER A 439 0.07 60.79 15.45
N ARG B 2 -9.39 3.99 5.84
CA ARG B 2 -10.31 4.65 6.75
C ARG B 2 -11.46 3.71 7.10
N GLU B 3 -11.12 2.50 7.54
CA GLU B 3 -12.11 1.43 7.64
C GLU B 3 -12.40 1.05 9.07
N ILE B 4 -13.56 0.44 9.28
CA ILE B 4 -14.12 0.16 10.60
C ILE B 4 -14.36 -1.34 10.72
N VAL B 5 -13.96 -1.92 11.84
CA VAL B 5 -14.30 -3.29 12.20
C VAL B 5 -15.26 -3.24 13.38
N HIS B 6 -16.41 -3.90 13.25
CA HIS B 6 -17.44 -3.93 14.27
C HIS B 6 -17.45 -5.29 14.95
N ILE B 7 -16.68 -5.43 16.01
CA ILE B 7 -16.58 -6.67 16.75
C ILE B 7 -17.75 -6.75 17.73
N GLN B 8 -18.65 -7.69 17.50
CA GLN B 8 -19.87 -7.77 18.28
C GLN B 8 -19.75 -8.91 19.27
N ALA B 9 -20.21 -8.69 20.50
CA ALA B 9 -19.96 -9.64 21.58
C ALA B 9 -21.21 -9.89 22.40
N GLY B 10 -21.33 -11.12 22.90
CA GLY B 10 -22.38 -11.47 23.84
C GLY B 10 -23.69 -11.83 23.18
N GLN B 11 -24.65 -12.19 24.04
CA GLN B 11 -26.02 -12.37 23.56
C GLN B 11 -26.60 -11.06 23.07
N CYS B 12 -26.29 -9.98 23.78
CA CYS B 12 -26.82 -8.67 23.42
C CYS B 12 -26.18 -8.10 22.18
N GLY B 13 -24.87 -7.83 22.22
CA GLY B 13 -24.23 -7.01 21.19
C GLY B 13 -24.15 -7.69 19.84
N ASN B 14 -24.19 -9.02 19.83
CA ASN B 14 -24.39 -9.72 18.57
C ASN B 14 -25.78 -9.46 18.03
N GLN B 15 -26.79 -9.53 18.90
CA GLN B 15 -28.16 -9.28 18.47
C GLN B 15 -28.39 -7.80 18.22
N ILE B 16 -27.71 -6.93 18.98
CA ILE B 16 -27.77 -5.49 18.73
C ILE B 16 -27.18 -5.17 17.37
N GLY B 17 -26.00 -5.72 17.07
CA GLY B 17 -25.39 -5.47 15.79
C GLY B 17 -26.00 -6.26 14.66
N ALA B 18 -26.86 -7.25 14.99
CA ALA B 18 -27.62 -7.94 13.97
C ALA B 18 -28.59 -7.00 13.27
N LYS B 19 -29.18 -6.07 14.03
CA LYS B 19 -30.02 -5.05 13.42
C LYS B 19 -29.18 -4.00 12.70
N PHE B 20 -27.91 -3.87 13.08
CA PHE B 20 -27.08 -2.79 12.56
C PHE B 20 -26.75 -2.98 11.09
N TRP B 21 -26.14 -4.10 10.75
CA TRP B 21 -25.77 -4.34 9.37
C TRP B 21 -27.00 -4.66 8.52
N GLU B 22 -28.07 -5.08 9.18
CA GLU B 22 -29.39 -5.11 8.57
C GLU B 22 -29.79 -3.73 8.04
N VAL B 23 -29.48 -2.67 8.80
CA VAL B 23 -29.70 -1.31 8.30
C VAL B 23 -28.71 -0.99 7.20
N ILE B 24 -27.43 -1.38 7.40
CA ILE B 24 -26.34 -0.94 6.54
C ILE B 24 -26.47 -1.51 5.12
N SER B 25 -26.86 -2.78 5.01
CA SER B 25 -27.14 -3.35 3.70
C SER B 25 -28.37 -2.71 3.08
N ASP B 26 -29.35 -2.36 3.90
CA ASP B 26 -30.51 -1.65 3.41
C ASP B 26 -30.18 -0.18 3.17
N GLU B 27 -29.15 0.33 3.85
CA GLU B 27 -28.69 1.70 3.63
C GLU B 27 -28.14 1.87 2.22
N HIS B 28 -27.53 0.82 1.69
CA HIS B 28 -26.85 0.90 0.41
C HIS B 28 -27.48 0.02 -0.65
N GLY B 29 -28.62 -0.61 -0.36
CA GLY B 29 -29.36 -1.36 -1.36
C GLY B 29 -28.66 -2.61 -1.84
N ILE B 30 -28.31 -3.50 -0.91
CA ILE B 30 -27.45 -4.65 -1.21
C ILE B 30 -28.24 -5.91 -0.93
N ASP B 31 -28.08 -6.91 -1.82
CA ASP B 31 -28.71 -8.21 -1.68
C ASP B 31 -28.25 -8.88 -0.39
N PRO B 32 -29.11 -9.74 0.23
CA PRO B 32 -28.67 -10.52 1.41
C PRO B 32 -27.48 -11.45 1.19
N THR B 33 -27.15 -11.75 -0.07
CA THR B 33 -25.94 -12.51 -0.39
C THR B 33 -24.73 -11.61 -0.62
N GLY B 34 -24.92 -10.28 -0.66
CA GLY B 34 -23.84 -9.34 -0.80
C GLY B 34 -23.74 -8.68 -2.16
N SER B 35 -24.76 -8.80 -2.99
CA SER B 35 -24.75 -8.19 -4.31
C SER B 35 -25.35 -6.79 -4.25
N TYR B 36 -24.65 -5.84 -4.85
CA TYR B 36 -25.08 -4.45 -4.88
C TYR B 36 -26.23 -4.29 -5.87
N HIS B 37 -27.29 -3.62 -5.43
CA HIS B 37 -28.43 -3.33 -6.30
C HIS B 37 -28.90 -1.90 -6.14
N GLY B 38 -28.13 -1.05 -5.48
CA GLY B 38 -28.47 0.36 -5.37
C GLY B 38 -28.20 1.10 -6.66
N ASP B 39 -28.52 2.39 -6.68
CA ASP B 39 -28.33 3.19 -7.88
C ASP B 39 -27.48 4.44 -7.66
N SER B 40 -26.83 4.58 -6.50
CA SER B 40 -26.07 5.77 -6.18
C SER B 40 -24.59 5.45 -6.09
N ASP B 41 -23.77 6.41 -6.53
CA ASP B 41 -22.33 6.30 -6.34
C ASP B 41 -21.94 6.55 -4.89
N LEU B 42 -22.80 7.25 -4.16
CA LEU B 42 -22.63 7.39 -2.72
C LEU B 42 -22.76 6.04 -2.03
N GLN B 43 -23.65 5.19 -2.53
CA GLN B 43 -23.78 3.82 -2.04
C GLN B 43 -22.74 2.91 -2.67
N LEU B 44 -21.91 3.43 -3.57
CA LEU B 44 -20.96 2.62 -4.32
C LEU B 44 -19.52 2.95 -3.98
N GLU B 45 -19.23 4.22 -3.67
CA GLU B 45 -17.84 4.61 -3.46
C GLU B 45 -17.34 4.22 -2.07
N ARG B 46 -18.14 4.49 -1.03
CA ARG B 46 -17.72 4.32 0.35
C ARG B 46 -18.08 2.95 0.91
N ILE B 47 -18.12 1.94 0.04
CA ILE B 47 -18.34 0.57 0.49
C ILE B 47 -17.15 0.08 1.31
N ASN B 48 -15.96 0.58 0.97
CA ASN B 48 -14.67 0.15 1.49
C ASN B 48 -14.55 0.25 3.01
N VAL B 49 -15.16 1.29 3.58
CA VAL B 49 -15.11 1.52 5.02
C VAL B 49 -15.80 0.39 5.77
N TYR B 50 -16.87 -0.17 5.19
CA TYR B 50 -17.64 -1.21 5.85
C TYR B 50 -17.46 -2.60 5.27
N TYR B 51 -17.38 -2.74 3.95
CA TYR B 51 -17.48 -4.06 3.35
C TYR B 51 -16.20 -4.42 2.61
N ASN B 52 -15.95 -5.73 2.52
CA ASN B 52 -14.87 -6.27 1.72
C ASN B 52 -15.46 -6.86 0.45
N GLU B 53 -15.10 -6.31 -0.71
CA GLU B 53 -15.65 -6.77 -1.98
C GLU B 53 -14.94 -8.06 -2.41
N ALA B 54 -15.73 -9.10 -2.63
CA ALA B 54 -15.25 -10.35 -3.20
C ALA B 54 -15.48 -10.35 -4.71
N ALA B 55 -15.06 -11.44 -5.35
CA ALA B 55 -15.21 -11.56 -6.79
C ALA B 55 -16.68 -11.76 -7.15
N GLY B 56 -17.13 -11.04 -8.18
CA GLY B 56 -18.50 -11.15 -8.63
C GLY B 56 -19.51 -10.36 -7.83
N ASN B 57 -19.11 -9.18 -7.33
CA ASN B 57 -19.96 -8.27 -6.55
C ASN B 57 -20.52 -8.96 -5.31
N LYS B 58 -19.62 -9.34 -4.41
CA LYS B 58 -20.01 -9.89 -3.12
C LYS B 58 -19.28 -9.13 -2.02
N TYR B 59 -20.03 -8.64 -1.05
CA TYR B 59 -19.51 -7.70 -0.06
C TYR B 59 -19.46 -8.39 1.30
N VAL B 60 -18.26 -8.50 1.86
CA VAL B 60 -18.05 -9.18 3.14
C VAL B 60 -18.16 -8.14 4.24
N PRO B 61 -19.11 -8.27 5.16
CA PRO B 61 -19.20 -7.33 6.27
C PRO B 61 -18.01 -7.46 7.21
N ARG B 62 -17.24 -6.37 7.31
CA ARG B 62 -16.02 -6.33 8.11
C ARG B 62 -16.45 -6.17 9.57
N ALA B 63 -16.91 -7.26 10.14
CA ALA B 63 -17.53 -7.26 11.45
C ALA B 63 -17.45 -8.67 12.02
N ILE B 64 -17.14 -8.76 13.30
CA ILE B 64 -16.80 -10.04 13.92
C ILE B 64 -17.82 -10.36 15.00
N LEU B 65 -18.39 -11.57 14.92
CA LEU B 65 -19.38 -12.05 15.87
C LEU B 65 -18.67 -12.91 16.91
N VAL B 66 -18.68 -12.46 18.16
CA VAL B 66 -17.91 -13.09 19.24
C VAL B 66 -18.89 -13.59 20.29
N ASP B 67 -18.81 -14.88 20.60
CA ASP B 67 -19.56 -15.47 21.70
C ASP B 67 -18.88 -16.77 22.08
N LEU B 68 -19.12 -17.23 23.30
CA LEU B 68 -18.76 -18.56 23.73
C LEU B 68 -19.90 -19.56 23.51
N GLU B 69 -20.95 -19.16 22.81
CA GLU B 69 -22.08 -20.01 22.47
C GLU B 69 -22.50 -19.74 21.04
N PRO B 70 -22.75 -20.79 20.25
CA PRO B 70 -23.11 -20.58 18.84
C PRO B 70 -24.52 -20.06 18.64
N GLY B 71 -25.44 -20.35 19.58
CA GLY B 71 -26.88 -20.16 19.42
C GLY B 71 -27.36 -18.81 18.98
N THR B 72 -26.71 -17.75 19.46
CA THR B 72 -27.01 -16.40 18.98
C THR B 72 -26.59 -16.25 17.53
N MET B 73 -25.37 -16.67 17.21
CA MET B 73 -24.89 -16.62 15.84
C MET B 73 -25.61 -17.63 14.95
N ASP B 74 -26.13 -18.71 15.55
CA ASP B 74 -26.93 -19.67 14.79
C ASP B 74 -28.21 -19.03 14.29
N SER B 75 -28.89 -18.28 15.16
CA SER B 75 -30.12 -17.59 14.79
C SER B 75 -29.86 -16.50 13.76
N VAL B 76 -28.69 -15.87 13.83
CA VAL B 76 -28.25 -14.97 12.76
C VAL B 76 -28.06 -15.75 11.47
N ARG B 77 -27.39 -16.91 11.56
CA ARG B 77 -27.11 -17.70 10.38
C ARG B 77 -28.36 -18.36 9.83
N SER B 78 -29.20 -18.91 10.72
CA SER B 78 -30.43 -19.55 10.26
C SER B 78 -31.44 -18.52 9.79
N GLY B 79 -31.39 -17.30 10.34
CA GLY B 79 -32.23 -16.24 9.89
C GLY B 79 -31.66 -15.56 8.66
N PRO B 80 -32.36 -14.55 8.15
CA PRO B 80 -31.82 -13.78 7.02
C PRO B 80 -30.63 -12.93 7.46
N PHE B 81 -29.88 -12.45 6.47
CA PHE B 81 -28.70 -11.59 6.57
C PHE B 81 -27.51 -12.23 7.29
N GLY B 82 -27.60 -13.49 7.70
CA GLY B 82 -26.40 -14.22 8.07
C GLY B 82 -25.73 -14.83 6.87
N GLN B 83 -26.42 -14.83 5.72
CA GLN B 83 -25.88 -15.37 4.49
C GLN B 83 -24.82 -14.47 3.88
N ILE B 84 -24.82 -13.18 4.21
CA ILE B 84 -23.73 -12.30 3.82
C ILE B 84 -22.51 -12.52 4.69
N PHE B 85 -22.67 -13.14 5.86
CA PHE B 85 -21.59 -13.34 6.81
C PHE B 85 -20.80 -14.59 6.44
N ARG B 86 -19.49 -14.51 6.64
CA ARG B 86 -18.65 -15.68 6.38
C ARG B 86 -18.47 -16.48 7.66
N PRO B 87 -18.17 -17.78 7.54
CA PRO B 87 -17.91 -18.59 8.75
C PRO B 87 -16.64 -18.21 9.49
N ASP B 88 -15.75 -17.44 8.86
CA ASP B 88 -14.61 -16.88 9.58
C ASP B 88 -15.05 -15.87 10.62
N ASN B 89 -16.20 -15.21 10.42
CA ASN B 89 -16.81 -14.40 11.45
C ASN B 89 -17.52 -15.22 12.51
N PHE B 90 -17.73 -16.51 12.24
CA PHE B 90 -18.48 -17.41 13.11
C PHE B 90 -17.48 -18.15 13.98
N VAL B 91 -17.01 -17.50 15.03
CA VAL B 91 -16.02 -18.06 15.94
C VAL B 91 -16.67 -18.21 17.31
N PHE B 92 -16.63 -19.43 17.85
CA PHE B 92 -17.19 -19.68 19.17
C PHE B 92 -16.46 -20.85 19.82
N GLY B 93 -16.66 -20.97 21.12
CA GLY B 93 -16.26 -22.14 21.86
C GLY B 93 -17.45 -22.82 22.51
N GLN B 94 -17.14 -23.68 23.49
CA GLN B 94 -18.18 -24.39 24.24
C GLN B 94 -17.58 -24.87 25.56
N SER B 95 -18.20 -24.54 26.70
CA SER B 95 -19.47 -23.81 26.75
C SER B 95 -19.32 -22.33 27.05
N GLY B 96 -20.47 -21.68 27.27
CA GLY B 96 -20.47 -20.27 27.61
C GLY B 96 -20.01 -20.00 29.01
N ALA B 97 -19.67 -18.74 29.25
CA ALA B 97 -19.27 -18.31 30.60
C ALA B 97 -20.47 -18.20 31.51
N GLY B 98 -21.66 -18.04 30.94
CA GLY B 98 -22.87 -17.89 31.72
C GLY B 98 -22.92 -16.55 32.43
N ASN B 99 -22.70 -15.48 31.67
CA ASN B 99 -22.68 -14.10 32.13
C ASN B 99 -21.65 -13.85 33.23
N ASN B 100 -20.55 -14.59 33.23
CA ASN B 100 -19.56 -14.54 34.29
C ASN B 100 -18.33 -13.80 33.78
N TRP B 101 -17.90 -12.78 34.52
CA TRP B 101 -16.75 -11.98 34.10
C TRP B 101 -15.46 -12.76 34.28
N ALA B 102 -15.28 -13.37 35.45
CA ALA B 102 -14.03 -14.05 35.75
C ALA B 102 -13.89 -15.34 34.94
N LYS B 103 -15.01 -15.93 34.55
CA LYS B 103 -14.94 -17.00 33.56
C LYS B 103 -14.61 -16.46 32.18
N GLY B 104 -15.24 -15.35 31.78
CA GLY B 104 -15.02 -14.83 30.44
C GLY B 104 -13.69 -14.11 30.31
N HIS B 105 -13.46 -13.11 31.16
CA HIS B 105 -12.28 -12.27 31.00
C HIS B 105 -11.00 -12.99 31.41
N TYR B 106 -11.09 -13.90 32.36
CA TYR B 106 -9.86 -14.36 32.98
C TYR B 106 -9.52 -15.81 32.64
N THR B 107 -10.47 -16.75 32.73
CA THR B 107 -10.15 -18.16 32.57
C THR B 107 -10.56 -18.67 31.21
N GLU B 108 -11.85 -18.65 30.86
CA GLU B 108 -12.29 -19.47 29.74
C GLU B 108 -12.18 -18.74 28.41
N GLY B 109 -12.64 -17.50 28.37
CA GLY B 109 -12.68 -16.75 27.13
C GLY B 109 -11.33 -16.35 26.57
N ALA B 110 -10.28 -16.40 27.39
CA ALA B 110 -8.95 -16.00 26.95
C ALA B 110 -8.40 -16.90 25.86
N GLU B 111 -8.81 -18.17 25.85
CA GLU B 111 -8.34 -19.09 24.84
C GLU B 111 -8.99 -18.82 23.49
N LEU B 112 -10.27 -18.44 23.50
CA LEU B 112 -10.97 -18.20 22.25
C LEU B 112 -10.57 -16.86 21.64
N VAL B 113 -10.30 -15.86 22.47
CA VAL B 113 -9.89 -14.53 22.02
C VAL B 113 -8.58 -14.60 21.24
N ASP B 114 -7.69 -15.51 21.65
CA ASP B 114 -6.45 -15.75 20.92
C ASP B 114 -6.71 -16.27 19.51
N SER B 115 -7.79 -17.03 19.33
CA SER B 115 -8.22 -17.38 17.99
C SER B 115 -8.95 -16.23 17.33
N VAL B 116 -9.64 -15.40 18.11
CA VAL B 116 -10.39 -14.28 17.54
C VAL B 116 -9.43 -13.19 17.06
N LEU B 117 -8.43 -12.87 17.89
CA LEU B 117 -7.46 -11.83 17.54
C LEU B 117 -6.60 -12.22 16.35
N ASP B 118 -6.46 -13.52 16.09
CA ASP B 118 -5.82 -13.95 14.86
C ASP B 118 -6.69 -13.61 13.66
N VAL B 119 -8.00 -13.79 13.79
CA VAL B 119 -8.92 -13.42 12.72
C VAL B 119 -8.97 -11.90 12.56
N VAL B 120 -8.75 -11.18 13.67
CA VAL B 120 -8.54 -9.73 13.59
C VAL B 120 -7.30 -9.43 12.77
N ARG B 121 -6.23 -10.19 13.01
CA ARG B 121 -5.01 -10.04 12.22
C ARG B 121 -5.23 -10.52 10.79
N LYS B 122 -6.15 -11.47 10.59
CA LYS B 122 -6.51 -11.87 9.24
C LYS B 122 -7.20 -10.75 8.49
N GLU B 123 -8.07 -10.01 9.18
CA GLU B 123 -8.82 -8.97 8.48
C GLU B 123 -8.01 -7.69 8.36
N SER B 124 -7.22 -7.37 9.39
CA SER B 124 -6.48 -6.10 9.39
C SER B 124 -5.38 -6.10 8.33
N GLU B 125 -4.81 -7.25 8.01
CA GLU B 125 -3.86 -7.31 6.91
C GLU B 125 -4.58 -7.15 5.57
N SER B 126 -5.83 -7.63 5.48
CA SER B 126 -6.63 -7.34 4.31
C SER B 126 -7.08 -5.89 4.28
N CYS B 127 -7.08 -5.21 5.43
CA CYS B 127 -7.41 -3.80 5.46
C CYS B 127 -6.22 -2.98 4.96
N ASP B 128 -6.51 -2.04 4.05
CA ASP B 128 -5.52 -1.13 3.53
C ASP B 128 -5.22 0.01 4.50
N CYS B 129 -6.28 0.67 4.98
CA CYS B 129 -6.12 1.82 5.86
C CYS B 129 -7.19 1.74 6.94
N LEU B 130 -6.76 1.46 8.17
CA LEU B 130 -7.68 1.41 9.29
C LEU B 130 -7.90 2.81 9.86
N GLN B 131 -9.12 3.05 10.36
CA GLN B 131 -9.41 4.28 11.07
C GLN B 131 -9.72 4.01 12.53
N GLY B 132 -10.39 2.89 12.82
CA GLY B 132 -10.70 2.54 14.19
C GLY B 132 -11.51 1.27 14.25
N PHE B 133 -11.62 0.73 15.46
CA PHE B 133 -12.36 -0.51 15.68
C PHE B 133 -13.57 -0.25 16.56
N GLN B 134 -14.70 -0.83 16.16
CA GLN B 134 -15.99 -0.66 16.82
C GLN B 134 -16.31 -1.93 17.60
N LEU B 135 -16.85 -1.76 18.80
CA LEU B 135 -17.34 -2.89 19.58
C LEU B 135 -18.75 -2.60 20.06
N THR B 136 -19.47 -3.66 20.45
CA THR B 136 -20.84 -3.57 20.91
C THR B 136 -21.12 -4.72 21.87
N HIS B 137 -21.56 -4.37 23.09
CA HIS B 137 -21.91 -5.36 24.12
C HIS B 137 -22.77 -4.65 25.16
N SER B 138 -22.91 -5.30 26.30
CA SER B 138 -23.51 -4.68 27.49
C SER B 138 -22.47 -4.64 28.59
N LEU B 139 -22.75 -3.86 29.64
CA LEU B 139 -21.85 -3.81 30.77
C LEU B 139 -21.99 -5.07 31.64
N GLY B 140 -23.18 -5.65 31.68
CA GLY B 140 -23.40 -6.84 32.47
C GLY B 140 -23.26 -8.12 31.67
N GLY B 141 -22.66 -8.02 30.49
CA GLY B 141 -22.42 -9.18 29.64
C GLY B 141 -21.13 -9.87 30.02
N GLY B 142 -21.24 -11.14 30.39
CA GLY B 142 -20.06 -11.90 30.74
C GLY B 142 -19.18 -12.17 29.53
N THR B 143 -19.73 -12.84 28.52
CA THR B 143 -19.03 -12.98 27.25
C THR B 143 -19.04 -11.70 26.45
N GLY B 144 -19.98 -10.80 26.73
CA GLY B 144 -20.03 -9.55 26.01
C GLY B 144 -18.95 -8.58 26.44
N SER B 145 -18.90 -8.27 27.74
CA SER B 145 -17.94 -7.28 28.20
C SER B 145 -16.61 -7.90 28.61
N GLY B 146 -16.66 -9.01 29.36
CA GLY B 146 -15.47 -9.65 29.90
C GLY B 146 -14.48 -10.09 28.83
N MET B 147 -14.99 -10.73 27.78
CA MET B 147 -14.16 -11.02 26.62
C MET B 147 -13.73 -9.73 25.94
N GLY B 148 -14.63 -8.75 25.87
CA GLY B 148 -14.30 -7.49 25.23
C GLY B 148 -13.28 -6.67 25.99
N THR B 149 -13.31 -6.77 27.33
CA THR B 149 -12.27 -6.13 28.13
C THR B 149 -10.91 -6.75 27.87
N LEU B 150 -10.87 -8.04 27.53
CA LEU B 150 -9.60 -8.64 27.15
C LEU B 150 -9.29 -8.35 25.68
N LEU B 151 -10.33 -8.11 24.89
CA LEU B 151 -10.12 -7.70 23.50
C LEU B 151 -9.46 -6.34 23.42
N ILE B 152 -10.07 -5.33 24.05
CA ILE B 152 -9.62 -3.95 23.90
C ILE B 152 -8.26 -3.76 24.56
N SER B 153 -7.99 -4.53 25.63
CA SER B 153 -6.69 -4.47 26.29
C SER B 153 -5.58 -4.99 25.38
N LYS B 154 -5.88 -5.97 24.54
CA LYS B 154 -4.88 -6.47 23.62
C LYS B 154 -4.84 -5.68 22.32
N ILE B 155 -5.99 -5.17 21.89
CA ILE B 155 -6.03 -4.37 20.67
C ILE B 155 -5.33 -3.02 20.88
N ARG B 156 -5.50 -2.43 22.07
CA ARG B 156 -4.75 -1.22 22.41
C ARG B 156 -3.25 -1.52 22.51
N GLU B 157 -2.91 -2.72 22.97
CA GLU B 157 -1.53 -3.17 22.91
C GLU B 157 -1.09 -3.34 21.47
N GLU B 158 -2.00 -3.79 20.61
CA GLU B 158 -1.68 -3.89 19.19
C GLU B 158 -1.72 -2.53 18.51
N TYR B 159 -2.85 -1.83 18.61
CA TYR B 159 -3.11 -0.64 17.81
C TYR B 159 -3.40 0.53 18.75
N PRO B 160 -2.35 1.23 19.21
CA PRO B 160 -2.59 2.39 20.07
C PRO B 160 -3.14 3.59 19.33
N ASP B 161 -3.12 3.57 18.00
CA ASP B 161 -3.35 4.74 17.17
C ASP B 161 -4.79 4.86 16.66
N ARG B 162 -5.55 3.77 16.64
CA ARG B 162 -6.86 3.80 16.01
C ARG B 162 -7.95 4.25 16.98
N ILE B 163 -9.11 4.54 16.41
CA ILE B 163 -10.27 4.97 17.19
C ILE B 163 -10.83 3.78 17.96
N MET B 164 -10.78 3.85 19.28
CA MET B 164 -11.26 2.76 20.12
C MET B 164 -12.58 3.15 20.74
N ASN B 165 -13.67 2.68 20.15
CA ASN B 165 -14.99 2.87 20.72
C ASN B 165 -15.70 1.53 20.87
N THR B 166 -16.42 1.41 21.98
CA THR B 166 -17.33 0.30 22.20
C THR B 166 -18.70 0.90 22.49
N PHE B 167 -19.74 0.12 22.22
CA PHE B 167 -21.09 0.54 22.49
C PHE B 167 -21.68 -0.39 23.56
N SER B 168 -21.63 0.07 24.81
CA SER B 168 -21.99 -0.76 25.95
C SER B 168 -23.34 -0.33 26.51
N VAL B 169 -24.08 -1.31 27.01
CA VAL B 169 -25.40 -1.08 27.57
C VAL B 169 -25.29 -0.94 29.09
N VAL B 170 -25.70 0.20 29.61
CA VAL B 170 -25.73 0.45 31.04
C VAL B 170 -26.87 -0.39 31.64
N PRO B 171 -26.63 -1.14 32.72
CA PRO B 171 -27.71 -1.93 33.32
C PRO B 171 -28.80 -1.07 33.93
N SER B 172 -30.04 -1.39 33.58
CA SER B 172 -31.28 -0.75 34.02
C SER B 172 -31.63 -1.20 35.43
N PRO B 173 -32.04 -0.27 36.29
CA PRO B 173 -32.61 -0.66 37.59
C PRO B 173 -33.90 -1.46 37.48
N LYS B 174 -34.67 -1.30 36.41
CA LYS B 174 -35.86 -2.09 36.21
C LYS B 174 -35.59 -3.43 35.52
N VAL B 175 -34.49 -3.55 34.78
CA VAL B 175 -34.22 -4.77 34.03
C VAL B 175 -33.09 -5.53 34.69
N SER B 176 -33.42 -6.64 35.33
CA SER B 176 -32.42 -7.48 36.00
C SER B 176 -32.71 -8.94 35.73
N ASP B 177 -31.63 -9.69 35.48
CA ASP B 177 -31.72 -11.14 35.34
C ASP B 177 -30.81 -11.83 36.35
N THR B 178 -29.63 -11.28 36.61
CA THR B 178 -28.74 -11.77 37.65
C THR B 178 -28.46 -10.67 38.66
N VAL B 179 -27.92 -11.09 39.81
CA VAL B 179 -27.68 -10.17 40.91
C VAL B 179 -26.25 -9.64 40.82
N VAL B 180 -25.36 -10.37 40.15
CA VAL B 180 -23.95 -10.01 40.05
C VAL B 180 -23.70 -9.21 38.78
N GLU B 181 -24.77 -8.69 38.19
CA GLU B 181 -24.62 -7.75 37.09
C GLU B 181 -23.89 -6.46 37.46
N PRO B 182 -24.07 -5.82 38.63
CA PRO B 182 -23.19 -4.69 38.96
C PRO B 182 -21.77 -5.08 39.30
N TYR B 183 -21.49 -6.35 39.60
CA TYR B 183 -20.10 -6.80 39.68
C TYR B 183 -19.43 -6.68 38.32
N ASN B 184 -20.16 -7.05 37.26
CA ASN B 184 -19.55 -7.14 35.94
C ASN B 184 -19.37 -5.75 35.33
N ALA B 185 -20.29 -4.83 35.63
CA ALA B 185 -20.18 -3.48 35.11
C ALA B 185 -19.04 -2.73 35.79
N THR B 186 -18.80 -3.01 37.07
CA THR B 186 -17.70 -2.36 37.79
C THR B 186 -16.35 -2.84 37.26
N LEU B 187 -16.23 -4.14 37.00
CA LEU B 187 -14.98 -4.69 36.51
C LEU B 187 -14.75 -4.31 35.05
N SER B 188 -15.81 -3.97 34.33
CA SER B 188 -15.66 -3.46 32.97
C SER B 188 -15.04 -2.08 32.96
N VAL B 189 -15.68 -1.12 33.65
CA VAL B 189 -15.29 0.28 33.60
C VAL B 189 -13.91 0.48 34.22
N HIS B 190 -13.53 -0.40 35.14
CA HIS B 190 -12.18 -0.43 35.69
C HIS B 190 -11.13 -0.68 34.60
N GLN B 191 -11.51 -1.38 33.54
CA GLN B 191 -10.59 -1.54 32.42
C GLN B 191 -11.01 -0.73 31.20
N LEU B 192 -12.30 -0.42 31.06
CA LEU B 192 -12.76 0.28 29.88
C LEU B 192 -12.30 1.73 29.85
N VAL B 193 -12.12 2.32 31.03
CA VAL B 193 -11.56 3.67 31.09
C VAL B 193 -10.11 3.67 30.62
N GLU B 194 -9.35 2.66 31.05
CA GLU B 194 -7.93 2.65 30.76
C GLU B 194 -7.63 2.20 29.33
N ASN B 195 -8.59 1.56 28.66
CA ASN B 195 -8.31 0.91 27.40
C ASN B 195 -9.05 1.52 26.21
N THR B 196 -10.16 2.19 26.43
CA THR B 196 -10.94 2.74 25.33
C THR B 196 -10.67 4.22 25.18
N ASP B 197 -11.01 4.74 24.00
CA ASP B 197 -10.92 6.16 23.72
C ASP B 197 -12.23 6.89 23.98
N GLU B 198 -13.35 6.21 23.79
CA GLU B 198 -14.69 6.76 23.98
C GLU B 198 -15.67 5.61 24.01
N THR B 199 -16.90 5.88 24.47
CA THR B 199 -17.99 4.93 24.41
C THR B 199 -19.32 5.66 24.57
N TYR B 200 -20.40 4.92 24.36
CA TYR B 200 -21.75 5.43 24.55
C TYR B 200 -22.35 4.77 25.79
N CYS B 201 -23.38 5.39 26.33
CA CYS B 201 -24.13 4.84 27.45
C CYS B 201 -25.54 4.52 26.98
N ILE B 202 -25.93 3.26 27.12
CA ILE B 202 -27.18 2.74 26.58
C ILE B 202 -28.01 2.18 27.72
N ASP B 203 -29.24 2.68 27.88
CA ASP B 203 -30.15 2.18 28.90
C ASP B 203 -31.46 1.79 28.20
N ASN B 204 -31.79 0.50 28.26
CA ASN B 204 -33.00 -0.06 27.64
C ASN B 204 -34.23 0.49 28.33
N GLU B 205 -34.12 0.76 29.63
CA GLU B 205 -35.20 1.41 30.38
C GLU B 205 -35.47 2.80 29.84
N ALA B 206 -34.42 3.54 29.47
CA ALA B 206 -34.63 4.81 28.77
C ALA B 206 -35.18 4.59 27.39
N LEU B 207 -34.77 3.50 26.72
CA LEU B 207 -35.27 3.20 25.39
C LEU B 207 -36.70 2.69 25.45
N TYR B 208 -37.12 2.17 26.61
CA TYR B 208 -38.52 1.83 26.82
C TYR B 208 -39.40 3.08 26.77
N ASP B 209 -38.94 4.18 27.36
CA ASP B 209 -39.74 5.40 27.38
C ASP B 209 -39.82 6.03 26.00
N ILE B 210 -38.75 5.90 25.20
CA ILE B 210 -38.72 6.54 23.90
C ILE B 210 -39.72 5.86 22.96
N CYS B 211 -39.81 4.54 23.03
CA CYS B 211 -40.76 3.81 22.20
C CYS B 211 -42.19 4.05 22.67
N PHE B 212 -42.37 4.25 23.97
CA PHE B 212 -43.71 4.26 24.54
C PHE B 212 -44.25 5.67 24.74
N ARG B 213 -43.46 6.56 25.33
CA ARG B 213 -43.95 7.91 25.57
C ARG B 213 -43.87 8.77 24.31
N THR B 214 -42.79 8.63 23.54
CA THR B 214 -42.60 9.49 22.39
C THR B 214 -43.01 8.83 21.08
N LEU B 215 -42.74 7.54 20.91
CA LEU B 215 -43.09 6.85 19.67
C LEU B 215 -44.40 6.09 19.77
N LYS B 216 -44.94 5.92 20.98
CA LYS B 216 -46.24 5.29 21.25
C LYS B 216 -46.29 3.85 20.76
N LEU B 217 -45.17 3.14 20.91
CA LEU B 217 -45.11 1.75 20.50
C LEU B 217 -45.57 0.85 21.63
N THR B 218 -46.28 -0.22 21.26
CA THR B 218 -46.93 -1.07 22.24
C THR B 218 -46.05 -2.20 22.72
N THR B 219 -45.43 -2.95 21.80
CA THR B 219 -44.64 -4.13 22.16
C THR B 219 -43.21 -3.95 21.69
N PRO B 220 -42.35 -3.34 22.52
CA PRO B 220 -40.94 -3.21 22.14
C PRO B 220 -40.20 -4.54 22.30
N THR B 221 -39.74 -5.10 21.19
CA THR B 221 -38.87 -6.26 21.24
C THR B 221 -37.43 -5.79 21.26
N TYR B 222 -36.51 -6.75 21.43
CA TYR B 222 -35.09 -6.45 21.42
C TYR B 222 -34.65 -5.87 20.09
N GLY B 223 -35.12 -6.44 18.97
CA GLY B 223 -34.80 -5.88 17.67
C GLY B 223 -35.43 -4.51 17.46
N ASP B 224 -36.64 -4.30 17.97
CA ASP B 224 -37.29 -3.01 17.84
C ASP B 224 -36.60 -1.95 18.69
N LEU B 225 -36.10 -2.34 19.87
CA LEU B 225 -35.26 -1.44 20.65
C LEU B 225 -33.96 -1.16 19.92
N ASN B 226 -33.33 -2.18 19.36
CA ASN B 226 -32.04 -1.99 18.70
C ASN B 226 -32.18 -1.33 17.34
N HIS B 227 -33.36 -1.40 16.73
CA HIS B 227 -33.61 -0.65 15.50
C HIS B 227 -33.58 0.85 15.78
N LEU B 228 -34.04 1.25 16.97
CA LEU B 228 -33.82 2.60 17.45
C LEU B 228 -32.33 2.87 17.69
N VAL B 229 -31.61 1.86 18.16
CA VAL B 229 -30.19 2.03 18.46
C VAL B 229 -29.38 2.10 17.17
N SER B 230 -29.66 1.18 16.24
CA SER B 230 -28.84 1.07 15.03
C SER B 230 -29.01 2.26 14.11
N ALA B 231 -30.17 2.92 14.15
CA ALA B 231 -30.33 4.17 13.41
C ALA B 231 -29.45 5.25 14.00
N THR B 232 -29.32 5.27 15.32
CA THR B 232 -28.38 6.19 15.96
C THR B 232 -26.95 5.75 15.78
N MET B 233 -26.71 4.44 15.69
CA MET B 233 -25.37 3.94 15.38
C MET B 233 -24.96 4.34 13.97
N SER B 234 -25.86 4.13 12.99
CA SER B 234 -25.53 4.43 11.61
C SER B 234 -25.52 5.93 11.34
N GLY B 235 -26.19 6.71 12.19
CA GLY B 235 -26.20 8.15 11.98
C GLY B 235 -24.86 8.80 12.29
N VAL B 236 -24.05 8.14 13.10
CA VAL B 236 -22.77 8.72 13.50
C VAL B 236 -21.74 8.57 12.39
N THR B 237 -21.45 7.33 12.00
CA THR B 237 -20.26 7.01 11.23
C THR B 237 -20.45 7.15 9.73
N THR B 238 -21.68 7.10 9.23
CA THR B 238 -21.89 7.32 7.80
C THR B 238 -21.65 8.77 7.40
N CYS B 239 -21.76 9.70 8.34
CA CYS B 239 -21.37 11.09 8.11
C CYS B 239 -19.89 11.23 7.85
N LEU B 240 -19.06 10.40 8.49
CA LEU B 240 -17.66 10.29 8.11
C LEU B 240 -17.53 9.72 6.71
N ARG B 241 -18.44 8.83 6.33
CA ARG B 241 -18.37 8.15 5.04
C ARG B 241 -18.98 9.00 3.94
N PHE B 242 -20.23 9.38 4.11
CA PHE B 242 -20.92 10.17 3.11
C PHE B 242 -20.46 11.63 3.17
N PRO B 243 -20.48 12.33 2.04
CA PRO B 243 -20.00 13.71 2.02
C PRO B 243 -20.90 14.68 2.79
N GLY B 244 -20.33 15.82 3.13
CA GLY B 244 -21.04 16.87 3.82
C GLY B 244 -20.25 18.15 3.79
N GLN B 245 -20.88 19.23 4.24
CA GLN B 245 -20.16 20.48 4.41
C GLN B 245 -19.26 20.46 5.64
N LEU B 246 -19.78 19.98 6.76
CA LEU B 246 -18.98 19.80 7.97
C LEU B 246 -18.60 18.32 8.02
N ASN B 247 -17.63 17.93 7.20
CA ASN B 247 -17.10 16.58 7.23
C ASN B 247 -16.27 16.42 8.49
N ALA B 248 -16.92 15.94 9.55
CA ALA B 248 -16.30 15.83 10.87
C ALA B 248 -15.95 14.36 11.07
N ASP B 249 -14.65 14.10 11.22
CA ASP B 249 -14.19 12.78 11.61
C ASP B 249 -14.67 12.48 13.03
N LEU B 250 -14.82 11.18 13.31
CA LEU B 250 -15.03 10.75 14.68
C LEU B 250 -13.79 11.03 15.52
N ARG B 251 -12.62 11.01 14.88
CA ARG B 251 -11.40 11.38 15.59
C ARG B 251 -11.30 12.89 15.76
N LYS B 252 -11.87 13.66 14.81
CA LYS B 252 -12.11 15.08 15.07
C LYS B 252 -13.10 15.25 16.21
N LEU B 253 -14.10 14.38 16.27
CA LEU B 253 -15.10 14.45 17.32
C LEU B 253 -14.49 14.10 18.66
N ALA B 254 -13.62 13.09 18.68
CA ALA B 254 -13.01 12.63 19.92
C ALA B 254 -12.05 13.68 20.50
N VAL B 255 -11.47 14.52 19.65
CA VAL B 255 -10.73 15.66 20.18
C VAL B 255 -11.69 16.69 20.76
N ASN B 256 -12.76 17.00 20.02
CA ASN B 256 -13.65 18.10 20.40
C ASN B 256 -14.60 17.75 21.52
N MET B 257 -14.79 16.47 21.83
CA MET B 257 -15.73 16.11 22.88
C MET B 257 -15.08 15.79 24.21
N VAL B 258 -13.77 15.56 24.22
CA VAL B 258 -13.08 14.98 25.37
C VAL B 258 -12.11 16.01 25.92
N PRO B 259 -12.44 16.69 27.03
CA PRO B 259 -11.49 17.63 27.63
C PRO B 259 -10.51 16.98 28.59
N PHE B 260 -10.85 15.82 29.15
CA PHE B 260 -9.97 15.10 30.05
C PHE B 260 -9.97 13.66 29.55
N PRO B 261 -8.79 13.02 29.42
CA PRO B 261 -8.70 11.73 28.71
C PRO B 261 -9.46 10.58 29.33
N ARG B 262 -9.88 10.72 30.58
CA ARG B 262 -10.73 9.73 31.23
C ARG B 262 -12.21 10.07 31.12
N LEU B 263 -12.55 11.31 30.76
CA LEU B 263 -13.93 11.78 30.70
C LEU B 263 -14.37 11.71 29.25
N HIS B 264 -14.80 10.53 28.82
CA HIS B 264 -15.10 10.26 27.42
C HIS B 264 -16.37 9.46 27.27
N PHE B 265 -17.39 9.79 28.04
CA PHE B 265 -18.65 9.06 28.04
C PHE B 265 -19.73 9.93 27.42
N PHE B 266 -20.52 9.36 26.51
CA PHE B 266 -21.38 10.13 25.64
C PHE B 266 -22.85 9.81 25.85
N MET B 267 -23.69 10.83 25.69
CA MET B 267 -25.13 10.70 25.81
C MET B 267 -25.77 10.82 24.43
N PRO B 268 -26.14 9.70 23.81
CA PRO B 268 -26.70 9.75 22.46
C PRO B 268 -28.15 10.22 22.44
N GLY B 269 -28.54 10.75 21.30
CA GLY B 269 -29.92 11.19 21.10
C GLY B 269 -30.23 11.26 19.62
N PHE B 270 -31.50 11.11 19.29
CA PHE B 270 -31.95 11.12 17.91
C PHE B 270 -33.08 12.12 17.75
N ALA B 271 -32.89 13.08 16.84
CA ALA B 271 -33.86 14.16 16.81
C ALA B 271 -35.17 13.82 16.09
N PRO B 272 -35.21 13.27 14.82
CA PRO B 272 -36.54 13.07 14.24
C PRO B 272 -37.26 11.84 14.79
N LEU B 273 -37.72 11.96 16.02
CA LEU B 273 -38.55 10.95 16.65
C LEU B 273 -39.99 11.43 16.71
N THR B 274 -40.89 10.75 15.99
CA THR B 274 -42.30 11.09 16.05
C THR B 274 -43.13 9.85 15.76
N SER B 275 -44.37 9.87 16.21
CA SER B 275 -45.25 8.74 15.99
C SER B 275 -45.85 8.79 14.59
N ARG B 276 -46.68 7.79 14.28
CA ARG B 276 -47.25 7.69 12.94
C ARG B 276 -48.42 8.64 12.75
N GLY B 277 -49.14 8.97 13.83
CA GLY B 277 -50.24 9.91 13.71
C GLY B 277 -49.77 11.34 13.58
N SER B 278 -48.63 11.67 14.18
CA SER B 278 -48.12 13.04 14.11
C SER B 278 -47.37 13.29 12.80
N GLN B 279 -47.27 12.28 11.94
CA GLN B 279 -46.75 12.48 10.59
C GLN B 279 -47.62 13.45 9.81
N GLN B 280 -48.93 13.40 10.02
CA GLN B 280 -49.85 14.35 9.44
C GLN B 280 -50.05 15.58 10.30
N TYR B 281 -49.41 15.65 11.45
CA TYR B 281 -49.55 16.78 12.37
C TYR B 281 -48.30 17.63 12.51
N ARG B 282 -47.16 17.20 11.99
CA ARG B 282 -45.90 17.89 12.24
C ARG B 282 -45.16 18.15 10.93
N ALA B 283 -44.64 19.37 10.80
CA ALA B 283 -43.72 19.67 9.72
C ALA B 283 -42.29 19.41 10.15
N LEU B 284 -41.41 19.22 9.17
CA LEU B 284 -40.02 18.87 9.41
C LEU B 284 -39.16 20.11 9.25
N THR B 285 -38.74 20.70 10.37
CA THR B 285 -37.80 21.80 10.36
C THR B 285 -36.64 21.48 11.30
N VAL B 286 -35.56 22.23 11.11
CA VAL B 286 -34.39 22.16 11.99
C VAL B 286 -34.71 22.64 13.40
N PRO B 287 -35.46 23.75 13.65
CA PRO B 287 -35.82 24.04 15.06
C PRO B 287 -36.75 23.01 15.69
N GLU B 288 -37.50 22.26 14.89
CA GLU B 288 -38.23 21.12 15.41
C GLU B 288 -37.27 20.04 15.91
N LEU B 289 -36.17 19.87 15.17
CA LEU B 289 -35.20 18.84 15.53
C LEU B 289 -34.40 19.21 16.77
N THR B 290 -33.90 20.45 16.81
CA THR B 290 -33.05 20.91 17.91
C THR B 290 -33.84 21.01 19.21
N GLN B 291 -35.13 21.31 19.12
CA GLN B 291 -36.01 21.17 20.28
C GLN B 291 -36.05 19.74 20.77
N GLN B 292 -36.13 18.79 19.84
CA GLN B 292 -36.14 17.39 20.20
C GLN B 292 -34.72 16.86 20.43
N MET B 293 -33.71 17.66 20.09
CA MET B 293 -32.36 17.36 20.55
C MET B 293 -32.20 17.68 22.03
N PHE B 294 -32.80 18.78 22.48
CA PHE B 294 -32.60 19.22 23.85
C PHE B 294 -33.50 18.44 24.81
N ASP B 295 -34.48 17.71 24.28
CA ASP B 295 -35.49 17.00 25.08
C ASP B 295 -34.84 15.94 25.94
N ALA B 296 -35.18 15.96 27.24
CA ALA B 296 -34.74 14.92 28.16
C ALA B 296 -35.38 13.58 27.82
N LYS B 297 -36.56 13.61 27.19
CA LYS B 297 -37.28 12.39 26.85
C LYS B 297 -36.82 11.75 25.56
N ASN B 298 -35.83 12.33 24.88
CA ASN B 298 -35.24 11.71 23.70
C ASN B 298 -33.84 11.17 23.96
N MET B 299 -33.41 11.12 25.22
CA MET B 299 -32.09 10.62 25.54
C MET B 299 -32.12 9.10 25.69
N MET B 300 -31.13 8.44 25.12
CA MET B 300 -31.07 6.99 25.12
C MET B 300 -30.57 6.43 26.45
N ALA B 301 -30.07 7.28 27.33
CA ALA B 301 -29.67 6.89 28.67
C ALA B 301 -30.52 7.66 29.67
N ALA B 302 -30.93 6.97 30.73
CA ALA B 302 -31.80 7.56 31.75
C ALA B 302 -30.97 8.45 32.68
N CYS B 303 -30.65 9.64 32.18
CA CYS B 303 -29.97 10.66 32.95
C CYS B 303 -30.65 11.99 32.68
N ASP B 304 -30.66 12.86 33.68
CA ASP B 304 -31.32 14.15 33.57
C ASP B 304 -30.35 15.17 33.00
N PRO B 305 -30.54 15.66 31.77
CA PRO B 305 -29.64 16.67 31.23
C PRO B 305 -29.81 18.04 31.87
N ARG B 306 -30.96 18.31 32.49
CA ARG B 306 -31.19 19.56 33.19
C ARG B 306 -30.61 19.58 34.59
N HIS B 307 -30.36 18.40 35.18
CA HIS B 307 -29.74 18.32 36.49
C HIS B 307 -28.23 18.57 36.43
N GLY B 308 -27.50 17.80 35.64
CA GLY B 308 -26.11 18.03 35.39
C GLY B 308 -25.90 19.18 34.41
N ARG B 309 -24.63 19.37 34.04
CA ARG B 309 -24.25 20.44 33.14
C ARG B 309 -23.51 19.86 31.95
N TYR B 310 -23.79 20.41 30.77
CA TYR B 310 -23.25 19.87 29.52
C TYR B 310 -21.76 20.12 29.42
N LEU B 311 -20.99 19.04 29.35
CA LEU B 311 -19.56 19.16 29.11
C LEU B 311 -19.30 19.53 27.65
N THR B 312 -19.66 18.64 26.73
CA THR B 312 -19.54 18.87 25.29
C THR B 312 -20.76 18.31 24.60
N VAL B 313 -21.11 18.91 23.46
CA VAL B 313 -22.29 18.54 22.68
C VAL B 313 -21.89 18.36 21.23
N ALA B 314 -22.24 17.21 20.64
CA ALA B 314 -22.06 16.98 19.22
C ALA B 314 -23.41 17.05 18.50
N ALA B 315 -23.45 17.83 17.43
CA ALA B 315 -24.67 18.04 16.66
C ALA B 315 -24.51 17.37 15.29
N VAL B 316 -24.85 16.09 15.22
CA VAL B 316 -24.78 15.35 13.97
C VAL B 316 -26.03 15.62 13.16
N PHE B 317 -25.86 16.13 11.94
CA PHE B 317 -26.96 16.58 11.11
C PHE B 317 -26.99 15.82 9.79
N ARG B 318 -28.19 15.59 9.27
CA ARG B 318 -28.40 14.87 8.02
C ARG B 318 -29.37 15.65 7.14
N GLY B 319 -28.96 15.95 5.93
CA GLY B 319 -29.85 16.52 4.93
C GLY B 319 -29.28 17.76 4.28
N ARG B 320 -30.10 18.35 3.41
CA ARG B 320 -29.76 19.55 2.67
C ARG B 320 -30.25 20.76 3.47
N MET B 321 -29.51 21.08 4.53
CA MET B 321 -29.87 22.17 5.41
C MET B 321 -29.06 23.41 5.06
N SER B 322 -29.66 24.57 5.28
CA SER B 322 -28.92 25.81 5.15
C SER B 322 -28.21 26.11 6.47
N MET B 323 -26.96 26.59 6.35
CA MET B 323 -26.10 26.79 7.51
C MET B 323 -26.62 27.89 8.43
N LYS B 324 -27.28 28.89 7.86
CA LYS B 324 -27.89 29.95 8.65
C LYS B 324 -29.01 29.40 9.53
N GLU B 325 -29.80 28.47 8.98
CA GLU B 325 -30.78 27.75 9.80
C GLU B 325 -30.07 26.86 10.82
N VAL B 326 -28.91 26.34 10.45
CA VAL B 326 -28.16 25.48 11.37
C VAL B 326 -27.52 26.31 12.47
N ASP B 327 -26.76 27.34 12.10
CA ASP B 327 -25.89 28.03 13.05
C ASP B 327 -26.68 28.88 14.04
N GLU B 328 -27.71 29.56 13.56
CA GLU B 328 -28.48 30.44 14.44
C GLU B 328 -29.31 29.65 15.42
N GLN B 329 -29.93 28.56 14.96
CA GLN B 329 -30.71 27.71 15.86
C GLN B 329 -29.82 26.98 16.86
N MET B 330 -28.59 26.65 16.44
CA MET B 330 -27.60 26.16 17.40
C MET B 330 -27.26 27.24 18.42
N LEU B 331 -27.19 28.48 17.98
CA LEU B 331 -26.89 29.57 18.91
C LEU B 331 -28.09 29.87 19.80
N ASN B 332 -29.31 29.66 19.27
CA ASN B 332 -30.51 29.94 20.04
C ASN B 332 -30.66 29.00 21.21
N VAL B 333 -30.22 27.75 21.05
CA VAL B 333 -30.19 26.81 22.17
C VAL B 333 -29.12 27.24 23.16
N GLN B 334 -27.98 27.71 22.65
CA GLN B 334 -26.93 28.22 23.53
C GLN B 334 -27.36 29.52 24.20
N ASN B 335 -28.22 30.30 23.54
CA ASN B 335 -28.77 31.48 24.20
C ASN B 335 -29.83 31.10 25.21
N LYS B 336 -30.42 29.91 25.06
CA LYS B 336 -31.54 29.52 25.91
C LYS B 336 -31.06 28.91 27.22
N ASN B 337 -30.14 27.95 27.14
CA ASN B 337 -29.78 27.12 28.29
C ASN B 337 -28.26 27.17 28.50
N SER B 338 -27.72 28.39 28.52
CA SER B 338 -26.32 28.60 28.85
C SER B 338 -26.01 28.20 30.29
N SER B 339 -27.00 28.22 31.17
CA SER B 339 -26.82 27.75 32.54
C SER B 339 -26.58 26.24 32.60
N TYR B 340 -26.99 25.50 31.58
CA TYR B 340 -26.78 24.06 31.53
C TYR B 340 -25.44 23.67 30.93
N PHE B 341 -24.54 24.63 30.78
CA PHE B 341 -23.26 24.44 30.12
C PHE B 341 -22.14 24.57 31.15
N VAL B 342 -20.93 24.18 30.75
CA VAL B 342 -19.77 24.54 31.54
C VAL B 342 -19.41 25.99 31.24
N GLU B 343 -18.73 26.64 32.19
CA GLU B 343 -18.51 28.07 32.07
C GLU B 343 -17.36 28.39 31.14
N TRP B 344 -16.30 27.59 31.20
CA TRP B 344 -15.01 27.93 30.61
C TRP B 344 -14.91 27.65 29.12
N ILE B 345 -16.01 27.31 28.46
CA ILE B 345 -16.02 27.08 27.02
C ILE B 345 -17.12 27.93 26.41
N PRO B 346 -16.81 28.79 25.45
CA PRO B 346 -17.87 29.60 24.82
C PRO B 346 -18.79 28.82 23.92
N ASN B 347 -18.28 27.82 23.21
CA ASN B 347 -19.12 27.01 22.32
C ASN B 347 -18.98 25.56 22.77
N ASN B 348 -19.92 25.11 23.59
CA ASN B 348 -19.98 23.72 24.03
C ASN B 348 -20.67 22.80 23.04
N VAL B 349 -21.01 23.29 21.86
CA VAL B 349 -21.70 22.50 20.85
C VAL B 349 -20.83 22.43 19.61
N LYS B 350 -20.50 21.21 19.19
CA LYS B 350 -19.86 20.98 17.90
C LYS B 350 -20.93 20.61 16.89
N THR B 351 -20.93 21.32 15.76
CA THR B 351 -21.86 21.03 14.69
C THR B 351 -21.22 20.12 13.66
N ALA B 352 -22.01 19.16 13.18
CA ALA B 352 -21.53 18.17 12.21
C ALA B 352 -22.67 17.95 11.20
N VAL B 353 -22.49 18.51 10.01
CA VAL B 353 -23.52 18.51 8.97
C VAL B 353 -23.11 17.54 7.87
N CYS B 354 -23.94 16.54 7.63
CA CYS B 354 -23.84 15.70 6.45
C CYS B 354 -24.84 16.19 5.43
N ASP B 355 -24.37 16.44 4.20
CA ASP B 355 -25.26 16.90 3.15
C ASP B 355 -26.14 15.78 2.63
N ILE B 356 -25.71 14.54 2.82
CA ILE B 356 -26.40 13.40 2.22
C ILE B 356 -27.56 12.99 3.13
N PRO B 357 -28.79 13.03 2.65
CA PRO B 357 -29.94 12.71 3.51
C PRO B 357 -30.15 11.22 3.62
N PRO B 358 -30.75 10.75 4.71
CA PRO B 358 -31.17 9.35 4.77
C PRO B 358 -32.42 9.13 3.95
N ARG B 359 -32.73 7.85 3.73
CA ARG B 359 -33.89 7.49 2.94
C ARG B 359 -35.18 7.76 3.72
N GLY B 360 -36.26 8.02 2.99
CA GLY B 360 -37.53 8.30 3.61
C GLY B 360 -37.67 9.73 4.07
N LEU B 361 -36.99 10.07 5.16
CA LEU B 361 -37.06 11.42 5.70
C LEU B 361 -36.10 12.35 4.96
N LYS B 362 -36.57 13.56 4.69
CA LYS B 362 -35.77 14.52 3.95
C LYS B 362 -34.64 15.09 4.80
N MET B 363 -34.87 15.23 6.11
CA MET B 363 -33.85 15.68 7.03
C MET B 363 -33.84 14.79 8.26
N SER B 364 -32.68 14.70 8.89
CA SER B 364 -32.53 13.96 10.14
C SER B 364 -31.42 14.58 10.95
N ALA B 365 -31.34 14.20 12.21
CA ALA B 365 -30.30 14.69 13.09
C ALA B 365 -30.05 13.67 14.20
N THR B 366 -28.91 13.82 14.85
CA THR B 366 -28.48 12.92 15.90
C THR B 366 -27.76 13.69 16.99
N PHE B 367 -28.29 13.62 18.20
CA PHE B 367 -27.69 14.28 19.35
C PHE B 367 -26.65 13.36 19.98
N ILE B 368 -25.48 13.92 20.26
CA ILE B 368 -24.50 13.29 21.13
C ILE B 368 -24.05 14.32 22.14
N GLY B 369 -24.29 14.05 23.42
CA GLY B 369 -23.98 14.99 24.47
C GLY B 369 -23.03 14.38 25.49
N ASN B 370 -22.40 15.26 26.25
CA ASN B 370 -21.56 14.87 27.38
C ASN B 370 -21.98 15.74 28.56
N SER B 371 -22.39 15.11 29.65
CA SER B 371 -22.81 15.82 30.84
C SER B 371 -22.21 15.17 32.07
N THR B 372 -22.32 15.87 33.20
CA THR B 372 -21.85 15.31 34.45
C THR B 372 -22.91 14.45 35.13
N ALA B 373 -24.10 14.34 34.54
CA ALA B 373 -25.17 13.59 35.19
C ALA B 373 -25.14 12.12 34.80
N ILE B 374 -24.11 11.68 34.08
CA ILE B 374 -23.96 10.27 33.74
C ILE B 374 -23.58 9.47 34.98
N GLN B 375 -23.01 10.14 35.98
CA GLN B 375 -22.65 9.50 37.25
C GLN B 375 -23.85 9.03 38.04
N GLU B 376 -25.06 9.49 37.70
CA GLU B 376 -26.27 9.04 38.37
C GLU B 376 -26.50 7.55 38.16
N LEU B 377 -26.28 7.05 36.95
CA LEU B 377 -26.32 5.61 36.72
C LEU B 377 -25.11 4.93 37.34
N PHE B 378 -24.00 5.67 37.51
CA PHE B 378 -22.81 5.07 38.10
C PHE B 378 -22.97 4.93 39.60
N LYS B 379 -23.77 5.80 40.22
CA LYS B 379 -24.07 5.66 41.63
C LYS B 379 -25.06 4.52 41.86
N ARG B 380 -25.84 4.17 40.85
CA ARG B 380 -26.63 2.94 40.90
C ARG B 380 -25.71 1.73 40.94
N ILE B 381 -24.58 1.81 40.25
CA ILE B 381 -23.63 0.71 40.20
C ILE B 381 -22.86 0.62 41.52
N SER B 382 -22.40 1.78 42.01
CA SER B 382 -21.50 1.80 43.15
C SER B 382 -22.20 1.40 44.44
N GLU B 383 -23.38 1.96 44.70
CA GLU B 383 -24.08 1.72 45.96
C GLU B 383 -24.59 0.29 46.03
N GLN B 384 -25.03 -0.26 44.89
CA GLN B 384 -25.38 -1.68 44.85
C GLN B 384 -24.15 -2.55 45.01
N PHE B 385 -22.98 -2.07 44.60
CA PHE B 385 -21.76 -2.83 44.80
C PHE B 385 -21.34 -2.83 46.27
N THR B 386 -21.62 -1.74 46.98
CA THR B 386 -21.21 -1.62 48.38
C THR B 386 -21.93 -2.62 49.27
N ALA B 387 -23.23 -2.82 49.07
CA ALA B 387 -23.97 -3.79 49.87
C ALA B 387 -23.54 -5.21 49.53
N MET B 388 -23.30 -5.47 48.24
CA MET B 388 -22.94 -6.83 47.83
C MET B 388 -21.50 -7.16 48.21
N PHE B 389 -20.66 -6.13 48.38
CA PHE B 389 -19.28 -6.38 48.80
C PHE B 389 -19.22 -6.74 50.28
N ARG B 390 -20.23 -6.32 51.05
CA ARG B 390 -20.26 -6.66 52.46
C ARG B 390 -20.61 -8.13 52.68
N ARG B 391 -21.73 -8.57 52.10
CA ARG B 391 -22.26 -9.91 52.35
C ARG B 391 -21.63 -10.95 51.44
N LYS B 392 -21.11 -10.54 50.28
CA LYS B 392 -20.37 -11.36 49.33
C LYS B 392 -21.20 -12.54 48.85
N ALA B 393 -22.47 -12.28 48.57
CA ALA B 393 -23.39 -13.34 48.15
C ALA B 393 -23.07 -13.76 46.72
N PHE B 394 -22.97 -15.09 46.52
CA PHE B 394 -22.57 -15.74 45.27
C PHE B 394 -21.21 -15.27 44.77
N LEU B 395 -20.35 -14.80 45.68
CA LEU B 395 -19.01 -14.39 45.27
C LEU B 395 -18.10 -15.60 45.13
N HIS B 396 -18.51 -16.73 45.70
CA HIS B 396 -17.77 -17.98 45.57
C HIS B 396 -17.74 -18.50 44.14
N TRP B 397 -18.69 -18.06 43.30
CA TRP B 397 -18.58 -18.29 41.86
C TRP B 397 -17.33 -17.63 41.30
N TYR B 398 -17.08 -16.37 41.68
CA TYR B 398 -15.89 -15.67 41.22
C TYR B 398 -14.67 -15.92 42.11
N THR B 399 -14.90 -16.36 43.35
CA THR B 399 -13.76 -16.61 44.24
C THR B 399 -13.01 -17.87 43.81
N GLY B 400 -13.75 -18.89 43.39
CA GLY B 400 -13.11 -20.11 42.91
C GLY B 400 -12.41 -19.92 41.56
N GLU B 401 -12.77 -18.86 40.84
CA GLU B 401 -12.04 -18.51 39.63
C GLU B 401 -10.67 -17.95 39.95
N GLY B 402 -10.47 -17.42 41.15
CA GLY B 402 -9.18 -16.96 41.58
C GLY B 402 -9.03 -15.46 41.54
N MET B 403 -10.07 -14.73 41.94
CA MET B 403 -10.04 -13.28 41.95
C MET B 403 -9.92 -12.76 43.37
N ASP B 404 -9.38 -11.55 43.51
CA ASP B 404 -9.13 -10.96 44.81
C ASP B 404 -10.12 -9.85 45.10
N GLU B 405 -10.42 -9.65 46.39
CA GLU B 405 -11.42 -8.66 46.79
C GLU B 405 -10.87 -7.24 46.74
N MET B 406 -9.57 -7.07 46.99
CA MET B 406 -8.99 -5.73 46.89
C MET B 406 -8.87 -5.28 45.44
N GLU B 407 -8.81 -6.24 44.52
CA GLU B 407 -8.97 -5.92 43.10
C GLU B 407 -10.35 -5.36 42.83
N PHE B 408 -11.36 -5.89 43.52
CA PHE B 408 -12.72 -5.39 43.37
C PHE B 408 -12.88 -4.05 44.06
N THR B 409 -12.15 -3.85 45.16
CA THR B 409 -12.16 -2.56 45.85
C THR B 409 -11.45 -1.51 45.03
N GLU B 410 -10.37 -1.90 44.35
CA GLU B 410 -9.67 -0.99 43.44
C GLU B 410 -10.55 -0.64 42.24
N ALA B 411 -11.34 -1.61 41.79
CA ALA B 411 -12.33 -1.34 40.75
C ALA B 411 -13.41 -0.41 41.27
N GLU B 412 -13.78 -0.57 42.55
CA GLU B 412 -14.67 0.40 43.19
C GLU B 412 -13.97 1.74 43.35
N SER B 413 -12.66 1.70 43.64
CA SER B 413 -11.88 2.92 43.81
C SER B 413 -11.78 3.70 42.50
N ASN B 414 -11.71 2.98 41.38
CA ASN B 414 -11.78 3.65 40.09
C ASN B 414 -13.16 4.23 39.85
N MET B 415 -14.20 3.53 40.30
CA MET B 415 -15.55 4.10 40.27
C MET B 415 -15.67 5.24 41.27
N ASN B 416 -14.95 5.14 42.39
CA ASN B 416 -14.87 6.26 43.32
C ASN B 416 -14.13 7.43 42.71
N ASP B 417 -13.15 7.14 41.84
CA ASP B 417 -12.48 8.20 41.09
C ASP B 417 -13.42 8.80 40.05
N LEU B 418 -14.18 7.95 39.36
CA LEU B 418 -14.95 8.36 38.18
C LEU B 418 -16.08 9.31 38.55
N VAL B 419 -16.79 9.02 39.64
CA VAL B 419 -17.87 9.90 40.09
C VAL B 419 -17.30 11.22 40.58
N SER B 420 -16.13 11.18 41.23
CA SER B 420 -15.49 12.40 41.70
C SER B 420 -15.02 13.26 40.54
N GLU B 421 -14.66 12.64 39.40
CA GLU B 421 -14.15 13.40 38.27
C GLU B 421 -15.26 14.19 37.58
N TYR B 422 -16.49 13.68 37.59
CA TYR B 422 -17.61 14.46 37.07
C TYR B 422 -17.94 15.63 37.98
N GLN B 423 -17.71 15.49 39.28
CA GLN B 423 -18.00 16.58 40.21
C GLN B 423 -16.95 17.68 40.11
N GLN B 424 -15.78 17.35 39.55
CA GLN B 424 -14.76 18.36 39.27
C GLN B 424 -15.24 19.38 38.24
N TYR B 425 -15.88 18.91 37.19
CA TYR B 425 -16.35 19.78 36.12
C TYR B 425 -17.84 20.09 36.21
N GLN B 426 -18.56 19.47 37.15
CA GLN B 426 -19.93 19.91 37.40
C GLN B 426 -19.94 21.30 38.00
N ASP B 427 -19.28 21.47 39.14
CA ASP B 427 -19.08 22.80 39.70
C ASP B 427 -17.59 23.00 39.97
N ARG C 2 26.42 -0.59 -43.81
CA ARG C 2 25.26 0.14 -43.34
C ARG C 2 24.23 -0.76 -42.65
N GLU C 3 24.70 -1.87 -42.07
CA GLU C 3 23.82 -2.84 -41.45
C GLU C 3 24.39 -3.34 -40.13
N CYS C 4 23.49 -3.81 -39.27
CA CYS C 4 23.86 -4.42 -38.00
C CYS C 4 22.78 -5.40 -37.59
N ILE C 5 23.11 -6.24 -36.60
CA ILE C 5 22.28 -7.38 -36.23
C ILE C 5 21.97 -7.32 -34.73
N SER C 6 20.69 -7.45 -34.39
CA SER C 6 20.26 -7.54 -33.01
C SER C 6 20.41 -8.97 -32.53
N ILE C 7 20.84 -9.15 -31.27
CA ILE C 7 21.09 -10.46 -30.70
C ILE C 7 20.26 -10.60 -29.42
N HIS C 8 19.54 -11.71 -29.30
CA HIS C 8 18.63 -11.96 -28.19
C HIS C 8 19.01 -13.28 -27.55
N VAL C 9 19.71 -13.21 -26.41
CA VAL C 9 20.21 -14.40 -25.73
C VAL C 9 19.44 -14.57 -24.44
N GLY C 10 18.90 -15.76 -24.24
CA GLY C 10 18.25 -16.11 -22.99
C GLY C 10 16.73 -16.02 -23.07
N GLN C 11 16.10 -16.36 -21.95
CA GLN C 11 14.65 -16.26 -21.86
C GLN C 11 14.21 -14.80 -21.90
N ALA C 12 15.00 -13.91 -21.30
CA ALA C 12 14.62 -12.51 -21.23
C ALA C 12 14.75 -11.81 -22.57
N GLY C 13 15.89 -11.97 -23.24
CA GLY C 13 16.21 -11.15 -24.40
C GLY C 13 15.37 -11.48 -25.62
N VAL C 14 14.93 -12.73 -25.72
CA VAL C 14 14.02 -13.11 -26.80
C VAL C 14 12.65 -12.51 -26.55
N GLN C 15 12.22 -12.47 -25.29
CA GLN C 15 10.96 -11.80 -24.94
C GLN C 15 11.06 -10.30 -25.17
N ILE C 16 12.24 -9.72 -24.99
CA ILE C 16 12.48 -8.35 -25.42
C ILE C 16 12.40 -8.27 -26.95
N GLY C 17 12.96 -9.27 -27.63
CA GLY C 17 12.94 -9.27 -29.09
C GLY C 17 11.56 -9.52 -29.66
N ASN C 18 10.65 -10.06 -28.84
CA ASN C 18 9.25 -10.11 -29.24
C ASN C 18 8.68 -8.71 -29.34
N ALA C 19 9.16 -7.80 -28.49
CA ALA C 19 8.71 -6.41 -28.57
C ALA C 19 9.51 -5.63 -29.59
N CYS C 20 10.79 -5.95 -29.77
CA CYS C 20 11.68 -5.13 -30.59
C CYS C 20 11.32 -5.20 -32.06
N TRP C 21 11.23 -6.40 -32.62
CA TRP C 21 10.94 -6.51 -34.04
C TRP C 21 9.48 -6.26 -34.34
N GLU C 22 8.62 -6.37 -33.33
CA GLU C 22 7.27 -5.82 -33.43
C GLU C 22 7.31 -4.31 -33.60
N LEU C 23 8.15 -3.65 -32.81
CA LEU C 23 8.36 -2.21 -32.97
C LEU C 23 9.13 -1.92 -34.25
N TYR C 24 9.90 -2.89 -34.74
CA TYR C 24 10.62 -2.65 -35.98
C TYR C 24 9.69 -2.79 -37.17
N CYS C 25 8.63 -3.58 -37.04
CA CYS C 25 7.56 -3.55 -38.04
C CYS C 25 6.80 -2.23 -37.98
N LEU C 26 6.77 -1.61 -36.81
CA LEU C 26 6.06 -0.34 -36.65
C LEU C 26 6.86 0.80 -37.27
N GLU C 27 8.15 0.57 -37.57
CA GLU C 27 8.99 1.61 -38.13
C GLU C 27 8.55 2.00 -39.54
N HIS C 28 8.00 1.05 -40.29
CA HIS C 28 7.60 1.31 -41.66
C HIS C 28 6.23 0.74 -42.01
N GLY C 29 5.49 0.21 -41.04
CA GLY C 29 4.23 -0.42 -41.33
C GLY C 29 4.43 -1.74 -42.05
N ILE C 30 5.25 -2.60 -41.46
CA ILE C 30 5.75 -3.77 -42.15
C ILE C 30 4.82 -4.95 -41.86
N GLN C 31 4.37 -5.59 -42.93
CA GLN C 31 3.41 -6.68 -42.84
C GLN C 31 4.13 -7.94 -42.34
N PRO C 32 3.39 -8.91 -41.79
CA PRO C 32 4.04 -10.12 -41.26
C PRO C 32 4.65 -11.05 -42.30
N ASP C 33 4.56 -10.75 -43.60
CA ASP C 33 5.24 -11.55 -44.60
C ASP C 33 6.53 -10.91 -45.10
N GLY C 34 6.64 -9.58 -45.00
CA GLY C 34 7.77 -8.84 -45.53
C GLY C 34 7.38 -7.71 -46.44
N GLN C 35 6.09 -7.40 -46.56
CA GLN C 35 5.64 -6.34 -47.44
C GLN C 35 5.73 -5.00 -46.77
N MET C 36 6.45 -4.07 -47.39
CA MET C 36 6.61 -2.71 -46.92
C MET C 36 6.95 -1.79 -48.09
N PRO C 37 6.26 -0.66 -48.21
CA PRO C 37 6.66 0.31 -49.25
C PRO C 37 7.86 1.14 -48.85
N SER C 38 9.01 0.87 -49.48
CA SER C 38 10.31 1.54 -49.23
C SER C 38 10.75 1.48 -47.77
N PHE C 49 15.23 1.52 -47.08
CA PHE C 49 15.56 1.00 -45.76
C PHE C 49 15.98 -0.46 -45.80
N ASN C 50 17.29 -0.70 -45.76
CA ASN C 50 17.84 -2.04 -45.48
C ASN C 50 19.02 -1.89 -44.52
N THR C 51 18.72 -1.86 -43.23
CA THR C 51 19.76 -1.89 -42.21
C THR C 51 19.60 -3.04 -41.25
N PHE C 52 18.37 -3.28 -40.80
CA PHE C 52 18.05 -4.42 -39.97
C PHE C 52 17.57 -5.61 -40.80
N PHE C 53 17.53 -5.46 -42.12
CA PHE C 53 16.81 -6.38 -42.98
C PHE C 53 17.68 -6.91 -44.10
N SER C 54 17.29 -8.10 -44.55
CA SER C 54 17.70 -8.63 -45.83
C SER C 54 16.45 -8.74 -46.71
N GLU C 55 16.51 -8.15 -47.89
CA GLU C 55 15.37 -8.16 -48.79
C GLU C 55 15.49 -9.32 -49.77
N THR C 56 14.42 -10.10 -49.87
CA THR C 56 14.35 -11.22 -50.81
C THR C 56 13.91 -10.72 -52.17
N GLY C 57 13.92 -11.62 -53.14
CA GLY C 57 13.51 -11.30 -54.49
C GLY C 57 12.03 -11.01 -54.66
N ALA C 58 11.18 -11.53 -53.78
CA ALA C 58 9.76 -11.24 -53.84
C ALA C 58 9.37 -9.98 -53.09
N GLY C 59 10.34 -9.15 -52.71
CA GLY C 59 10.06 -7.94 -51.98
C GLY C 59 9.77 -8.14 -50.51
N LYS C 60 10.18 -9.28 -49.94
CA LYS C 60 9.92 -9.58 -48.55
C LYS C 60 11.20 -9.37 -47.76
N HIS C 61 11.07 -8.69 -46.64
CA HIS C 61 12.21 -8.32 -45.81
C HIS C 61 12.23 -9.18 -44.56
N VAL C 62 13.36 -9.81 -44.30
CA VAL C 62 13.48 -10.68 -43.14
C VAL C 62 14.41 -9.98 -42.14
N PRO C 63 14.17 -10.14 -40.84
CA PRO C 63 15.03 -9.50 -39.84
C PRO C 63 16.46 -10.03 -39.88
N ARG C 64 17.39 -9.19 -39.46
CA ARG C 64 18.76 -9.61 -39.20
C ARG C 64 18.86 -9.73 -37.68
N ALA C 65 18.36 -10.85 -37.16
CA ALA C 65 18.23 -11.03 -35.73
C ALA C 65 18.95 -12.31 -35.32
N VAL C 66 19.21 -12.43 -34.02
CA VAL C 66 19.78 -13.64 -33.44
C VAL C 66 18.90 -14.09 -32.30
N PHE C 67 18.34 -15.29 -32.42
CA PHE C 67 17.44 -15.85 -31.44
C PHE C 67 18.11 -17.07 -30.82
N VAL C 68 18.46 -16.98 -29.55
CA VAL C 68 19.21 -18.03 -28.85
C VAL C 68 18.52 -18.34 -27.52
N ASP C 69 18.18 -19.61 -27.33
CA ASP C 69 17.76 -20.12 -26.03
C ASP C 69 18.04 -21.61 -25.97
N LEU C 70 18.55 -22.07 -24.84
CA LEU C 70 18.76 -23.50 -24.63
C LEU C 70 17.46 -24.22 -24.28
N GLU C 71 16.43 -23.49 -23.91
CA GLU C 71 15.09 -24.02 -23.71
C GLU C 71 14.25 -23.78 -24.96
N PRO C 72 13.63 -24.83 -25.51
CA PRO C 72 12.88 -24.65 -26.76
C PRO C 72 11.58 -23.89 -26.57
N THR C 73 11.10 -23.77 -25.33
CA THR C 73 9.74 -23.30 -25.06
C THR C 73 9.55 -21.84 -25.48
N VAL C 74 10.54 -21.00 -25.20
CA VAL C 74 10.49 -19.61 -25.63
C VAL C 74 10.61 -19.53 -27.15
N ILE C 75 11.41 -20.42 -27.74
CA ILE C 75 11.49 -20.51 -29.19
C ILE C 75 10.18 -21.02 -29.78
N ASP C 76 9.51 -21.92 -29.06
CA ASP C 76 8.20 -22.42 -29.48
C ASP C 76 7.16 -21.30 -29.46
N GLU C 77 7.32 -20.34 -28.55
CA GLU C 77 6.44 -19.17 -28.55
C GLU C 77 6.69 -18.30 -29.77
N VAL C 78 7.93 -18.25 -30.23
CA VAL C 78 8.27 -17.40 -31.36
C VAL C 78 7.83 -18.04 -32.66
N ARG C 79 8.23 -19.29 -32.90
CA ARG C 79 8.00 -19.91 -34.19
C ARG C 79 6.56 -20.34 -34.40
N THR C 80 5.74 -20.33 -33.36
CA THR C 80 4.30 -20.56 -33.49
C THR C 80 3.49 -19.30 -33.25
N GLY C 81 4.15 -18.20 -32.88
CA GLY C 81 3.48 -16.94 -32.65
C GLY C 81 3.35 -16.11 -33.92
N THR C 82 3.13 -14.82 -33.71
CA THR C 82 3.05 -13.89 -34.83
C THR C 82 4.43 -13.66 -35.43
N TYR C 83 4.43 -13.07 -36.63
CA TYR C 83 5.60 -12.67 -37.42
C TYR C 83 6.52 -13.83 -37.77
N ARG C 84 6.04 -15.07 -37.74
CA ARG C 84 6.88 -16.21 -38.07
C ARG C 84 7.18 -16.33 -39.55
N GLN C 85 6.35 -15.72 -40.41
CA GLN C 85 6.66 -15.69 -41.84
C GLN C 85 7.80 -14.74 -42.13
N LEU C 86 7.98 -13.71 -41.30
CA LEU C 86 9.18 -12.90 -41.33
C LEU C 86 10.40 -13.71 -40.88
N PHE C 87 10.19 -14.65 -39.99
CA PHE C 87 11.28 -15.31 -39.27
C PHE C 87 11.80 -16.50 -40.06
N HIS C 88 13.10 -16.69 -40.03
CA HIS C 88 13.65 -17.82 -40.74
C HIS C 88 14.25 -18.80 -39.75
N PRO C 89 14.16 -20.11 -40.03
CA PRO C 89 14.79 -21.11 -39.14
C PRO C 89 16.31 -21.01 -39.06
N GLU C 90 16.95 -20.28 -39.97
CA GLU C 90 18.34 -19.90 -39.80
C GLU C 90 18.55 -19.09 -38.53
N GLN C 91 17.65 -18.15 -38.25
CA GLN C 91 17.76 -17.36 -37.04
C GLN C 91 17.17 -18.07 -35.83
N LEU C 92 16.31 -19.05 -36.04
CA LEU C 92 15.66 -19.77 -34.95
C LEU C 92 16.63 -20.82 -34.41
N ILE C 93 17.54 -20.36 -33.56
CA ILE C 93 18.57 -21.23 -33.00
C ILE C 93 18.19 -21.59 -31.57
N THR C 94 17.83 -22.85 -31.36
CA THR C 94 17.41 -23.31 -30.05
C THR C 94 18.35 -24.42 -29.57
N GLY C 95 18.39 -24.59 -28.25
CA GLY C 95 19.05 -25.71 -27.63
C GLY C 95 18.05 -26.75 -27.16
N LYS C 96 18.55 -27.85 -26.69
CA LYS C 96 17.66 -28.91 -26.23
C LYS C 96 17.79 -29.18 -24.74
N GLU C 97 18.93 -28.86 -24.15
CA GLU C 97 19.17 -29.06 -22.72
C GLU C 97 19.36 -27.71 -22.08
N ASP C 98 18.68 -27.50 -20.96
CA ASP C 98 18.72 -26.23 -20.23
C ASP C 98 20.11 -25.98 -19.67
N ALA C 99 20.45 -24.70 -19.49
CA ALA C 99 21.65 -24.30 -18.77
C ALA C 99 21.51 -24.45 -17.27
N ALA C 100 20.30 -24.74 -16.78
CA ALA C 100 19.98 -24.90 -15.36
C ALA C 100 20.34 -23.65 -14.56
N ASN C 101 20.16 -22.49 -15.20
CA ASN C 101 20.46 -21.16 -14.65
C ASN C 101 21.91 -21.05 -14.19
N ASN C 102 22.85 -21.67 -14.90
CA ASN C 102 24.22 -21.79 -14.42
C ASN C 102 25.16 -21.02 -15.33
N TYR C 103 26.25 -20.52 -14.73
CA TYR C 103 27.31 -19.88 -15.51
C TYR C 103 28.19 -20.92 -16.16
N ALA C 104 28.62 -21.94 -15.38
CA ALA C 104 29.52 -22.96 -15.90
C ALA C 104 28.86 -23.81 -16.96
N ARG C 105 27.55 -24.02 -16.84
CA ARG C 105 26.84 -24.66 -17.92
C ARG C 105 26.54 -23.70 -19.05
N GLY C 106 26.30 -22.43 -18.72
CA GLY C 106 26.11 -21.44 -19.77
C GLY C 106 27.39 -21.16 -20.54
N HIS C 107 28.47 -20.85 -19.82
CA HIS C 107 29.71 -20.50 -20.50
C HIS C 107 30.47 -21.72 -20.99
N TYR C 108 30.53 -22.78 -20.19
CA TYR C 108 31.44 -23.85 -20.55
C TYR C 108 30.72 -25.14 -20.95
N THR C 109 29.84 -25.65 -20.08
CA THR C 109 29.42 -27.05 -20.24
C THR C 109 28.38 -27.22 -21.34
N ILE C 110 27.21 -26.62 -21.19
CA ILE C 110 26.12 -26.82 -22.13
C ILE C 110 26.27 -25.90 -23.34
N GLY C 111 26.86 -24.72 -23.14
CA GLY C 111 26.93 -23.74 -24.21
C GLY C 111 27.93 -24.11 -25.30
N LYS C 112 28.87 -25.00 -24.99
CA LYS C 112 29.89 -25.36 -25.97
C LYS C 112 29.32 -26.22 -27.09
N GLU C 113 28.20 -26.91 -26.85
CA GLU C 113 27.63 -27.75 -27.89
C GLU C 113 26.86 -26.95 -28.92
N ILE C 114 26.52 -25.70 -28.61
CA ILE C 114 25.64 -24.94 -29.48
C ILE C 114 26.40 -23.80 -30.18
N ILE C 115 27.46 -23.29 -29.52
CA ILE C 115 28.16 -22.07 -29.96
C ILE C 115 28.78 -22.24 -31.34
N ASP C 116 29.20 -23.45 -31.69
CA ASP C 116 29.78 -23.68 -33.01
C ASP C 116 28.72 -23.60 -34.09
N LEU C 117 27.50 -24.03 -33.78
CA LEU C 117 26.37 -23.83 -34.69
C LEU C 117 25.98 -22.37 -34.75
N VAL C 118 26.09 -21.67 -33.61
CA VAL C 118 25.68 -20.27 -33.54
C VAL C 118 26.62 -19.39 -34.35
N LEU C 119 27.93 -19.55 -34.14
CA LEU C 119 28.92 -18.69 -34.78
C LEU C 119 28.95 -18.89 -36.29
N ASP C 120 28.55 -20.08 -36.75
CA ASP C 120 28.46 -20.31 -38.18
C ASP C 120 27.27 -19.55 -38.77
N ARG C 121 26.16 -19.50 -38.04
CA ARG C 121 25.03 -18.68 -38.47
C ARG C 121 25.36 -17.20 -38.43
N ILE C 122 26.26 -16.82 -37.51
CA ILE C 122 26.78 -15.46 -37.50
C ILE C 122 27.58 -15.18 -38.76
N ARG C 123 28.43 -16.14 -39.14
CA ARG C 123 29.25 -15.98 -40.34
C ARG C 123 28.40 -16.03 -41.60
N LYS C 124 27.23 -16.66 -41.52
CA LYS C 124 26.28 -16.58 -42.64
C LYS C 124 25.76 -15.17 -42.82
N LEU C 125 25.20 -14.59 -41.76
CA LEU C 125 24.50 -13.32 -41.89
C LEU C 125 25.48 -12.16 -42.03
N ALA C 126 26.65 -12.26 -41.41
CA ALA C 126 27.64 -11.19 -41.53
C ALA C 126 28.23 -11.15 -42.93
N ASP C 127 28.32 -12.31 -43.59
CA ASP C 127 28.75 -12.32 -44.98
C ASP C 127 27.67 -11.75 -45.88
N GLN C 128 26.40 -11.90 -45.50
CA GLN C 128 25.31 -11.29 -46.24
C GLN C 128 25.28 -9.77 -46.08
N CYS C 129 25.86 -9.23 -45.01
CA CYS C 129 25.85 -7.80 -44.77
C CYS C 129 26.89 -7.10 -45.64
N THR C 130 26.59 -5.86 -45.97
CA THR C 130 27.49 -4.99 -46.74
C THR C 130 27.74 -3.74 -45.89
N GLY C 131 28.90 -3.67 -45.26
CA GLY C 131 29.19 -2.55 -44.39
C GLY C 131 28.65 -2.77 -42.99
N LEU C 132 29.11 -3.85 -42.35
CA LEU C 132 28.63 -4.20 -41.01
C LEU C 132 29.10 -3.16 -39.99
N GLN C 133 28.16 -2.64 -39.21
CA GLN C 133 28.53 -1.70 -38.17
C GLN C 133 28.84 -2.41 -36.86
N GLY C 134 28.15 -3.50 -36.58
CA GLY C 134 28.35 -4.26 -35.37
C GLY C 134 27.08 -4.99 -34.98
N PHE C 135 26.82 -5.00 -33.67
CA PHE C 135 25.71 -5.78 -33.14
C PHE C 135 25.36 -5.28 -31.75
N SER C 136 24.21 -5.74 -31.25
CA SER C 136 23.79 -5.50 -29.88
C SER C 136 23.18 -6.77 -29.31
N VAL C 137 23.53 -7.11 -28.08
CA VAL C 137 23.10 -8.34 -27.44
C VAL C 137 22.13 -7.99 -26.32
N PHE C 138 21.00 -8.69 -26.27
CA PHE C 138 19.96 -8.44 -25.28
C PHE C 138 19.85 -9.63 -24.35
N HIS C 139 20.10 -9.39 -23.06
CA HIS C 139 20.17 -10.47 -22.08
C HIS C 139 20.12 -9.85 -20.69
N SER C 140 20.42 -10.68 -19.68
CA SER C 140 20.51 -10.23 -18.30
C SER C 140 21.88 -10.52 -17.72
N PHE C 141 22.09 -10.06 -16.48
CA PHE C 141 23.36 -10.31 -15.79
C PHE C 141 23.35 -11.61 -15.00
N GLY C 142 22.22 -12.00 -14.44
CA GLY C 142 22.14 -13.11 -13.52
C GLY C 142 21.47 -14.36 -14.05
N GLY C 143 21.19 -14.43 -15.34
CA GLY C 143 20.57 -15.59 -15.95
C GLY C 143 21.56 -16.73 -16.14
N GLY C 144 21.08 -17.79 -16.78
CA GLY C 144 21.96 -18.88 -17.13
C GLY C 144 22.42 -18.78 -18.57
N THR C 145 21.44 -18.64 -19.46
CA THR C 145 21.76 -18.49 -20.88
C THR C 145 22.27 -17.10 -21.19
N GLY C 146 21.59 -16.08 -20.68
CA GLY C 146 21.96 -14.71 -20.98
C GLY C 146 23.16 -14.19 -20.21
N SER C 147 23.75 -15.01 -19.34
CA SER C 147 24.96 -14.60 -18.66
C SER C 147 26.14 -15.49 -19.05
N GLY C 148 26.00 -16.81 -18.91
CA GLY C 148 27.11 -17.70 -19.21
C GLY C 148 27.39 -17.78 -20.71
N PHE C 149 26.36 -18.09 -21.49
CA PHE C 149 26.55 -18.25 -22.92
C PHE C 149 26.84 -16.92 -23.59
N THR C 150 26.34 -15.83 -23.01
CA THR C 150 26.69 -14.49 -23.48
C THR C 150 28.18 -14.22 -23.24
N SER C 151 28.68 -14.67 -22.09
CA SER C 151 30.12 -14.61 -21.81
C SER C 151 30.89 -15.51 -22.77
N LEU C 152 30.26 -16.60 -23.20
CA LEU C 152 30.88 -17.44 -24.22
C LEU C 152 30.80 -16.79 -25.59
N LEU C 153 29.69 -16.10 -25.87
CA LEU C 153 29.47 -15.56 -27.21
C LEU C 153 30.31 -14.32 -27.46
N MET C 154 30.34 -13.40 -26.50
CA MET C 154 31.07 -12.14 -26.67
C MET C 154 32.57 -12.38 -26.68
N GLU C 155 33.02 -13.47 -26.08
CA GLU C 155 34.43 -13.84 -26.15
C GLU C 155 34.80 -14.26 -27.57
N ARG C 156 33.91 -14.99 -28.24
CA ARG C 156 34.24 -15.51 -29.55
C ARG C 156 34.08 -14.44 -30.62
N LEU C 157 33.09 -13.56 -30.48
CA LEU C 157 32.88 -12.52 -31.47
C LEU C 157 33.97 -11.47 -31.42
N SER C 158 34.56 -11.24 -30.25
CA SER C 158 35.71 -10.34 -30.14
C SER C 158 36.93 -10.91 -30.83
N VAL C 159 37.06 -12.25 -30.90
CA VAL C 159 38.15 -12.86 -31.65
C VAL C 159 37.96 -12.65 -33.14
N ASP C 160 36.77 -12.97 -33.65
CA ASP C 160 36.53 -12.91 -35.08
C ASP C 160 36.39 -11.47 -35.56
N TYR C 161 35.54 -10.69 -34.92
CA TYR C 161 35.21 -9.34 -35.37
C TYR C 161 35.66 -8.36 -34.30
N GLY C 162 36.93 -7.96 -34.36
CA GLY C 162 37.47 -7.10 -33.32
C GLY C 162 37.06 -5.64 -33.49
N LYS C 163 36.99 -5.18 -34.74
CA LYS C 163 36.72 -3.78 -35.03
C LYS C 163 35.25 -3.51 -35.33
N LYS C 164 34.34 -4.27 -34.72
CA LYS C 164 32.92 -4.03 -34.86
C LYS C 164 32.32 -3.61 -33.54
N SER C 165 31.08 -3.13 -33.61
CA SER C 165 30.40 -2.63 -32.42
C SER C 165 29.91 -3.79 -31.56
N LYS C 166 30.29 -3.76 -30.28
CA LYS C 166 29.98 -4.83 -29.34
C LYS C 166 29.09 -4.23 -28.24
N LEU C 167 27.78 -4.20 -28.49
CA LEU C 167 26.83 -3.57 -27.59
C LEU C 167 26.09 -4.62 -26.77
N GLU C 168 25.74 -4.25 -25.55
CA GLU C 168 24.86 -5.04 -24.72
C GLU C 168 23.88 -4.11 -24.02
N PHE C 169 22.59 -4.44 -24.10
CA PHE C 169 21.59 -3.73 -23.31
C PHE C 169 21.09 -4.77 -22.31
N SER C 170 21.69 -4.79 -21.13
CA SER C 170 21.57 -5.90 -20.21
C SER C 170 20.62 -5.56 -19.07
N ILE C 171 20.04 -6.59 -18.46
CA ILE C 171 19.06 -6.42 -17.38
C ILE C 171 19.75 -6.64 -16.05
N TYR C 172 19.75 -5.60 -15.20
CA TYR C 172 20.32 -5.77 -13.88
C TYR C 172 19.24 -6.09 -12.87
N PRO C 173 19.39 -7.18 -12.11
CA PRO C 173 18.35 -7.56 -11.13
C PRO C 173 18.28 -6.58 -9.97
N ALA C 174 17.08 -6.42 -9.42
CA ALA C 174 16.89 -5.51 -8.32
C ALA C 174 17.49 -6.08 -7.04
N PRO C 175 18.01 -5.23 -6.15
CA PRO C 175 18.44 -5.71 -4.82
C PRO C 175 17.28 -6.15 -3.95
N GLN C 176 16.06 -5.78 -4.30
CA GLN C 176 14.88 -6.16 -3.54
C GLN C 176 14.05 -7.20 -4.27
N VAL C 177 14.16 -7.28 -5.59
CA VAL C 177 13.42 -8.24 -6.39
C VAL C 177 14.42 -9.06 -7.20
N SER C 178 14.47 -10.37 -6.90
CA SER C 178 15.27 -11.29 -7.67
C SER C 178 14.50 -12.60 -7.80
N THR C 179 14.38 -13.08 -9.03
CA THR C 179 13.63 -14.28 -9.31
C THR C 179 14.41 -15.56 -9.03
N ALA C 180 15.73 -15.48 -8.92
CA ALA C 180 16.54 -16.62 -8.55
C ALA C 180 17.62 -16.16 -7.58
N VAL C 181 18.03 -17.07 -6.69
CA VAL C 181 18.97 -16.71 -5.63
C VAL C 181 20.38 -16.59 -6.20
N VAL C 182 20.67 -17.32 -7.27
CA VAL C 182 22.01 -17.39 -7.82
C VAL C 182 22.28 -16.25 -8.79
N GLU C 183 21.32 -15.34 -8.91
CA GLU C 183 21.50 -14.20 -9.82
C GLU C 183 22.63 -13.26 -9.41
N PRO C 184 22.86 -12.92 -8.13
CA PRO C 184 24.15 -12.32 -7.78
C PRO C 184 25.30 -13.31 -7.88
N TYR C 185 25.03 -14.59 -7.68
CA TYR C 185 26.08 -15.61 -7.73
C TYR C 185 26.56 -15.85 -9.16
N ASN C 186 25.72 -15.51 -10.14
CA ASN C 186 26.12 -15.67 -11.54
C ASN C 186 26.82 -14.43 -12.06
N SER C 187 26.36 -13.25 -11.66
CA SER C 187 26.72 -12.02 -12.36
C SER C 187 28.13 -11.56 -12.03
N ILE C 188 28.75 -12.11 -10.98
CA ILE C 188 30.13 -11.76 -10.67
C ILE C 188 31.06 -12.29 -11.74
N LEU C 189 30.84 -13.54 -12.16
CA LEU C 189 31.66 -14.13 -13.21
C LEU C 189 31.29 -13.56 -14.56
N THR C 190 30.07 -13.06 -14.70
CA THR C 190 29.59 -12.52 -15.97
C THR C 190 30.26 -11.19 -16.28
N THR C 191 30.49 -10.39 -15.22
CA THR C 191 30.74 -8.96 -15.39
C THR C 191 32.15 -8.67 -15.91
N HIS C 192 33.15 -9.34 -15.33
CA HIS C 192 34.53 -9.12 -15.73
C HIS C 192 34.78 -9.60 -17.16
N THR C 193 34.16 -10.72 -17.52
CA THR C 193 34.21 -11.18 -18.89
C THR C 193 33.48 -10.25 -19.83
N THR C 194 32.40 -9.62 -19.35
CA THR C 194 31.71 -8.60 -20.12
C THR C 194 32.57 -7.36 -20.29
N LEU C 195 33.27 -6.96 -19.21
CA LEU C 195 34.15 -5.80 -19.26
C LEU C 195 35.36 -6.06 -20.14
N GLU C 196 35.75 -7.33 -20.27
CA GLU C 196 36.89 -7.70 -21.08
C GLU C 196 36.61 -7.51 -22.57
N HIS C 197 35.36 -7.68 -22.98
CA HIS C 197 35.06 -7.74 -24.41
C HIS C 197 34.16 -6.63 -24.92
N SER C 198 33.20 -6.16 -24.11
CA SER C 198 32.14 -5.33 -24.67
C SER C 198 32.62 -3.89 -24.90
N ASP C 199 32.01 -3.26 -25.91
CA ASP C 199 32.25 -1.86 -26.22
C ASP C 199 31.38 -0.93 -25.40
N CYS C 200 30.19 -1.39 -25.00
CA CYS C 200 29.23 -0.60 -24.24
C CYS C 200 28.21 -1.56 -23.64
N ALA C 201 27.84 -1.33 -22.38
CA ALA C 201 26.91 -2.20 -21.68
C ALA C 201 25.98 -1.36 -20.81
N PHE C 202 24.68 -1.59 -20.97
CA PHE C 202 23.68 -0.91 -20.15
C PHE C 202 23.19 -1.84 -19.04
N MET C 203 22.51 -1.25 -18.07
CA MET C 203 21.92 -1.97 -16.96
C MET C 203 20.44 -1.59 -16.86
N VAL C 204 19.58 -2.60 -16.79
CA VAL C 204 18.14 -2.37 -16.76
C VAL C 204 17.58 -3.00 -15.48
N ASP C 205 16.99 -2.17 -14.63
CA ASP C 205 16.37 -2.61 -13.39
C ASP C 205 14.86 -2.51 -13.56
N ASN C 206 14.17 -3.66 -13.47
CA ASN C 206 12.73 -3.73 -13.59
C ASN C 206 12.02 -3.01 -12.45
N GLU C 207 12.69 -2.93 -11.30
CA GLU C 207 12.13 -2.26 -10.13
C GLU C 207 11.90 -0.78 -10.36
N ALA C 208 12.86 -0.10 -10.99
CA ALA C 208 12.67 1.31 -11.30
C ALA C 208 11.66 1.48 -12.42
N ILE C 209 11.54 0.48 -13.30
CA ILE C 209 10.53 0.54 -14.36
C ILE C 209 9.14 0.37 -13.76
N TYR C 210 9.04 -0.43 -12.68
CA TYR C 210 7.78 -0.60 -11.96
C TYR C 210 7.30 0.72 -11.38
N ASP C 211 8.23 1.56 -10.91
CA ASP C 211 7.85 2.87 -10.39
C ASP C 211 7.39 3.79 -11.52
N ILE C 212 7.96 3.62 -12.71
CA ILE C 212 7.56 4.44 -13.85
C ILE C 212 6.18 4.04 -14.33
N CYS C 213 5.88 2.73 -14.30
CA CYS C 213 4.59 2.25 -14.77
C CYS C 213 3.46 2.68 -13.85
N ARG C 214 3.70 2.64 -12.54
CA ARG C 214 2.64 2.98 -11.59
C ARG C 214 2.45 4.48 -11.43
N ARG C 215 3.40 5.29 -11.91
CA ARG C 215 3.32 6.72 -11.73
C ARG C 215 3.23 7.50 -13.04
N ASN C 216 4.18 7.28 -13.95
CA ASN C 216 4.19 8.01 -15.20
C ASN C 216 3.19 7.44 -16.21
N LEU C 217 2.67 6.25 -15.95
CA LEU C 217 1.60 5.67 -16.74
C LEU C 217 0.43 5.22 -15.89
N ASP C 218 0.61 5.17 -14.57
CA ASP C 218 -0.40 4.74 -13.59
C ASP C 218 -0.91 3.33 -13.87
N ILE C 219 -0.01 2.44 -14.28
CA ILE C 219 -0.36 1.06 -14.58
C ILE C 219 0.00 0.23 -13.35
N GLU C 220 -1.03 -0.27 -12.66
CA GLU C 220 -0.83 -1.14 -11.52
C GLU C 220 -0.77 -2.61 -11.91
N ARG C 221 -0.99 -2.94 -13.19
CA ARG C 221 -0.85 -4.30 -13.68
C ARG C 221 0.08 -4.36 -14.89
N PRO C 222 1.40 -4.33 -14.67
CA PRO C 222 2.32 -4.52 -15.80
C PRO C 222 2.75 -5.97 -15.93
N THR C 223 3.08 -6.36 -17.16
CA THR C 223 3.69 -7.65 -17.45
C THR C 223 5.05 -7.43 -18.10
N TYR C 224 5.81 -8.52 -18.21
CA TYR C 224 7.09 -8.50 -18.94
C TYR C 224 6.93 -8.08 -20.38
N THR C 225 5.77 -8.36 -21.00
CA THR C 225 5.44 -7.76 -22.28
C THR C 225 5.39 -6.25 -22.17
N ASN C 226 4.61 -5.73 -21.22
CA ASN C 226 4.37 -4.31 -21.11
C ASN C 226 5.60 -3.55 -20.63
N LEU C 227 6.47 -4.21 -19.89
CA LEU C 227 7.75 -3.60 -19.54
C LEU C 227 8.63 -3.41 -20.77
N ASN C 228 8.73 -4.45 -21.59
CA ASN C 228 9.60 -4.38 -22.75
C ASN C 228 9.00 -3.52 -23.86
N ARG C 229 7.68 -3.29 -23.82
CA ARG C 229 7.07 -2.27 -24.65
C ARG C 229 7.67 -0.90 -24.35
N LEU C 230 7.87 -0.61 -23.06
CA LEU C 230 8.56 0.62 -22.69
C LEU C 230 10.03 0.56 -23.06
N ILE C 231 10.68 -0.57 -22.80
CA ILE C 231 12.12 -0.68 -22.99
C ILE C 231 12.48 -0.65 -24.46
N GLY C 232 11.75 -1.40 -25.27
CA GLY C 232 12.09 -1.50 -26.69
C GLY C 232 11.79 -0.23 -27.46
N GLN C 233 10.77 0.53 -27.00
CA GLN C 233 10.47 1.81 -27.63
C GLN C 233 11.62 2.79 -27.46
N ILE C 234 12.29 2.72 -26.31
CA ILE C 234 13.51 3.50 -26.10
C ILE C 234 14.61 3.02 -27.03
N VAL C 235 14.80 1.70 -27.09
CA VAL C 235 15.87 1.09 -27.88
C VAL C 235 15.63 1.31 -29.37
N SER C 236 14.37 1.32 -29.79
CA SER C 236 14.05 1.68 -31.17
C SER C 236 14.42 3.13 -31.47
N SER C 237 14.26 4.02 -30.48
CA SER C 237 14.78 5.37 -30.63
C SER C 237 16.29 5.40 -30.48
N ILE C 238 16.86 4.45 -29.75
CA ILE C 238 18.32 4.36 -29.64
C ILE C 238 18.91 3.89 -30.96
N THR C 239 18.36 2.82 -31.53
CA THR C 239 19.04 2.11 -32.60
C THR C 239 18.61 2.49 -34.00
N ALA C 240 17.33 2.34 -34.35
CA ALA C 240 16.90 2.55 -35.71
C ALA C 240 16.90 4.03 -36.07
N SER C 241 16.70 4.89 -35.06
CA SER C 241 16.56 6.31 -35.32
C SER C 241 17.89 6.96 -35.65
N LEU C 242 18.99 6.41 -35.16
CA LEU C 242 20.29 7.01 -35.44
C LEU C 242 20.75 6.76 -36.87
N ARG C 243 20.11 5.81 -37.55
CA ARG C 243 20.36 5.65 -38.97
C ARG C 243 19.32 6.42 -39.78
N PHE C 244 18.18 6.73 -39.17
CA PHE C 244 17.15 7.47 -39.86
C PHE C 244 17.54 8.93 -40.02
N ASP C 245 17.11 9.52 -41.13
CA ASP C 245 17.58 10.85 -41.50
C ASP C 245 16.87 11.92 -40.68
N GLY C 246 17.66 12.82 -40.11
CA GLY C 246 17.11 13.89 -39.30
C GLY C 246 17.86 15.19 -39.45
N ALA C 247 17.70 16.08 -38.46
CA ALA C 247 18.37 17.37 -38.51
C ALA C 247 19.83 17.29 -38.10
N LEU C 248 20.19 16.31 -37.28
CA LEU C 248 21.57 16.10 -36.84
C LEU C 248 21.80 14.60 -36.78
N ASN C 249 22.30 14.04 -37.88
CA ASN C 249 22.41 12.60 -38.03
C ASN C 249 23.72 12.12 -37.44
N VAL C 250 23.65 11.43 -36.31
CA VAL C 250 24.79 10.82 -35.64
C VAL C 250 24.49 9.33 -35.50
N ASP C 251 25.49 8.49 -35.73
CA ASP C 251 25.33 7.06 -35.57
C ASP C 251 25.75 6.61 -34.18
N LEU C 252 25.75 5.29 -33.98
CA LEU C 252 26.17 4.71 -32.71
C LEU C 252 27.66 4.85 -32.47
N THR C 253 28.48 4.70 -33.50
CA THR C 253 29.93 4.67 -33.37
C THR C 253 30.52 6.00 -32.94
N GLU C 254 29.88 7.11 -33.30
CA GLU C 254 30.38 8.41 -32.84
C GLU C 254 30.10 8.61 -31.35
N PHE C 255 29.06 7.95 -30.84
CA PHE C 255 28.87 7.92 -29.39
C PHE C 255 29.93 7.06 -28.72
N GLN C 256 30.38 6.01 -29.41
CA GLN C 256 31.30 5.04 -28.84
C GLN C 256 32.66 5.66 -28.55
N THR C 257 33.00 6.71 -29.30
CA THR C 257 34.20 7.48 -28.97
C THR C 257 33.88 8.57 -27.95
N ASN C 258 32.75 9.27 -28.15
CA ASN C 258 32.41 10.44 -27.34
C ASN C 258 31.89 10.08 -25.95
N LEU C 259 30.98 9.13 -25.84
CA LEU C 259 30.44 8.73 -24.55
C LEU C 259 31.41 7.87 -23.77
N VAL C 260 32.41 7.29 -24.43
CA VAL C 260 33.41 6.48 -23.74
C VAL C 260 34.77 7.16 -23.89
N PRO C 261 35.17 8.00 -22.92
CA PRO C 261 36.55 8.53 -22.96
C PRO C 261 37.55 7.64 -22.23
N TYR C 262 37.14 6.45 -21.82
CA TYR C 262 37.89 5.62 -20.89
C TYR C 262 38.33 4.33 -21.56
N PRO C 263 39.42 3.73 -21.07
CA PRO C 263 39.67 2.33 -21.39
C PRO C 263 38.58 1.41 -20.85
N ARG C 264 38.29 1.49 -19.55
CA ARG C 264 37.20 0.72 -18.95
C ARG C 264 36.25 1.63 -18.20
N GLY C 265 35.31 2.21 -18.95
CA GLY C 265 34.31 3.07 -18.35
C GLY C 265 32.93 2.91 -18.96
N HIS C 266 32.79 1.96 -19.87
CA HIS C 266 31.63 1.92 -20.75
C HIS C 266 30.36 1.32 -20.14
N PHE C 267 29.92 1.88 -19.01
CA PHE C 267 28.62 1.55 -18.41
C PHE C 267 27.77 2.81 -18.37
N PRO C 268 27.08 3.13 -19.46
CA PRO C 268 26.30 4.36 -19.46
C PRO C 268 24.89 4.14 -18.94
N LEU C 269 24.27 5.22 -18.47
CA LEU C 269 22.89 5.22 -18.03
C LEU C 269 21.99 5.70 -19.16
N ALA C 270 21.16 4.80 -19.67
CA ALA C 270 20.17 5.14 -20.68
C ALA C 270 18.89 5.59 -20.00
N THR C 271 18.49 6.81 -20.28
CA THR C 271 17.25 7.35 -19.75
C THR C 271 16.39 7.90 -20.88
N TYR C 272 15.10 7.98 -20.56
CA TYR C 272 14.06 8.40 -21.49
C TYR C 272 12.86 8.83 -20.66
N ALA C 273 12.49 10.10 -20.75
CA ALA C 273 11.31 10.46 -19.98
C ALA C 273 10.30 11.33 -20.72
N PRO C 274 10.01 11.07 -22.01
CA PRO C 274 8.57 11.31 -22.21
C PRO C 274 7.85 10.01 -21.91
N VAL C 275 7.24 9.90 -20.74
CA VAL C 275 6.49 8.69 -20.40
C VAL C 275 5.13 9.16 -19.92
N ILE C 276 4.18 9.24 -20.84
CA ILE C 276 2.92 9.93 -20.63
C ILE C 276 1.78 8.97 -20.94
N SER C 277 0.87 8.80 -20.00
CA SER C 277 -0.31 8.00 -20.25
C SER C 277 -1.26 8.72 -21.19
N ALA C 278 -2.22 7.97 -21.74
CA ALA C 278 -3.16 8.53 -22.70
C ALA C 278 -4.05 9.59 -22.07
N GLU C 279 -4.42 9.42 -20.81
CA GLU C 279 -5.21 10.43 -20.12
C GLU C 279 -4.36 11.59 -19.67
N LYS C 280 -3.06 11.35 -19.42
CA LYS C 280 -2.16 12.43 -19.02
C LYS C 280 -1.88 13.38 -20.17
N ALA C 281 -2.02 12.91 -21.42
CA ALA C 281 -1.63 13.67 -22.59
C ALA C 281 -2.59 14.78 -22.94
N TYR C 282 -3.82 14.73 -22.43
CA TYR C 282 -4.76 15.82 -22.70
C TYR C 282 -4.34 17.09 -21.97
N HIS C 283 -3.83 16.97 -20.75
CA HIS C 283 -3.24 18.08 -20.03
C HIS C 283 -1.73 17.93 -20.18
N GLU C 284 -1.22 18.24 -21.37
CA GLU C 284 0.22 18.10 -21.61
C GLU C 284 0.68 19.13 -22.62
N GLN C 285 1.68 19.92 -22.23
CA GLN C 285 2.45 20.68 -23.19
C GLN C 285 3.87 20.75 -22.68
N LEU C 286 4.73 19.85 -23.17
CA LEU C 286 6.08 19.68 -22.68
C LEU C 286 7.05 20.15 -23.74
N SER C 287 7.88 21.14 -23.39
CA SER C 287 8.88 21.64 -24.32
C SER C 287 10.09 20.72 -24.33
N VAL C 288 11.14 21.19 -24.99
CA VAL C 288 12.42 20.47 -24.99
C VAL C 288 13.02 20.48 -23.59
N ALA C 289 12.98 21.64 -22.94
CA ALA C 289 13.61 21.79 -21.62
C ALA C 289 12.81 21.07 -20.55
N GLU C 290 11.47 21.04 -20.69
CA GLU C 290 10.64 20.46 -19.65
C GLU C 290 10.77 18.95 -19.61
N ILE C 291 11.10 18.34 -20.76
CA ILE C 291 11.32 16.90 -20.78
C ILE C 291 12.68 16.57 -20.18
N THR C 292 13.69 17.39 -20.49
CA THR C 292 15.03 17.17 -19.93
C THR C 292 15.06 17.43 -18.43
N ASN C 293 14.15 18.26 -17.93
CA ASN C 293 13.96 18.35 -16.49
C ASN C 293 13.42 17.04 -15.94
N ALA C 294 12.51 16.39 -16.67
CA ALA C 294 12.02 15.08 -16.26
C ALA C 294 13.07 14.00 -16.50
N CYS C 295 14.03 14.28 -17.39
CA CYS C 295 15.15 13.35 -17.56
C CYS C 295 16.07 13.35 -16.36
N PHE C 296 16.08 14.43 -15.60
CA PHE C 296 16.90 14.53 -14.39
C PHE C 296 16.15 14.10 -13.14
N GLU C 297 14.95 13.54 -13.28
CA GLU C 297 14.24 13.07 -12.11
C GLU C 297 14.81 11.74 -11.65
N PRO C 298 14.99 11.56 -10.34
CA PRO C 298 15.42 10.25 -9.83
C PRO C 298 14.39 9.15 -10.04
N ALA C 299 13.11 9.50 -10.20
CA ALA C 299 12.10 8.50 -10.50
C ALA C 299 12.11 8.08 -11.96
N ASN C 300 12.87 8.76 -12.82
CA ASN C 300 12.93 8.45 -14.24
C ASN C 300 14.34 8.07 -14.69
N GLN C 301 15.03 7.27 -13.88
CA GLN C 301 16.41 6.93 -14.23
C GLN C 301 16.55 5.52 -14.79
N MET C 302 15.48 4.71 -14.70
CA MET C 302 15.37 3.32 -15.13
C MET C 302 16.26 2.36 -14.34
N VAL C 303 16.99 2.88 -13.36
CA VAL C 303 17.87 2.12 -12.48
C VAL C 303 17.65 2.65 -11.07
N LYS C 304 17.50 1.75 -10.10
CA LYS C 304 17.33 2.15 -8.70
C LYS C 304 18.67 2.70 -8.23
N CYS C 305 18.83 4.01 -8.36
CA CYS C 305 20.07 4.69 -8.03
C CYS C 305 19.75 6.18 -7.83
N ASP C 306 20.67 6.87 -7.17
CA ASP C 306 20.48 8.30 -6.95
C ASP C 306 21.52 9.08 -7.73
N PRO C 307 21.09 9.89 -8.72
CA PRO C 307 22.06 10.64 -9.53
C PRO C 307 22.72 11.78 -8.77
N ARG C 308 22.09 12.17 -7.66
CA ARG C 308 22.60 13.28 -6.86
C ARG C 308 23.93 12.94 -6.20
N HIS C 309 24.12 11.69 -5.81
CA HIS C 309 25.37 11.27 -5.20
C HIS C 309 26.42 10.89 -6.22
N GLY C 310 26.06 10.81 -7.49
CA GLY C 310 27.00 10.46 -8.54
C GLY C 310 27.46 11.68 -9.33
N LYS C 311 28.66 11.57 -9.86
CA LYS C 311 29.26 12.63 -10.66
C LYS C 311 29.07 12.32 -12.14
N TYR C 312 28.42 13.25 -12.84
CA TYR C 312 28.19 13.12 -14.27
C TYR C 312 29.49 13.24 -15.03
N MET C 313 29.77 12.23 -15.85
CA MET C 313 30.92 12.28 -16.74
C MET C 313 30.48 12.76 -18.12
N ALA C 314 29.34 12.24 -18.60
CA ALA C 314 28.87 12.56 -19.94
C ALA C 314 27.35 12.69 -19.94
N CYS C 315 26.84 13.33 -20.99
CA CYS C 315 25.41 13.49 -21.19
C CYS C 315 25.13 13.52 -22.69
N CYS C 316 24.74 12.37 -23.24
CA CYS C 316 24.41 12.26 -24.66
C CYS C 316 22.90 12.31 -24.83
N LEU C 317 22.43 13.25 -25.63
CA LEU C 317 21.01 13.55 -25.80
C LEU C 317 20.55 13.06 -27.15
N LEU C 318 19.50 12.25 -27.16
CA LEU C 318 18.94 11.69 -28.39
C LEU C 318 17.50 12.16 -28.50
N TYR C 319 17.15 12.70 -29.66
CA TYR C 319 15.90 13.43 -29.85
C TYR C 319 15.05 12.82 -30.95
N ARG C 320 13.74 13.05 -30.86
CA ARG C 320 12.79 12.69 -31.90
C ARG C 320 11.85 13.85 -32.13
N GLY C 321 11.30 13.92 -33.34
CA GLY C 321 10.11 14.72 -33.58
C GLY C 321 10.35 16.22 -33.56
N ASP C 322 9.51 16.93 -32.81
CA ASP C 322 9.48 18.39 -32.79
C ASP C 322 10.66 18.90 -31.97
N VAL C 323 11.75 19.20 -32.68
CA VAL C 323 12.99 19.67 -32.06
C VAL C 323 13.44 20.94 -32.76
N VAL C 324 13.67 21.99 -31.99
CA VAL C 324 14.29 23.21 -32.46
C VAL C 324 15.66 23.32 -31.78
N PRO C 325 16.76 23.30 -32.55
CA PRO C 325 18.10 23.25 -31.92
C PRO C 325 18.47 24.51 -31.15
N LYS C 326 17.92 25.66 -31.56
CA LYS C 326 18.13 26.89 -30.80
C LYS C 326 17.43 26.79 -29.44
N ASP C 327 16.28 26.11 -29.40
CA ASP C 327 15.63 25.84 -28.12
C ASP C 327 16.37 24.77 -27.33
N VAL C 328 17.04 23.85 -28.03
CA VAL C 328 17.92 22.90 -27.36
C VAL C 328 19.11 23.61 -26.75
N ASN C 329 19.62 24.64 -27.46
CA ASN C 329 20.70 25.45 -26.93
C ASN C 329 20.26 26.20 -25.67
N ALA C 330 19.00 26.60 -25.62
CA ALA C 330 18.46 27.14 -24.37
C ALA C 330 18.27 26.03 -23.35
N ALA C 331 17.95 24.82 -23.80
CA ALA C 331 17.72 23.71 -22.88
C ALA C 331 19.02 23.24 -22.25
N ILE C 332 20.12 23.29 -23.01
CA ILE C 332 21.43 22.98 -22.45
C ILE C 332 21.84 24.04 -21.44
N ALA C 333 21.54 25.31 -21.74
CA ALA C 333 21.79 26.38 -20.79
C ALA C 333 20.88 26.26 -19.56
N THR C 334 19.71 25.66 -19.75
CA THR C 334 18.81 25.41 -18.62
C THR C 334 19.40 24.35 -17.71
N ILE C 335 20.06 23.35 -18.30
CA ILE C 335 20.76 22.33 -17.52
C ILE C 335 21.89 22.95 -16.72
N LYS C 336 22.63 23.88 -17.33
CA LYS C 336 23.69 24.57 -16.64
C LYS C 336 23.14 25.54 -15.61
N THR C 337 21.89 25.97 -15.77
CA THR C 337 21.26 26.87 -14.82
C THR C 337 20.77 26.11 -13.59
N LYS C 338 20.17 24.94 -13.80
CA LYS C 338 19.56 24.16 -12.73
C LYS C 338 20.54 23.23 -12.03
N ARG C 339 21.81 23.59 -11.98
CA ARG C 339 22.88 22.64 -11.67
C ARG C 339 22.84 22.14 -10.22
N THR C 340 22.53 20.85 -10.08
CA THR C 340 22.76 20.05 -8.90
C THR C 340 23.43 18.74 -9.32
N ILE C 341 24.16 18.79 -10.43
CA ILE C 341 24.51 17.60 -11.19
C ILE C 341 25.87 17.06 -10.80
N GLN C 342 26.73 17.92 -10.24
CA GLN C 342 28.12 17.63 -9.89
C GLN C 342 28.86 17.09 -11.11
N PHE C 343 29.00 17.92 -12.14
CA PHE C 343 29.65 17.50 -13.36
C PHE C 343 31.16 17.60 -13.19
N VAL C 344 31.89 16.66 -13.83
CA VAL C 344 33.32 16.54 -13.59
C VAL C 344 34.08 17.65 -14.29
N ASP C 345 35.31 17.87 -13.84
CA ASP C 345 36.20 18.83 -14.48
C ASP C 345 37.06 18.20 -15.56
N TRP C 346 36.97 16.89 -15.76
CA TRP C 346 37.79 16.23 -16.77
C TRP C 346 37.35 16.60 -18.18
N CYS C 347 36.06 16.85 -18.36
CA CYS C 347 35.53 17.39 -19.60
C CYS C 347 34.86 18.71 -19.24
N PRO C 348 35.13 19.80 -19.97
CA PRO C 348 34.51 21.08 -19.61
C PRO C 348 33.00 21.15 -19.82
N THR C 349 32.53 20.92 -21.04
CA THR C 349 31.11 21.08 -21.33
C THR C 349 30.62 20.05 -22.35
N GLY C 350 31.04 18.80 -22.21
CA GLY C 350 30.74 17.86 -23.27
C GLY C 350 29.37 17.24 -23.13
N PHE C 351 28.40 17.82 -23.83
CA PHE C 351 26.99 17.44 -23.80
C PHE C 351 26.57 17.20 -25.25
N LYS C 352 26.77 15.97 -25.73
CA LYS C 352 26.58 15.70 -27.14
C LYS C 352 25.10 15.54 -27.46
N VAL C 353 24.69 16.05 -28.61
CA VAL C 353 23.30 16.12 -29.02
C VAL C 353 23.09 15.24 -30.25
N GLY C 354 22.02 14.46 -30.24
CA GLY C 354 21.59 13.76 -31.44
C GLY C 354 20.12 14.05 -31.71
N ILE C 355 19.83 14.46 -32.93
CA ILE C 355 18.51 14.96 -33.31
C ILE C 355 17.97 14.12 -34.45
N ASN C 356 16.79 13.56 -34.28
CA ASN C 356 16.05 12.97 -35.39
C ASN C 356 14.87 13.87 -35.71
N TYR C 357 14.67 14.11 -37.01
CA TYR C 357 13.51 14.87 -37.46
C TYR C 357 12.25 14.02 -37.42
N GLU C 358 12.41 12.70 -37.47
CA GLU C 358 11.27 11.82 -37.63
C GLU C 358 10.51 11.67 -36.31
N PRO C 359 9.17 11.63 -36.35
CA PRO C 359 8.41 11.53 -35.11
C PRO C 359 8.54 10.15 -34.51
N PRO C 360 8.44 10.03 -33.20
CA PRO C 360 8.50 8.69 -32.58
C PRO C 360 7.23 7.90 -32.85
N THR C 361 7.33 6.59 -32.64
CA THR C 361 6.23 5.68 -32.95
C THR C 361 5.46 5.31 -31.70
N VAL C 362 4.19 4.97 -31.90
CA VAL C 362 3.28 4.60 -30.82
C VAL C 362 2.71 3.22 -31.13
N VAL C 363 2.77 2.33 -30.14
CA VAL C 363 2.36 0.94 -30.30
C VAL C 363 0.83 0.90 -30.41
N PRO C 364 0.27 0.25 -31.43
CA PRO C 364 -1.15 -0.09 -31.36
C PRO C 364 -1.36 -1.15 -30.30
N GLY C 365 -1.94 -0.73 -29.18
CA GLY C 365 -2.00 -1.55 -27.99
C GLY C 365 -1.08 -1.09 -26.88
N GLY C 366 -0.20 -0.13 -27.15
CA GLY C 366 0.66 0.42 -26.12
C GLY C 366 -0.09 1.35 -25.18
N ASP C 367 0.64 1.84 -24.18
CA ASP C 367 0.04 2.64 -23.11
C ASP C 367 0.61 4.04 -23.02
N LEU C 368 1.37 4.48 -24.02
CA LEU C 368 1.77 5.87 -24.16
C LEU C 368 1.01 6.49 -25.32
N ALA C 369 0.61 7.75 -25.17
CA ALA C 369 -0.15 8.40 -26.21
C ALA C 369 0.78 8.95 -27.30
N LYS C 370 0.17 9.57 -28.31
CA LYS C 370 0.95 10.14 -29.40
C LYS C 370 1.59 11.44 -28.97
N VAL C 371 2.92 11.48 -28.99
CA VAL C 371 3.67 12.66 -28.62
C VAL C 371 4.32 13.23 -29.87
N GLN C 372 4.63 14.53 -29.78
CA GLN C 372 5.27 15.22 -30.90
C GLN C 372 6.79 15.16 -30.84
N ARG C 373 7.36 14.71 -29.73
CA ARG C 373 8.80 14.64 -29.58
C ARG C 373 9.14 13.60 -28.52
N ALA C 374 10.31 12.98 -28.68
CA ALA C 374 10.80 12.00 -27.73
C ALA C 374 12.27 12.25 -27.46
N VAL C 375 12.66 12.19 -26.20
CA VAL C 375 14.00 12.56 -25.76
C VAL C 375 14.62 11.39 -25.01
N CYS C 376 15.67 10.81 -25.59
CA CYS C 376 16.51 9.82 -24.92
C CYS C 376 17.78 10.50 -24.43
N MET C 377 18.20 10.12 -23.23
CA MET C 377 19.41 10.69 -22.65
C MET C 377 20.33 9.58 -22.19
N LEU C 378 21.56 9.60 -22.70
CA LEU C 378 22.61 8.68 -22.28
C LEU C 378 23.58 9.43 -21.38
N SER C 379 23.87 8.86 -20.21
CA SER C 379 24.71 9.55 -19.26
C SER C 379 25.67 8.59 -18.57
N ASN C 380 26.81 9.12 -18.15
CA ASN C 380 27.78 8.39 -17.34
C ASN C 380 27.82 9.03 -15.96
N THR C 381 27.62 8.21 -14.92
CA THR C 381 27.69 8.70 -13.56
C THR C 381 28.40 7.68 -12.68
N THR C 382 28.83 8.14 -11.50
CA THR C 382 29.59 7.30 -10.58
C THR C 382 28.73 6.60 -9.54
N ALA C 383 27.41 6.87 -9.51
CA ALA C 383 26.55 6.21 -8.54
C ALA C 383 26.15 4.81 -8.99
N ILE C 384 26.60 4.38 -10.16
CA ILE C 384 26.29 3.04 -10.66
C ILE C 384 27.00 1.99 -9.81
N ALA C 385 28.18 2.33 -9.29
CA ALA C 385 28.95 1.38 -8.49
C ALA C 385 28.29 1.08 -7.15
N GLU C 386 27.38 1.96 -6.70
CA GLU C 386 26.60 1.67 -5.51
C GLU C 386 25.66 0.49 -5.74
N ALA C 387 25.13 0.37 -6.96
CA ALA C 387 24.35 -0.81 -7.31
C ALA C 387 25.23 -2.05 -7.39
N TRP C 388 26.48 -1.87 -7.81
CA TRP C 388 27.44 -2.96 -7.74
C TRP C 388 27.82 -3.26 -6.30
N ALA C 389 27.74 -2.25 -5.43
CA ALA C 389 27.99 -2.48 -4.00
C ALA C 389 26.84 -3.24 -3.38
N ARG C 390 25.62 -3.08 -3.92
CA ARG C 390 24.51 -3.93 -3.52
C ARG C 390 24.77 -5.37 -3.93
N LEU C 391 25.44 -5.56 -5.06
CA LEU C 391 25.67 -6.89 -5.59
C LEU C 391 26.77 -7.61 -4.79
N ASP C 392 27.76 -6.85 -4.34
CA ASP C 392 28.95 -7.46 -3.74
C ASP C 392 28.66 -8.00 -2.34
N HIS C 393 27.76 -7.35 -1.62
CA HIS C 393 27.40 -7.83 -0.28
C HIS C 393 26.58 -9.11 -0.36
N LYS C 394 25.88 -9.32 -1.47
CA LYS C 394 25.15 -10.57 -1.67
C LYS C 394 26.10 -11.73 -1.87
N PHE C 395 27.15 -11.52 -2.65
CA PHE C 395 28.01 -12.62 -3.06
C PHE C 395 28.94 -13.05 -1.93
N ASP C 396 29.42 -12.09 -1.14
CA ASP C 396 30.44 -12.38 -0.15
C ASP C 396 29.88 -13.17 1.01
N LEU C 397 28.61 -12.94 1.35
CA LEU C 397 27.96 -13.74 2.38
C LEU C 397 27.75 -15.17 1.90
N MET C 398 27.42 -15.33 0.61
CA MET C 398 27.30 -16.67 0.05
C MET C 398 28.67 -17.31 -0.13
N TYR C 399 29.71 -16.48 -0.34
CA TYR C 399 31.06 -17.00 -0.46
C TYR C 399 31.64 -17.31 0.91
N ALA C 400 31.16 -16.63 1.97
CA ALA C 400 31.62 -16.96 3.31
C ALA C 400 31.03 -18.28 3.78
N LYS C 401 29.74 -18.48 3.52
CA LYS C 401 29.08 -19.74 3.85
C LYS C 401 29.48 -20.86 2.89
N ARG C 402 30.00 -20.51 1.71
CA ARG C 402 30.29 -21.43 0.61
C ARG C 402 29.07 -22.24 0.21
N ALA C 403 27.90 -21.60 0.22
CA ALA C 403 26.70 -22.22 -0.29
C ALA C 403 26.71 -22.18 -1.81
N PHE C 404 25.98 -23.12 -2.43
CA PHE C 404 25.76 -23.27 -3.86
C PHE C 404 27.02 -23.57 -4.66
N VAL C 405 28.17 -23.79 -4.00
CA VAL C 405 29.44 -23.89 -4.72
C VAL C 405 29.57 -25.26 -5.37
N HIS C 406 28.83 -26.25 -4.87
CA HIS C 406 28.89 -27.60 -5.43
C HIS C 406 28.23 -27.70 -6.79
N TRP C 407 27.38 -26.73 -7.15
CA TRP C 407 26.81 -26.75 -8.49
C TRP C 407 27.78 -26.28 -9.54
N TYR C 408 28.89 -25.65 -9.15
CA TYR C 408 29.90 -25.23 -10.10
C TYR C 408 31.22 -25.98 -9.98
N VAL C 409 31.61 -26.41 -8.78
CA VAL C 409 32.78 -27.25 -8.63
C VAL C 409 32.52 -28.61 -9.28
N GLY C 410 31.29 -29.12 -9.16
CA GLY C 410 30.87 -30.28 -9.93
C GLY C 410 30.80 -30.03 -11.41
N GLU C 411 30.65 -28.77 -11.83
CA GLU C 411 30.75 -28.40 -13.23
C GLU C 411 32.13 -27.89 -13.60
N GLY C 412 33.10 -28.00 -12.70
CA GLY C 412 34.47 -27.67 -13.02
C GLY C 412 34.88 -26.24 -12.80
N MET C 413 34.46 -25.62 -11.71
CA MET C 413 34.88 -24.26 -11.40
C MET C 413 35.75 -24.24 -10.15
N GLU C 414 36.49 -23.14 -10.00
CA GLU C 414 37.46 -22.98 -8.93
C GLU C 414 37.02 -21.88 -7.98
N GLU C 415 37.29 -22.07 -6.68
CA GLU C 415 36.90 -21.10 -5.67
C GLU C 415 37.71 -19.81 -5.80
N GLY C 416 38.99 -19.92 -6.12
CA GLY C 416 39.84 -18.75 -6.29
C GLY C 416 39.46 -17.91 -7.49
N GLU C 417 38.85 -18.50 -8.51
CA GLU C 417 38.28 -17.75 -9.61
C GLU C 417 37.15 -16.85 -9.15
N PHE C 418 36.40 -17.29 -8.15
CA PHE C 418 35.22 -16.57 -7.69
C PHE C 418 35.63 -15.31 -6.94
N SER C 419 36.61 -15.43 -6.06
CA SER C 419 37.13 -14.26 -5.35
C SER C 419 37.90 -13.34 -6.27
N GLU C 420 38.53 -13.90 -7.31
CA GLU C 420 39.26 -13.08 -8.28
C GLU C 420 38.32 -12.21 -9.08
N ALA C 421 37.18 -12.78 -9.50
CA ALA C 421 36.16 -11.99 -10.17
C ALA C 421 35.51 -11.02 -9.20
N ARG C 422 35.49 -11.35 -7.91
CA ARG C 422 35.09 -10.38 -6.90
C ARG C 422 36.13 -9.28 -6.78
N GLU C 423 37.41 -9.63 -6.90
CA GLU C 423 38.44 -8.59 -6.97
C GLU C 423 38.37 -7.83 -8.28
N ASP C 424 37.93 -8.49 -9.35
CA ASP C 424 37.59 -7.76 -10.57
C ASP C 424 36.37 -6.87 -10.35
N MET C 425 35.41 -7.36 -9.56
CA MET C 425 34.29 -6.53 -9.14
C MET C 425 34.76 -5.44 -8.19
N ALA C 426 35.77 -5.74 -7.37
CA ALA C 426 36.34 -4.73 -6.50
C ALA C 426 37.11 -3.70 -7.31
N ALA C 427 37.84 -4.14 -8.34
CA ALA C 427 38.55 -3.22 -9.20
C ALA C 427 37.58 -2.41 -10.05
N LEU C 428 36.41 -2.96 -10.34
CA LEU C 428 35.35 -2.20 -10.98
C LEU C 428 34.89 -1.04 -10.10
N GLU C 429 34.79 -1.28 -8.79
CA GLU C 429 34.47 -0.20 -7.87
C GLU C 429 35.66 0.74 -7.72
N LYS C 430 36.88 0.23 -7.92
CA LYS C 430 38.05 1.11 -7.96
C LYS C 430 38.04 1.98 -9.20
N ASP C 431 37.42 1.52 -10.29
CA ASP C 431 37.40 2.29 -11.54
C ASP C 431 36.59 3.56 -11.40
N TYR C 432 35.39 3.47 -10.86
CA TYR C 432 34.55 4.66 -10.75
C TYR C 432 34.87 5.44 -9.49
N GLU C 433 35.68 4.85 -8.60
CA GLU C 433 36.26 5.63 -7.51
C GLU C 433 37.27 6.63 -8.03
N GLU C 434 38.13 6.19 -8.95
CA GLU C 434 39.16 7.09 -9.51
C GLU C 434 38.54 8.19 -10.35
N VAL C 435 37.36 7.92 -10.92
CA VAL C 435 36.60 8.98 -11.57
C VAL C 435 36.06 9.96 -10.54
N GLY C 436 35.49 9.43 -9.45
CA GLY C 436 34.88 10.26 -8.45
C GLY C 436 35.85 11.05 -7.60
N VAL C 437 37.02 10.47 -7.32
CA VAL C 437 37.99 11.16 -6.46
C VAL C 437 38.67 12.29 -7.22
N ASP C 438 39.31 11.97 -8.34
CA ASP C 438 40.08 12.99 -9.03
C ASP C 438 39.20 13.80 -9.97
N SER C 439 39.48 15.09 -10.01
CA SER C 439 38.76 16.02 -10.86
C SER C 439 39.75 16.98 -11.52
N ARG D 2 13.15 -33.87 -22.69
CA ARG D 2 12.89 -33.32 -21.37
C ARG D 2 11.74 -34.09 -20.72
N GLU D 3 11.94 -35.39 -20.51
CA GLU D 3 10.83 -36.27 -20.16
C GLU D 3 10.99 -36.83 -18.75
N ILE D 4 9.86 -37.28 -18.20
CA ILE D 4 9.76 -37.70 -16.81
C ILE D 4 9.21 -39.11 -16.76
N VAL D 5 9.85 -39.98 -15.96
CA VAL D 5 9.34 -41.30 -15.64
C VAL D 5 8.93 -41.33 -14.19
N HIS D 6 7.67 -41.70 -13.93
CA HIS D 6 7.12 -41.73 -12.58
C HIS D 6 6.99 -43.17 -12.12
N ILE D 7 8.04 -43.69 -11.49
CA ILE D 7 8.08 -45.05 -10.99
C ILE D 7 7.40 -45.10 -9.64
N GLN D 8 6.23 -45.71 -9.59
CA GLN D 8 5.40 -45.70 -8.39
C GLN D 8 5.60 -47.02 -7.65
N ALA D 9 5.69 -46.95 -6.33
CA ALA D 9 6.08 -48.11 -5.54
C ALA D 9 5.18 -48.28 -4.33
N GLY D 10 4.96 -49.54 -3.96
CA GLY D 10 4.29 -49.89 -2.73
C GLY D 10 2.78 -49.86 -2.83
N GLN D 11 2.15 -50.21 -1.70
CA GLN D 11 0.70 -50.09 -1.59
C GLN D 11 0.28 -48.63 -1.67
N CYS D 12 1.04 -47.75 -1.01
CA CYS D 12 0.72 -46.33 -0.98
C CYS D 12 1.01 -45.66 -2.31
N GLY D 13 2.27 -45.64 -2.74
CA GLY D 13 2.68 -44.75 -3.82
C GLY D 13 2.12 -45.14 -5.17
N ASN D 14 1.75 -46.41 -5.34
CA ASN D 14 0.94 -46.79 -6.48
C ASN D 14 -0.45 -46.19 -6.38
N GLN D 15 -1.08 -46.29 -5.21
CA GLN D 15 -2.40 -45.73 -5.02
C GLN D 15 -2.34 -44.21 -4.93
N ILE D 16 -1.25 -43.68 -4.36
CA ILE D 16 -1.01 -42.24 -4.40
C ILE D 16 -0.87 -41.76 -5.84
N GLY D 17 -0.07 -42.48 -6.62
CA GLY D 17 0.08 -42.11 -8.01
C GLY D 17 -1.09 -42.52 -8.88
N ALA D 18 -1.99 -43.34 -8.34
CA ALA D 18 -3.23 -43.65 -9.05
C ALA D 18 -4.10 -42.42 -9.20
N LYS D 19 -4.06 -41.53 -8.22
CA LYS D 19 -4.75 -40.26 -8.34
C LYS D 19 -3.98 -39.29 -9.24
N PHE D 20 -2.67 -39.52 -9.40
CA PHE D 20 -1.82 -38.55 -10.09
C PHE D 20 -2.12 -38.49 -11.58
N TRP D 21 -1.94 -39.61 -12.28
CA TRP D 21 -2.20 -39.62 -13.71
C TRP D 21 -3.69 -39.53 -14.01
N GLU D 22 -4.52 -39.86 -13.03
CA GLU D 22 -5.93 -39.52 -13.05
C GLU D 22 -6.14 -38.02 -13.24
N VAL D 23 -5.32 -37.20 -12.58
CA VAL D 23 -5.37 -35.76 -12.81
C VAL D 23 -4.82 -35.41 -14.18
N ILE D 24 -3.74 -36.10 -14.58
CA ILE D 24 -2.95 -35.69 -15.75
C ILE D 24 -3.74 -35.87 -17.04
N SER D 25 -4.45 -37.00 -17.17
CA SER D 25 -5.33 -37.17 -18.33
C SER D 25 -6.50 -36.22 -18.27
N ASP D 26 -6.98 -35.92 -17.07
CA ASP D 26 -8.02 -34.92 -16.92
C ASP D 26 -7.45 -33.52 -17.11
N GLU D 27 -6.15 -33.34 -16.85
CA GLU D 27 -5.49 -32.06 -17.09
C GLU D 27 -5.45 -31.75 -18.58
N HIS D 28 -5.40 -32.78 -19.42
CA HIS D 28 -5.21 -32.59 -20.84
C HIS D 28 -6.38 -33.11 -21.66
N GLY D 29 -7.45 -33.56 -21.01
CA GLY D 29 -8.66 -33.94 -21.71
C GLY D 29 -8.53 -35.18 -22.55
N ILE D 30 -8.05 -36.28 -21.97
CA ILE D 30 -7.69 -37.48 -22.71
C ILE D 30 -8.61 -38.60 -22.27
N ASP D 31 -9.07 -39.40 -23.24
CA ASP D 31 -9.91 -40.56 -23.00
C ASP D 31 -9.19 -41.56 -22.09
N PRO D 32 -9.92 -42.34 -21.28
CA PRO D 32 -9.30 -43.41 -20.47
C PRO D 32 -8.57 -44.48 -21.25
N THR D 33 -8.83 -44.60 -22.55
CA THR D 33 -8.08 -45.49 -23.42
C THR D 33 -6.85 -44.83 -24.03
N GLY D 34 -6.71 -43.51 -23.89
CA GLY D 34 -5.55 -42.78 -24.36
C GLY D 34 -5.79 -41.89 -25.54
N SER D 35 -7.04 -41.61 -25.89
CA SER D 35 -7.35 -40.76 -27.01
C SER D 35 -7.52 -39.31 -26.56
N TYR D 36 -6.86 -38.41 -27.27
CA TYR D 36 -6.91 -36.99 -26.97
C TYR D 36 -8.25 -36.42 -27.39
N HIS D 37 -8.85 -35.62 -26.50
CA HIS D 37 -10.10 -34.94 -26.81
C HIS D 37 -10.09 -33.49 -26.38
N GLY D 38 -8.95 -32.96 -25.99
CA GLY D 38 -8.87 -31.56 -25.60
C GLY D 38 -8.89 -30.64 -26.80
N ASP D 39 -8.82 -29.34 -26.55
CA ASP D 39 -8.86 -28.35 -27.63
C ASP D 39 -7.70 -27.36 -27.59
N SER D 40 -6.64 -27.64 -26.83
CA SER D 40 -5.53 -26.72 -26.70
C SER D 40 -4.24 -27.35 -27.21
N ASP D 41 -3.40 -26.51 -27.82
CA ASP D 41 -2.08 -26.97 -28.22
C ASP D 41 -1.15 -27.08 -27.03
N LEU D 42 -1.48 -26.38 -25.93
CA LEU D 42 -0.77 -26.56 -24.67
C LEU D 42 -0.96 -27.98 -24.14
N GLN D 43 -2.16 -28.53 -24.32
CA GLN D 43 -2.41 -29.91 -23.94
C GLN D 43 -1.92 -30.88 -25.02
N LEU D 44 -1.43 -30.35 -26.14
CA LEU D 44 -1.08 -31.17 -27.28
C LEU D 44 0.42 -31.20 -27.55
N GLU D 45 1.12 -30.10 -27.26
CA GLU D 45 2.54 -30.04 -27.59
C GLU D 45 3.40 -30.78 -26.57
N ARG D 46 3.10 -30.62 -25.28
CA ARG D 46 3.91 -31.15 -24.20
C ARG D 46 3.44 -32.53 -23.75
N ILE D 47 2.85 -33.30 -24.65
CA ILE D 47 2.46 -34.67 -24.36
C ILE D 47 3.70 -35.53 -24.14
N ASN D 48 4.77 -35.21 -24.88
CA ASN D 48 6.04 -35.94 -24.93
C ASN D 48 6.68 -36.13 -23.57
N VAL D 49 6.58 -35.11 -22.71
CA VAL D 49 7.17 -35.13 -21.38
C VAL D 49 6.55 -36.24 -20.55
N TYR D 50 5.25 -36.46 -20.71
CA TYR D 50 4.55 -37.45 -19.91
C TYR D 50 4.15 -38.71 -20.66
N TYR D 51 3.66 -38.60 -21.88
CA TYR D 51 3.01 -39.73 -22.53
C TYR D 51 3.79 -40.18 -23.76
N ASN D 52 3.67 -41.46 -24.07
CA ASN D 52 4.22 -42.03 -25.28
C ASN D 52 3.09 -42.24 -26.28
N GLU D 53 3.11 -41.50 -27.38
CA GLU D 53 2.05 -41.58 -28.38
C GLU D 53 2.23 -42.85 -29.21
N ALA D 54 1.19 -43.69 -29.23
CA ALA D 54 1.12 -44.84 -30.10
C ALA D 54 0.32 -44.49 -31.35
N ALA D 55 0.23 -45.44 -32.27
CA ALA D 55 -0.51 -45.23 -33.50
C ALA D 55 -2.01 -45.16 -33.22
N GLY D 56 -2.67 -44.22 -33.88
CA GLY D 56 -4.10 -44.05 -33.70
C GLY D 56 -4.49 -43.28 -32.47
N ASN D 57 -3.67 -42.30 -32.05
CA ASN D 57 -3.92 -41.41 -30.89
C ASN D 57 -4.09 -42.23 -29.61
N LYS D 58 -3.03 -42.93 -29.22
CA LYS D 58 -2.99 -43.64 -27.96
C LYS D 58 -1.75 -43.23 -27.19
N TYR D 59 -1.94 -42.77 -25.97
CA TYR D 59 -0.89 -42.13 -25.19
C TYR D 59 -0.50 -43.02 -24.03
N VAL D 60 0.69 -43.61 -24.11
CA VAL D 60 1.17 -44.55 -23.11
C VAL D 60 1.75 -43.75 -21.96
N PRO D 61 1.22 -43.88 -20.74
CA PRO D 61 1.78 -43.14 -19.60
C PRO D 61 3.15 -43.68 -19.22
N ARG D 62 4.14 -42.79 -19.24
CA ARG D 62 5.52 -43.14 -18.95
C ARG D 62 5.69 -43.22 -17.44
N ALA D 63 5.15 -44.28 -16.86
CA ALA D 63 5.07 -44.45 -15.42
C ALA D 63 5.04 -45.93 -15.11
N ILE D 64 5.68 -46.30 -14.01
CA ILE D 64 5.92 -47.69 -13.68
C ILE D 64 5.30 -48.01 -12.32
N LEU D 65 4.53 -49.09 -12.26
CA LEU D 65 3.90 -49.55 -11.03
C LEU D 65 4.72 -50.70 -10.46
N VAL D 66 5.26 -50.49 -9.25
CA VAL D 66 6.18 -51.44 -8.63
C VAL D 66 5.56 -51.95 -7.35
N ASP D 67 5.40 -53.27 -7.25
CA ASP D 67 4.99 -53.93 -6.02
C ASP D 67 5.38 -55.39 -6.13
N LEU D 68 5.53 -56.03 -4.97
CA LEU D 68 5.66 -57.48 -4.89
C LEU D 68 4.31 -58.17 -4.74
N GLU D 69 3.22 -57.43 -4.91
CA GLU D 69 1.87 -57.96 -4.86
C GLU D 69 1.04 -57.31 -5.95
N PRO D 70 0.27 -58.11 -6.71
CA PRO D 70 -0.54 -57.53 -7.78
C PRO D 70 -1.74 -56.74 -7.30
N GLY D 71 -2.24 -57.01 -6.09
CA GLY D 71 -3.51 -56.55 -5.57
C GLY D 71 -3.83 -55.08 -5.67
N THR D 72 -2.84 -54.23 -5.40
CA THR D 72 -3.01 -52.80 -5.61
C THR D 72 -3.14 -52.47 -7.09
N MET D 73 -2.25 -53.04 -7.91
CA MET D 73 -2.29 -52.83 -9.35
C MET D 73 -3.50 -53.50 -9.98
N ASP D 74 -4.03 -54.54 -9.34
CA ASP D 74 -5.25 -55.18 -9.84
C ASP D 74 -6.43 -54.22 -9.75
N SER D 75 -6.56 -53.52 -8.63
CA SER D 75 -7.62 -52.53 -8.47
C SER D 75 -7.42 -51.34 -9.40
N VAL D 76 -6.17 -51.02 -9.71
CA VAL D 76 -5.87 -50.06 -10.77
C VAL D 76 -6.34 -50.60 -12.11
N ARG D 77 -6.04 -51.87 -12.37
CA ARG D 77 -6.38 -52.46 -13.66
C ARG D 77 -7.88 -52.74 -13.77
N SER D 78 -8.48 -53.27 -12.70
CA SER D 78 -9.92 -53.56 -12.74
C SER D 78 -10.73 -52.27 -12.67
N GLY D 79 -10.18 -51.24 -12.06
CA GLY D 79 -10.85 -49.95 -12.02
C GLY D 79 -10.60 -49.16 -13.29
N PRO D 80 -11.15 -47.94 -13.35
CA PRO D 80 -10.86 -47.08 -14.49
C PRO D 80 -9.43 -46.58 -14.46
N PHE D 81 -8.98 -46.07 -15.61
CA PHE D 81 -7.67 -45.46 -15.88
C PHE D 81 -6.50 -46.43 -15.79
N GLY D 82 -6.74 -47.71 -15.50
CA GLY D 82 -5.71 -48.72 -15.75
C GLY D 82 -5.73 -49.20 -17.18
N GLN D 83 -6.77 -48.82 -17.92
CA GLN D 83 -6.90 -49.22 -19.32
C GLN D 83 -5.92 -48.48 -20.21
N ILE D 84 -5.51 -47.27 -19.82
CA ILE D 84 -4.45 -46.57 -20.54
C ILE D 84 -3.09 -47.19 -20.25
N PHE D 85 -2.96 -47.93 -19.16
CA PHE D 85 -1.70 -48.53 -18.77
C PHE D 85 -1.45 -49.80 -19.57
N ARG D 86 -0.27 -49.91 -20.13
CA ARG D 86 0.07 -51.14 -20.81
C ARG D 86 0.44 -52.22 -19.79
N PRO D 87 0.29 -53.49 -20.14
CA PRO D 87 0.70 -54.56 -19.21
C PRO D 87 2.20 -54.64 -18.96
N ASP D 88 3.01 -53.96 -19.78
CA ASP D 88 4.43 -53.88 -19.49
C ASP D 88 4.72 -53.06 -18.25
N ASN D 89 3.82 -52.15 -17.88
CA ASN D 89 3.90 -51.43 -16.62
C ASN D 89 3.41 -52.25 -15.45
N PHE D 90 2.88 -53.44 -15.72
CA PHE D 90 2.28 -54.30 -14.68
C PHE D 90 3.31 -55.38 -14.36
N VAL D 91 4.25 -55.05 -13.48
CA VAL D 91 5.33 -55.96 -13.12
C VAL D 91 5.23 -56.22 -11.62
N PHE D 92 5.16 -57.50 -11.25
CA PHE D 92 5.10 -57.88 -9.85
C PHE D 92 5.67 -59.28 -9.67
N GLY D 93 5.94 -59.62 -8.41
CA GLY D 93 6.27 -60.96 -8.01
C GLY D 93 5.27 -61.51 -7.02
N GLN D 94 5.67 -62.59 -6.36
CA GLN D 94 4.85 -63.23 -5.34
C GLN D 94 5.75 -64.08 -4.44
N SER D 95 5.68 -63.89 -3.12
CA SER D 95 4.74 -62.97 -2.46
C SER D 95 5.36 -61.64 -2.08
N GLY D 96 4.59 -60.84 -1.34
CA GLY D 96 5.05 -59.56 -0.88
C GLY D 96 6.05 -59.66 0.26
N ALA D 97 6.76 -58.56 0.48
CA ALA D 97 7.72 -58.52 1.58
C ALA D 97 7.00 -58.37 2.92
N GLY D 98 5.76 -57.90 2.90
CA GLY D 98 5.01 -57.68 4.11
C GLY D 98 5.55 -56.51 4.90
N ASN D 99 5.75 -55.38 4.20
CA ASN D 99 6.28 -54.12 4.73
C ASN D 99 7.66 -54.28 5.37
N ASN D 100 8.45 -55.23 4.90
CA ASN D 100 9.74 -55.55 5.50
C ASN D 100 10.85 -54.98 4.63
N TRP D 101 11.78 -54.26 5.26
CA TRP D 101 12.83 -53.59 4.51
C TRP D 101 13.86 -54.57 4.00
N ALA D 102 14.37 -55.43 4.87
CA ALA D 102 15.42 -56.36 4.49
C ALA D 102 14.89 -57.45 3.56
N LYS D 103 13.60 -57.76 3.66
CA LYS D 103 12.99 -58.58 2.62
C LYS D 103 12.85 -57.81 1.32
N GLY D 104 12.46 -56.54 1.39
CA GLY D 104 12.29 -55.77 0.17
C GLY D 104 13.60 -55.31 -0.42
N HIS D 105 14.43 -54.64 0.38
CA HIS D 105 15.64 -54.04 -0.16
C HIS D 105 16.72 -55.07 -0.42
N TYR D 106 16.82 -56.08 0.44
CA TYR D 106 18.03 -56.88 0.42
C TYR D 106 17.83 -58.26 -0.19
N THR D 107 16.78 -59.00 0.18
CA THR D 107 16.66 -60.39 -0.26
C THR D 107 15.66 -60.53 -1.39
N GLU D 108 14.38 -60.20 -1.20
CA GLU D 108 13.38 -60.70 -2.14
C GLU D 108 13.18 -59.75 -3.30
N GLY D 109 13.13 -58.45 -3.02
CA GLY D 109 12.83 -57.47 -4.05
C GLY D 109 13.90 -57.27 -5.09
N ALA D 110 15.14 -57.67 -4.79
CA ALA D 110 16.25 -57.45 -5.70
C ALA D 110 16.11 -58.25 -6.99
N GLU D 111 15.40 -59.38 -6.93
CA GLU D 111 15.20 -60.19 -8.11
C GLU D 111 14.20 -59.54 -9.06
N LEU D 112 13.16 -58.92 -8.51
CA LEU D 112 12.14 -58.31 -9.36
C LEU D 112 12.63 -56.98 -9.94
N VAL D 113 13.47 -56.27 -9.19
CA VAL D 113 14.04 -54.98 -9.62
C VAL D 113 14.85 -55.14 -10.91
N ASP D 114 15.54 -56.28 -11.04
CA ASP D 114 16.30 -56.58 -12.25
C ASP D 114 15.39 -56.72 -13.46
N SER D 115 14.17 -57.23 -13.25
CA SER D 115 13.17 -57.19 -14.31
C SER D 115 12.59 -55.79 -14.47
N VAL D 116 12.49 -55.03 -13.38
CA VAL D 116 11.93 -53.69 -13.46
C VAL D 116 12.89 -52.73 -14.15
N LEU D 117 14.18 -52.80 -13.78
CA LEU D 117 15.18 -51.92 -14.39
C LEU D 117 15.38 -52.21 -15.87
N ASP D 118 15.07 -53.43 -16.31
CA ASP D 118 15.07 -53.71 -17.73
C ASP D 118 13.94 -52.97 -18.43
N VAL D 119 12.77 -52.89 -17.79
CA VAL D 119 11.64 -52.13 -18.34
C VAL D 119 11.96 -50.64 -18.33
N VAL D 120 12.75 -50.21 -17.34
CA VAL D 120 13.31 -48.86 -17.37
C VAL D 120 14.22 -48.70 -18.59
N ARG D 121 15.07 -49.71 -18.83
CA ARG D 121 15.93 -49.69 -20.02
C ARG D 121 15.11 -49.85 -21.29
N LYS D 122 13.96 -50.52 -21.19
CA LYS D 122 13.03 -50.57 -22.32
C LYS D 122 12.47 -49.19 -22.62
N GLU D 123 12.12 -48.43 -21.59
CA GLU D 123 11.48 -47.15 -21.84
C GLU D 123 12.50 -46.07 -22.14
N SER D 124 13.65 -46.09 -21.46
CA SER D 124 14.66 -45.05 -21.63
C SER D 124 15.29 -45.07 -23.02
N GLU D 125 15.39 -46.25 -23.64
CA GLU D 125 15.82 -46.31 -25.02
C GLU D 125 14.75 -45.78 -25.96
N SER D 126 13.48 -45.94 -25.58
CA SER D 126 12.41 -45.31 -26.34
C SER D 126 12.34 -43.81 -26.07
N CYS D 127 12.90 -43.36 -24.96
CA CYS D 127 12.94 -41.93 -24.67
C CYS D 127 14.00 -41.24 -25.52
N ASP D 128 13.63 -40.10 -26.08
CA ASP D 128 14.54 -39.28 -26.87
C ASP D 128 15.40 -38.38 -25.99
N CYS D 129 14.78 -37.66 -25.07
CA CYS D 129 15.50 -36.68 -24.25
C CYS D 129 14.96 -36.78 -22.82
N LEU D 130 15.78 -37.32 -21.93
CA LEU D 130 15.41 -37.45 -20.54
C LEU D 130 15.71 -36.17 -19.78
N GLN D 131 14.94 -35.91 -18.74
CA GLN D 131 15.21 -34.80 -17.84
C GLN D 131 15.40 -35.27 -16.40
N GLY D 132 14.59 -36.25 -15.99
CA GLY D 132 14.69 -36.76 -14.64
C GLY D 132 13.68 -37.85 -14.39
N PHE D 133 13.90 -38.59 -13.30
CA PHE D 133 13.06 -39.72 -12.95
C PHE D 133 12.37 -39.47 -11.63
N GLN D 134 11.07 -39.75 -11.59
CA GLN D 134 10.20 -39.46 -10.46
C GLN D 134 9.84 -40.75 -9.75
N LEU D 135 9.82 -40.73 -8.42
CA LEU D 135 9.36 -41.85 -7.63
C LEU D 135 8.35 -41.39 -6.59
N THR D 136 7.60 -42.34 -6.05
CA THR D 136 6.56 -42.06 -5.05
C THR D 136 6.35 -43.31 -4.19
N HIS D 137 6.48 -43.14 -2.88
CA HIS D 137 6.30 -44.22 -1.92
C HIS D 137 6.09 -43.61 -0.55
N SER D 138 6.22 -44.44 0.48
CA SER D 138 6.26 -43.99 1.87
C SER D 138 7.62 -44.32 2.47
N LEU D 139 7.94 -43.69 3.59
CA LEU D 139 9.17 -44.02 4.29
C LEU D 139 9.05 -45.35 5.02
N GLY D 140 7.87 -45.67 5.50
CA GLY D 140 7.65 -46.91 6.21
C GLY D 140 7.17 -48.04 5.32
N GLY D 141 7.37 -47.88 4.02
CA GLY D 141 6.99 -48.90 3.05
C GLY D 141 8.11 -49.90 2.83
N GLY D 142 7.79 -51.18 3.00
CA GLY D 142 8.76 -52.22 2.72
C GLY D 142 9.06 -52.33 1.23
N THR D 143 8.04 -52.67 0.45
CA THR D 143 8.19 -52.71 -1.00
C THR D 143 8.23 -51.31 -1.61
N GLY D 144 7.68 -50.32 -0.91
CA GLY D 144 7.68 -48.96 -1.45
C GLY D 144 9.05 -48.31 -1.35
N SER D 145 9.64 -48.32 -0.16
CA SER D 145 10.90 -47.63 0.03
C SER D 145 12.10 -48.53 -0.23
N GLY D 146 12.11 -49.73 0.36
CA GLY D 146 13.23 -50.64 0.31
C GLY D 146 13.62 -51.06 -1.10
N MET D 147 12.62 -51.41 -1.89
CA MET D 147 12.87 -51.66 -3.31
C MET D 147 13.31 -50.38 -4.02
N GLY D 148 12.69 -49.24 -3.66
CA GLY D 148 13.02 -47.98 -4.29
C GLY D 148 14.41 -47.48 -3.93
N THR D 149 14.87 -47.78 -2.72
CA THR D 149 16.25 -47.48 -2.35
C THR D 149 17.23 -48.30 -3.17
N LEU D 150 16.84 -49.50 -3.60
CA LEU D 150 17.69 -50.25 -4.50
C LEU D 150 17.53 -49.75 -5.93
N LEU D 151 16.35 -49.21 -6.25
CA LEU D 151 16.12 -48.64 -7.58
C LEU D 151 17.00 -47.42 -7.83
N ILE D 152 16.95 -46.45 -6.91
CA ILE D 152 17.64 -45.18 -7.10
C ILE D 152 19.15 -45.40 -7.03
N SER D 153 19.59 -46.38 -6.25
CA SER D 153 21.01 -46.71 -6.16
C SER D 153 21.54 -47.25 -7.47
N LYS D 154 20.71 -47.94 -8.24
CA LYS D 154 21.15 -48.46 -9.53
C LYS D 154 20.93 -47.45 -10.64
N ILE D 155 19.89 -46.63 -10.54
CA ILE D 155 19.65 -45.60 -11.56
C ILE D 155 20.73 -44.52 -11.48
N ARG D 156 21.16 -44.17 -10.26
CA ARG D 156 22.25 -43.22 -10.09
C ARG D 156 23.56 -43.80 -10.65
N GLU D 157 23.73 -45.11 -10.54
CA GLU D 157 24.84 -45.78 -11.24
C GLU D 157 24.66 -45.69 -12.75
N GLU D 158 23.41 -45.80 -13.21
CA GLU D 158 23.15 -45.65 -14.63
C GLU D 158 23.23 -44.18 -15.04
N TYR D 159 22.36 -43.34 -14.48
CA TYR D 159 22.16 -41.97 -14.92
C TYR D 159 22.44 -41.03 -13.77
N PRO D 160 23.70 -40.61 -13.59
CA PRO D 160 24.00 -39.66 -12.51
C PRO D 160 23.53 -38.26 -12.81
N ASP D 161 23.16 -37.98 -14.06
CA ASP D 161 22.93 -36.63 -14.54
C ASP D 161 21.48 -36.17 -14.44
N ARG D 162 20.54 -37.09 -14.28
CA ARG D 162 19.12 -36.72 -14.34
C ARG D 162 18.62 -36.28 -12.98
N ILE D 163 17.45 -35.65 -12.99
CA ILE D 163 16.81 -35.19 -11.77
C ILE D 163 16.27 -36.39 -11.01
N MET D 164 16.84 -36.66 -9.85
CA MET D 164 16.42 -37.80 -9.05
C MET D 164 15.59 -37.30 -7.87
N ASN D 165 14.27 -37.34 -8.02
CA ASN D 165 13.37 -37.00 -6.95
C ASN D 165 12.44 -38.18 -6.63
N THR D 166 12.14 -38.32 -5.35
CA THR D 166 11.13 -39.26 -4.90
C THR D 166 10.17 -38.50 -4.01
N PHE D 167 8.94 -39.01 -3.92
CA PHE D 167 7.93 -38.41 -3.07
C PHE D 167 7.57 -39.40 -1.97
N SER D 168 8.19 -39.22 -0.81
CA SER D 168 8.08 -40.18 0.28
C SER D 168 7.15 -39.64 1.36
N VAL D 169 6.37 -40.54 1.96
CA VAL D 169 5.44 -40.18 3.01
C VAL D 169 6.13 -40.35 4.36
N VAL D 170 6.21 -39.26 5.12
CA VAL D 170 6.77 -39.26 6.46
C VAL D 170 5.77 -39.98 7.37
N PRO D 171 6.22 -40.94 8.19
CA PRO D 171 5.29 -41.63 9.10
C PRO D 171 4.74 -40.70 10.17
N SER D 172 3.43 -40.76 10.36
CA SER D 172 2.66 -40.00 11.33
C SER D 172 2.76 -40.63 12.72
N PRO D 173 2.95 -39.82 13.76
CA PRO D 173 2.85 -40.35 15.13
C PRO D 173 1.46 -40.85 15.49
N LYS D 174 0.42 -40.34 14.83
CA LYS D 174 -0.93 -40.83 15.06
C LYS D 174 -1.30 -42.03 14.20
N VAL D 175 -0.66 -42.19 13.04
CA VAL D 175 -1.02 -43.28 12.14
C VAL D 175 0.06 -44.35 12.20
N SER D 176 -0.25 -45.45 12.87
CA SER D 176 0.67 -46.56 13.01
C SER D 176 -0.04 -47.88 12.71
N ASP D 177 0.64 -48.73 11.93
CA ASP D 177 0.16 -50.07 11.67
C ASP D 177 1.18 -51.12 12.12
N THR D 178 2.46 -50.84 11.96
CA THR D 178 3.51 -51.70 12.46
C THR D 178 4.43 -50.93 13.40
N VAL D 179 5.23 -51.69 14.16
CA VAL D 179 6.09 -51.08 15.16
C VAL D 179 7.48 -50.83 14.59
N VAL D 180 7.82 -51.54 13.52
CA VAL D 180 9.14 -51.44 12.89
C VAL D 180 9.09 -50.44 11.74
N GLU D 181 8.05 -49.61 11.73
CA GLU D 181 8.02 -48.49 10.80
C GLU D 181 9.13 -47.47 11.00
N PRO D 182 9.58 -47.11 12.23
CA PRO D 182 10.81 -46.30 12.31
C PRO D 182 12.08 -47.03 11.91
N TYR D 183 12.09 -48.36 11.90
CA TYR D 183 13.22 -49.07 11.30
C TYR D 183 13.28 -48.81 9.81
N ASN D 184 12.11 -48.73 9.17
CA ASN D 184 12.05 -48.60 7.72
C ASN D 184 12.43 -47.19 7.28
N ALA D 185 12.01 -46.19 8.05
CA ALA D 185 12.29 -44.81 7.67
C ALA D 185 13.76 -44.47 7.92
N THR D 186 14.35 -45.08 8.94
CA THR D 186 15.77 -44.83 9.22
C THR D 186 16.65 -45.42 8.14
N LEU D 187 16.34 -46.65 7.70
CA LEU D 187 17.15 -47.30 6.68
C LEU D 187 16.89 -46.70 5.31
N SER D 188 15.76 -46.00 5.15
CA SER D 188 15.50 -45.28 3.91
C SER D 188 16.46 -44.09 3.75
N VAL D 189 16.39 -43.16 4.71
CA VAL D 189 17.11 -41.89 4.62
C VAL D 189 18.62 -42.12 4.69
N HIS D 190 19.03 -43.24 5.28
CA HIS D 190 20.41 -43.68 5.23
C HIS D 190 20.89 -43.89 3.80
N GLN D 191 19.98 -44.25 2.89
CA GLN D 191 20.36 -44.34 1.49
C GLN D 191 19.72 -43.24 0.64
N LEU D 192 18.65 -42.61 1.12
CA LEU D 192 17.98 -41.59 0.33
C LEU D 192 18.80 -40.31 0.26
N VAL D 193 19.64 -40.06 1.26
CA VAL D 193 20.53 -38.91 1.19
C VAL D 193 21.60 -39.11 0.12
N GLU D 194 22.21 -40.28 0.10
CA GLU D 194 23.36 -40.50 -0.77
C GLU D 194 22.95 -40.75 -2.21
N ASN D 195 21.69 -41.11 -2.46
CA ASN D 195 21.28 -41.54 -3.78
C ASN D 195 20.37 -40.54 -4.49
N THR D 196 19.58 -39.77 -3.76
CA THR D 196 18.61 -38.89 -4.38
C THR D 196 19.17 -37.47 -4.46
N ASP D 197 18.55 -36.68 -5.32
CA ASP D 197 18.89 -35.27 -5.47
C ASP D 197 18.01 -34.36 -4.63
N GLU D 198 16.75 -34.75 -4.43
CA GLU D 198 15.77 -33.99 -3.66
C GLU D 198 14.59 -34.89 -3.36
N THR D 199 13.77 -34.49 -2.39
CA THR D 199 12.53 -35.18 -2.07
C THR D 199 11.59 -34.26 -1.31
N TYR D 200 10.37 -34.72 -1.11
CA TYR D 200 9.37 -33.99 -0.35
C TYR D 200 9.10 -34.72 0.96
N CYS D 201 8.48 -34.02 1.90
CA CYS D 201 8.06 -34.60 3.17
C CYS D 201 6.55 -34.57 3.24
N ILE D 202 5.94 -35.75 3.37
CA ILE D 202 4.49 -35.92 3.28
C ILE D 202 3.99 -36.55 4.56
N ASP D 203 3.12 -35.85 5.28
CA ASP D 203 2.53 -36.38 6.51
C ASP D 203 1.01 -36.34 6.36
N ASN D 204 0.39 -37.53 6.39
CA ASN D 204 -1.05 -37.68 6.24
C ASN D 204 -1.78 -37.07 7.44
N GLU D 205 -1.13 -37.10 8.60
CA GLU D 205 -1.65 -36.44 9.79
C GLU D 205 -1.75 -34.93 9.57
N ALA D 206 -0.77 -34.34 8.88
CA ALA D 206 -0.90 -32.95 8.47
C ALA D 206 -1.96 -32.80 7.39
N LEU D 207 -2.09 -33.82 6.52
CA LEU D 207 -3.09 -33.75 5.47
C LEU D 207 -4.48 -34.00 6.02
N TYR D 208 -4.57 -34.60 7.21
CA TYR D 208 -5.84 -34.70 7.91
C TYR D 208 -6.35 -33.32 8.31
N ASP D 209 -5.47 -32.46 8.81
CA ASP D 209 -5.89 -31.15 9.30
C ASP D 209 -6.27 -30.23 8.16
N ILE D 210 -5.63 -30.39 7.00
CA ILE D 210 -5.89 -29.51 5.87
C ILE D 210 -7.30 -29.76 5.33
N CYS D 211 -7.70 -31.03 5.26
CA CYS D 211 -9.05 -31.36 4.82
C CYS D 211 -10.08 -30.93 5.87
N PHE D 212 -9.68 -30.95 7.14
CA PHE D 212 -10.64 -30.77 8.21
C PHE D 212 -10.68 -29.35 8.74
N ARG D 213 -9.52 -28.76 9.04
CA ARG D 213 -9.52 -27.41 9.60
C ARG D 213 -9.67 -26.37 8.50
N THR D 214 -9.05 -26.58 7.35
CA THR D 214 -9.07 -25.57 6.30
C THR D 214 -10.09 -25.86 5.21
N LEU D 215 -10.32 -27.13 4.88
CA LEU D 215 -11.27 -27.47 3.82
C LEU D 215 -12.60 -27.97 4.35
N LYS D 216 -12.68 -28.26 5.65
CA LYS D 216 -13.91 -28.68 6.35
C LYS D 216 -14.50 -29.95 5.75
N LEU D 217 -13.64 -30.88 5.34
CA LEU D 217 -14.08 -32.13 4.77
C LEU D 217 -14.32 -33.16 5.86
N THR D 218 -15.30 -34.02 5.62
CA THR D 218 -15.77 -34.94 6.65
C THR D 218 -15.00 -36.25 6.69
N THR D 219 -14.92 -36.96 5.57
CA THR D 219 -14.31 -38.29 5.53
C THR D 219 -13.14 -38.27 4.55
N PRO D 220 -11.93 -38.00 5.04
CA PRO D 220 -10.76 -38.05 4.15
C PRO D 220 -10.37 -39.49 3.85
N THR D 221 -10.61 -39.91 2.62
CA THR D 221 -10.16 -41.22 2.16
C THR D 221 -8.72 -41.10 1.66
N TYR D 222 -8.16 -42.25 1.28
CA TYR D 222 -6.81 -42.25 0.70
C TYR D 222 -6.75 -41.49 -0.61
N GLY D 223 -7.77 -41.64 -1.46
CA GLY D 223 -7.79 -40.90 -2.71
C GLY D 223 -8.03 -39.41 -2.51
N ASP D 224 -8.86 -39.05 -1.54
CA ASP D 224 -9.17 -37.64 -1.31
C ASP D 224 -7.98 -36.90 -0.71
N LEU D 225 -7.21 -37.57 0.15
CA LEU D 225 -5.96 -37.00 0.63
C LEU D 225 -4.95 -36.90 -0.51
N ASN D 226 -4.88 -37.91 -1.36
CA ASN D 226 -3.92 -37.89 -2.45
C ASN D 226 -4.36 -36.99 -3.60
N HIS D 227 -5.66 -36.70 -3.70
CA HIS D 227 -6.13 -35.70 -4.66
C HIS D 227 -5.60 -34.33 -4.29
N LEU D 228 -5.46 -34.07 -2.99
CA LEU D 228 -4.72 -32.90 -2.53
C LEU D 228 -3.24 -33.01 -2.89
N VAL D 229 -2.69 -34.21 -2.79
CA VAL D 229 -1.26 -34.40 -3.06
C VAL D 229 -0.99 -34.27 -4.55
N SER D 230 -1.84 -34.91 -5.37
CA SER D 230 -1.60 -34.95 -6.82
C SER D 230 -1.74 -33.58 -7.46
N ALA D 231 -2.59 -32.71 -6.90
CA ALA D 231 -2.67 -31.34 -7.39
C ALA D 231 -1.37 -30.59 -7.09
N THR D 232 -0.76 -30.88 -5.93
CA THR D 232 0.54 -30.30 -5.63
C THR D 232 1.63 -30.97 -6.44
N MET D 233 1.49 -32.26 -6.74
CA MET D 233 2.43 -32.93 -7.62
C MET D 233 2.37 -32.37 -9.03
N SER D 234 1.15 -32.19 -9.55
CA SER D 234 0.99 -31.66 -10.91
C SER D 234 1.31 -30.18 -10.98
N GLY D 235 1.26 -29.48 -9.84
CA GLY D 235 1.57 -28.06 -9.87
C GLY D 235 3.03 -27.77 -10.08
N VAL D 236 3.89 -28.74 -9.74
CA VAL D 236 5.34 -28.51 -9.81
C VAL D 236 5.82 -28.63 -11.25
N THR D 237 5.62 -29.80 -11.85
CA THR D 237 6.32 -30.16 -13.07
C THR D 237 5.64 -29.67 -14.35
N THR D 238 4.34 -29.36 -14.30
CA THR D 238 3.69 -28.82 -15.48
C THR D 238 4.11 -27.39 -15.77
N CYS D 239 4.59 -26.67 -14.75
CA CYS D 239 5.19 -25.36 -14.96
C CYS D 239 6.47 -25.44 -15.77
N LEU D 240 7.23 -26.52 -15.61
CA LEU D 240 8.31 -26.82 -16.54
C LEU D 240 7.78 -27.10 -17.94
N ARG D 241 6.59 -27.70 -18.01
CA ARG D 241 6.02 -28.09 -19.29
C ARG D 241 5.30 -26.95 -19.95
N PHE D 242 4.32 -26.39 -19.27
CA PHE D 242 3.53 -25.30 -19.83
C PHE D 242 4.32 -24.00 -19.80
N PRO D 243 4.06 -23.09 -20.75
CA PRO D 243 4.82 -21.84 -20.81
C PRO D 243 4.53 -20.90 -19.64
N GLY D 244 5.50 -20.04 -19.35
CA GLY D 244 5.36 -19.05 -18.31
C GLY D 244 6.39 -17.96 -18.51
N GLN D 245 6.23 -16.87 -17.76
CA GLN D 245 7.25 -15.83 -17.76
C GLN D 245 8.50 -16.27 -17.01
N LEU D 246 8.34 -16.88 -15.84
CA LEU D 246 9.44 -17.43 -15.08
C LEU D 246 9.44 -18.93 -15.32
N ASN D 247 9.90 -19.34 -16.50
CA ASN D 247 10.06 -20.75 -16.80
C ASN D 247 11.22 -21.31 -16.01
N ALA D 248 10.91 -21.87 -14.85
CA ALA D 248 11.91 -22.36 -13.92
C ALA D 248 11.95 -23.88 -14.05
N ASP D 249 13.09 -24.40 -14.46
CA ASP D 249 13.32 -25.84 -14.45
C ASP D 249 13.32 -26.34 -13.01
N LEU D 250 12.96 -27.60 -12.86
CA LEU D 250 13.16 -28.26 -11.58
C LEU D 250 14.65 -28.40 -11.26
N ARG D 251 15.47 -28.53 -12.31
CA ARG D 251 16.90 -28.54 -12.10
C ARG D 251 17.42 -27.13 -11.79
N LYS D 252 16.78 -26.10 -12.36
CA LYS D 252 17.00 -24.74 -11.88
C LYS D 252 16.53 -24.59 -10.44
N LEU D 253 15.44 -25.27 -10.09
CA LEU D 253 14.92 -25.20 -8.74
C LEU D 253 15.86 -25.89 -7.77
N ALA D 254 16.41 -27.04 -8.18
CA ALA D 254 17.30 -27.80 -7.31
C ALA D 254 18.62 -27.08 -7.07
N VAL D 255 19.05 -26.25 -8.01
CA VAL D 255 20.23 -25.42 -7.74
C VAL D 255 19.89 -24.34 -6.73
N ASN D 256 18.76 -23.66 -6.92
CA ASN D 256 18.39 -22.54 -6.07
C ASN D 256 17.92 -22.95 -4.69
N MET D 257 17.40 -24.17 -4.53
CA MET D 257 16.83 -24.55 -3.24
C MET D 257 17.84 -25.25 -2.33
N VAL D 258 18.98 -25.70 -2.87
CA VAL D 258 19.86 -26.60 -2.14
C VAL D 258 21.19 -25.88 -1.93
N PRO D 259 21.46 -25.33 -0.74
CA PRO D 259 22.79 -24.77 -0.48
C PRO D 259 23.82 -25.80 -0.04
N PHE D 260 23.40 -26.86 0.65
CA PHE D 260 24.30 -27.92 1.07
C PHE D 260 23.75 -29.18 0.44
N PRO D 261 24.61 -29.99 -0.21
CA PRO D 261 24.12 -31.07 -1.09
C PRO D 261 23.36 -32.18 -0.39
N ARG D 262 23.61 -32.37 0.90
CA ARG D 262 22.87 -33.33 1.69
C ARG D 262 21.55 -32.77 2.20
N LEU D 263 21.37 -31.46 2.14
CA LEU D 263 20.21 -30.79 2.70
C LEU D 263 19.28 -30.43 1.54
N HIS D 264 18.41 -31.36 1.19
CA HIS D 264 17.58 -31.26 0.00
C HIS D 264 16.16 -31.73 0.27
N PHE D 265 15.63 -31.34 1.42
CA PHE D 265 14.31 -31.78 1.87
C PHE D 265 13.35 -30.61 1.80
N PHE D 266 12.17 -30.84 1.22
CA PHE D 266 11.27 -29.77 0.84
C PHE D 266 9.95 -29.86 1.59
N MET D 267 9.40 -28.68 1.89
CA MET D 267 8.13 -28.56 2.58
C MET D 267 7.08 -28.06 1.59
N PRO D 268 6.22 -28.94 1.09
CA PRO D 268 5.23 -28.51 0.10
C PRO D 268 4.06 -27.78 0.73
N GLY D 269 3.45 -26.92 -0.07
CA GLY D 269 2.26 -26.20 0.35
C GLY D 269 1.47 -25.77 -0.87
N PHE D 270 0.17 -25.60 -0.68
CA PHE D 270 -0.73 -25.24 -1.76
C PHE D 270 -1.60 -24.07 -1.33
N ALA D 271 -1.55 -22.97 -2.08
CA ALA D 271 -2.20 -21.78 -1.58
C ALA D 271 -3.72 -21.77 -1.78
N PRO D 272 -4.32 -21.99 -3.01
CA PRO D 272 -5.79 -21.81 -3.08
C PRO D 272 -6.55 -22.98 -2.45
N LEU D 273 -6.56 -23.01 -1.12
CA LEU D 273 -7.35 -23.96 -0.35
C LEU D 273 -8.48 -23.22 0.35
N THR D 274 -9.72 -23.54 -0.02
CA THR D 274 -10.86 -22.92 0.62
C THR D 274 -12.03 -23.89 0.60
N SER D 275 -12.95 -23.70 1.53
CA SER D 275 -14.14 -24.52 1.58
C SER D 275 -15.15 -24.06 0.54
N ARG D 276 -16.24 -24.82 0.42
CA ARG D 276 -17.24 -24.53 -0.60
C ARG D 276 -18.11 -23.34 -0.21
N GLY D 277 -18.22 -23.05 1.09
CA GLY D 277 -18.99 -21.90 1.52
C GLY D 277 -18.27 -20.59 1.27
N SER D 278 -16.94 -20.60 1.40
CA SER D 278 -16.17 -19.37 1.19
C SER D 278 -15.87 -19.14 -0.28
N GLN D 279 -16.37 -20.02 -1.16
CA GLN D 279 -16.33 -19.77 -2.59
C GLN D 279 -17.09 -18.49 -2.96
N GLN D 280 -18.20 -18.25 -2.30
CA GLN D 280 -18.97 -17.03 -2.48
C GLN D 280 -18.54 -15.92 -1.55
N TYR D 281 -17.53 -16.16 -0.71
CA TYR D 281 -17.14 -15.23 0.32
C TYR D 281 -15.72 -14.72 0.19
N ARG D 282 -14.93 -15.23 -0.75
CA ARG D 282 -13.52 -14.87 -0.84
C ARG D 282 -13.16 -14.51 -2.27
N ALA D 283 -12.44 -13.40 -2.41
CA ALA D 283 -11.87 -13.04 -3.70
C ALA D 283 -10.53 -13.73 -3.89
N LEU D 284 -10.17 -13.94 -5.16
CA LEU D 284 -8.94 -14.64 -5.53
C LEU D 284 -7.89 -13.60 -5.90
N THR D 285 -7.01 -13.28 -4.95
CA THR D 285 -5.89 -12.38 -5.19
C THR D 285 -4.60 -13.06 -4.76
N VAL D 286 -3.50 -12.53 -5.27
CA VAL D 286 -2.16 -12.96 -4.88
C VAL D 286 -1.88 -12.69 -3.40
N PRO D 287 -2.21 -11.52 -2.80
CA PRO D 287 -2.04 -11.41 -1.33
C PRO D 287 -2.93 -12.34 -0.52
N GLU D 288 -4.04 -12.78 -1.09
CA GLU D 288 -4.81 -13.86 -0.45
C GLU D 288 -4.03 -15.16 -0.49
N LEU D 289 -3.35 -15.43 -1.61
CA LEU D 289 -2.65 -16.69 -1.76
C LEU D 289 -1.36 -16.72 -0.94
N THR D 290 -0.59 -15.63 -0.96
CA THR D 290 0.68 -15.59 -0.24
C THR D 290 0.47 -15.59 1.26
N GLN D 291 -0.63 -15.03 1.73
CA GLN D 291 -1.04 -15.23 3.12
C GLN D 291 -1.28 -16.69 3.40
N GLN D 292 -1.94 -17.39 2.47
CA GLN D 292 -2.17 -18.82 2.61
C GLN D 292 -0.92 -19.61 2.27
N MET D 293 0.05 -18.99 1.60
CA MET D 293 1.36 -19.63 1.46
C MET D 293 2.12 -19.61 2.77
N PHE D 294 2.01 -18.52 3.52
CA PHE D 294 2.76 -18.42 4.76
C PHE D 294 2.07 -19.18 5.90
N ASP D 295 0.81 -19.57 5.68
CA ASP D 295 0.01 -20.25 6.69
C ASP D 295 0.63 -21.59 7.06
N ALA D 296 0.85 -21.77 8.37
CA ALA D 296 1.31 -23.06 8.89
C ALA D 296 0.26 -24.14 8.74
N LYS D 297 -1.01 -23.75 8.66
CA LYS D 297 -2.11 -24.69 8.52
C LYS D 297 -2.31 -25.17 7.09
N ASN D 298 -1.55 -24.65 6.13
CA ASN D 298 -1.57 -25.15 4.76
C ASN D 298 -0.35 -26.01 4.43
N MET D 299 0.53 -26.24 5.40
CA MET D 299 1.71 -27.06 5.17
C MET D 299 1.32 -28.53 5.14
N MET D 300 1.84 -29.24 4.15
CA MET D 300 1.52 -30.65 3.97
C MET D 300 2.30 -31.55 4.93
N ALA D 301 3.26 -31.00 5.66
CA ALA D 301 4.02 -31.74 6.65
C ALA D 301 3.77 -31.10 8.02
N ALA D 302 3.68 -31.95 9.04
CA ALA D 302 3.43 -31.49 10.40
C ALA D 302 4.73 -30.94 11.00
N CYS D 303 5.05 -29.71 10.61
CA CYS D 303 6.19 -28.98 11.13
C CYS D 303 5.77 -27.55 11.37
N ASP D 304 6.42 -26.89 12.33
CA ASP D 304 6.13 -25.50 12.64
C ASP D 304 7.09 -24.62 11.86
N PRO D 305 6.66 -23.93 10.80
CA PRO D 305 7.57 -23.07 10.05
C PRO D 305 7.96 -21.80 10.78
N ARG D 306 7.20 -21.40 11.80
CA ARG D 306 7.55 -20.28 12.64
C ARG D 306 8.59 -20.63 13.69
N HIS D 307 8.77 -21.90 13.99
CA HIS D 307 9.77 -22.37 14.95
C HIS D 307 11.17 -22.38 14.35
N GLY D 308 11.34 -23.11 13.25
CA GLY D 308 12.61 -23.12 12.53
C GLY D 308 12.78 -21.88 11.68
N ARG D 309 13.81 -21.92 10.84
CA ARG D 309 14.14 -20.82 9.94
C ARG D 309 14.18 -21.31 8.51
N TYR D 310 13.63 -20.50 7.60
CA TYR D 310 13.52 -20.88 6.20
C TYR D 310 14.89 -20.89 5.54
N LEU D 311 15.31 -22.06 5.10
CA LEU D 311 16.54 -22.15 4.31
C LEU D 311 16.31 -21.56 2.92
N THR D 312 15.44 -22.18 2.13
CA THR D 312 15.08 -21.70 0.80
C THR D 312 13.59 -21.87 0.60
N VAL D 313 13.01 -20.97 -0.22
CA VAL D 313 11.58 -20.94 -0.48
C VAL D 313 11.36 -20.88 -1.99
N ALA D 314 10.50 -21.75 -2.51
CA ALA D 314 10.08 -21.71 -3.90
C ALA D 314 8.63 -21.26 -3.99
N ALA D 315 8.34 -20.38 -4.95
CA ALA D 315 7.02 -19.81 -5.14
C ALA D 315 6.49 -20.22 -6.51
N VAL D 316 5.84 -21.37 -6.57
CA VAL D 316 5.28 -21.85 -7.82
C VAL D 316 3.92 -21.20 -8.04
N PHE D 317 3.79 -20.47 -9.15
CA PHE D 317 2.61 -19.66 -9.42
C PHE D 317 1.91 -20.10 -10.70
N ARG D 318 0.59 -20.01 -10.70
CA ARG D 318 -0.24 -20.40 -11.82
C ARG D 318 -1.25 -19.31 -12.12
N GLY D 319 -1.30 -18.86 -13.36
CA GLY D 319 -2.33 -17.94 -13.80
C GLY D 319 -1.77 -16.73 -14.50
N ARG D 320 -2.69 -15.85 -14.89
CA ARG D 320 -2.37 -14.59 -15.58
C ARG D 320 -2.21 -13.51 -14.52
N MET D 321 -1.01 -13.41 -13.97
CA MET D 321 -0.70 -12.46 -12.93
C MET D 321 0.20 -11.35 -13.45
N SER D 322 0.08 -10.17 -12.86
CA SER D 322 1.04 -9.12 -13.14
C SER D 322 2.23 -9.27 -12.19
N MET D 323 3.43 -9.03 -12.75
CA MET D 323 4.67 -9.23 -12.01
C MET D 323 4.80 -8.27 -10.84
N LYS D 324 4.26 -7.05 -10.97
CA LYS D 324 4.25 -6.09 -9.89
C LYS D 324 3.41 -6.59 -8.71
N GLU D 325 2.29 -7.25 -9.01
CA GLU D 325 1.54 -7.93 -7.96
C GLU D 325 2.32 -9.11 -7.42
N VAL D 326 3.10 -9.76 -8.28
CA VAL D 326 3.88 -10.91 -7.84
C VAL D 326 5.07 -10.47 -7.00
N ASP D 327 5.89 -9.56 -7.55
CA ASP D 327 7.19 -9.28 -6.96
C ASP D 327 7.07 -8.50 -5.66
N GLU D 328 6.14 -7.55 -5.60
CA GLU D 328 5.99 -6.74 -4.40
C GLU D 328 5.41 -7.55 -3.25
N GLN D 329 4.39 -8.36 -3.54
CA GLN D 329 3.79 -9.20 -2.50
C GLN D 329 4.74 -10.29 -2.05
N MET D 330 5.61 -10.77 -2.95
CA MET D 330 6.72 -11.61 -2.53
C MET D 330 7.65 -10.85 -1.61
N LEU D 331 7.93 -9.59 -1.94
CA LEU D 331 8.78 -8.76 -1.10
C LEU D 331 8.08 -8.42 0.20
N ASN D 332 6.76 -8.27 0.17
CA ASN D 332 6.00 -7.94 1.38
C ASN D 332 6.06 -9.05 2.41
N VAL D 333 6.08 -10.30 1.94
CA VAL D 333 6.29 -11.42 2.85
C VAL D 333 7.71 -11.41 3.38
N GLN D 334 8.68 -11.11 2.51
CA GLN D 334 10.05 -10.93 2.95
C GLN D 334 10.21 -9.71 3.84
N ASN D 335 9.37 -8.70 3.65
CA ASN D 335 9.35 -7.59 4.59
C ASN D 335 8.66 -7.99 5.89
N LYS D 336 7.81 -9.01 5.84
CA LYS D 336 7.02 -9.37 7.01
C LYS D 336 7.81 -10.22 7.99
N ASN D 337 8.28 -11.38 7.55
CA ASN D 337 8.85 -12.39 8.45
C ASN D 337 10.26 -12.77 7.98
N SER D 338 11.09 -11.75 7.76
CA SER D 338 12.50 -11.96 7.48
C SER D 338 13.24 -12.61 8.64
N SER D 339 12.71 -12.50 9.87
CA SER D 339 13.28 -13.21 11.00
C SER D 339 13.15 -14.73 10.87
N TYR D 340 12.19 -15.20 10.07
CA TYR D 340 12.00 -16.63 9.87
C TYR D 340 12.85 -17.18 8.73
N PHE D 341 13.83 -16.41 8.27
CA PHE D 341 14.69 -16.78 7.16
C PHE D 341 16.06 -17.13 7.69
N VAL D 342 16.98 -17.47 6.79
CA VAL D 342 18.39 -17.49 7.15
C VAL D 342 18.97 -16.09 6.94
N GLU D 343 20.08 -15.81 7.62
CA GLU D 343 20.61 -14.45 7.62
C GLU D 343 21.40 -14.16 6.36
N TRP D 344 22.19 -15.12 5.91
CA TRP D 344 23.25 -14.88 4.92
C TRP D 344 22.76 -14.85 3.49
N ILE D 345 21.46 -14.85 3.24
CA ILE D 345 20.91 -14.75 1.90
C ILE D 345 19.87 -13.64 1.89
N PRO D 346 19.99 -12.64 1.02
CA PRO D 346 18.99 -11.56 0.99
C PRO D 346 17.66 -11.98 0.39
N ASN D 347 17.65 -12.86 -0.61
CA ASN D 347 16.41 -13.31 -1.23
C ASN D 347 16.33 -14.82 -1.04
N ASN D 348 15.66 -15.24 0.02
CA ASN D 348 15.44 -16.65 0.29
C ASN D 348 14.22 -17.22 -0.42
N VAL D 349 13.57 -16.44 -1.29
CA VAL D 349 12.38 -16.89 -1.99
C VAL D 349 12.67 -16.87 -3.48
N LYS D 350 12.48 -18.02 -4.13
CA LYS D 350 12.55 -18.12 -5.58
C LYS D 350 11.13 -18.03 -6.14
N THR D 351 10.93 -17.14 -7.09
CA THR D 351 9.64 -17.00 -7.76
C THR D 351 9.61 -17.84 -9.03
N ALA D 352 8.48 -18.51 -9.25
CA ALA D 352 8.29 -19.37 -10.41
C ALA D 352 6.85 -19.17 -10.89
N VAL D 353 6.70 -18.47 -12.00
CA VAL D 353 5.40 -18.09 -12.53
C VAL D 353 5.14 -18.85 -13.81
N CYS D 354 4.06 -19.63 -13.82
CA CYS D 354 3.51 -20.19 -15.04
C CYS D 354 2.36 -19.32 -15.48
N ASP D 355 2.39 -18.89 -16.75
CA ASP D 355 1.33 -18.05 -17.27
C ASP D 355 0.07 -18.84 -17.54
N ILE D 356 0.20 -20.16 -17.71
CA ILE D 356 -0.94 -20.98 -18.09
C ILE D 356 -1.75 -21.31 -16.85
N PRO D 357 -3.03 -20.93 -16.79
CA PRO D 357 -3.82 -21.15 -15.58
C PRO D 357 -4.31 -22.57 -15.50
N PRO D 358 -4.61 -23.07 -14.30
CA PRO D 358 -5.30 -24.36 -14.18
C PRO D 358 -6.76 -24.23 -14.55
N ARG D 359 -7.40 -25.39 -14.71
CA ARG D 359 -8.80 -25.40 -15.06
C ARG D 359 -9.66 -25.01 -13.86
N GLY D 360 -10.78 -24.34 -14.15
CA GLY D 360 -11.68 -23.91 -13.10
C GLY D 360 -11.23 -22.63 -12.43
N LEU D 361 -10.17 -22.70 -11.65
CA LEU D 361 -9.68 -21.52 -10.95
C LEU D 361 -8.81 -20.67 -11.87
N LYS D 362 -9.01 -19.36 -11.80
CA LYS D 362 -8.27 -18.45 -12.66
C LYS D 362 -6.81 -18.30 -12.24
N MET D 363 -6.53 -18.43 -10.94
CA MET D 363 -5.18 -18.37 -10.43
C MET D 363 -4.97 -19.48 -9.43
N SER D 364 -3.71 -19.90 -9.29
CA SER D 364 -3.33 -20.88 -8.29
C SER D 364 -1.88 -20.65 -7.91
N ALA D 365 -1.50 -21.18 -6.75
CA ALA D 365 -0.13 -21.05 -6.29
C ALA D 365 0.24 -22.28 -5.48
N THR D 366 1.54 -22.53 -5.38
CA THR D 366 2.07 -23.71 -4.72
C THR D 366 3.32 -23.37 -3.97
N PHE D 367 3.30 -23.60 -2.66
CA PHE D 367 4.43 -23.32 -1.80
C PHE D 367 5.35 -24.53 -1.76
N ILE D 368 6.64 -24.29 -1.95
CA ILE D 368 7.69 -25.27 -1.68
C ILE D 368 8.73 -24.58 -0.84
N GLY D 369 8.91 -25.05 0.40
CA GLY D 369 9.80 -24.41 1.34
C GLY D 369 10.84 -25.39 1.85
N ASN D 370 11.92 -24.82 2.38
CA ASN D 370 12.97 -25.57 3.06
C ASN D 370 13.22 -24.87 4.39
N SER D 371 12.96 -25.56 5.49
CA SER D 371 13.12 -25.00 6.82
C SER D 371 13.99 -25.92 7.65
N THR D 372 14.45 -25.39 8.79
CA THR D 372 15.21 -26.19 9.72
C THR D 372 14.34 -26.96 10.69
N ALA D 373 13.01 -26.77 10.61
CA ALA D 373 12.11 -27.44 11.55
C ALA D 373 11.62 -28.77 11.01
N ILE D 374 12.18 -29.22 9.88
CA ILE D 374 11.81 -30.52 9.33
C ILE D 374 12.37 -31.63 10.21
N GLN D 375 13.45 -31.34 10.94
CA GLN D 375 14.08 -32.29 11.84
C GLN D 375 13.20 -32.67 13.03
N GLU D 376 12.12 -31.91 13.29
CA GLU D 376 11.17 -32.26 14.32
C GLU D 376 10.49 -33.60 14.03
N LEU D 377 10.15 -33.86 12.77
CA LEU D 377 9.68 -35.18 12.40
C LEU D 377 10.80 -36.20 12.41
N PHE D 378 12.05 -35.73 12.24
CA PHE D 378 13.17 -36.66 12.22
C PHE D 378 13.55 -37.08 13.64
N LYS D 379 13.25 -36.23 14.62
CA LYS D 379 13.45 -36.63 16.01
C LYS D 379 12.38 -37.60 16.46
N ARG D 380 11.22 -37.59 15.79
CA ARG D 380 10.23 -38.64 16.00
C ARG D 380 10.76 -39.97 15.51
N ILE D 381 11.56 -39.95 14.45
CA ILE D 381 12.16 -41.16 13.90
C ILE D 381 13.26 -41.66 14.83
N SER D 382 14.14 -40.75 15.27
CA SER D 382 15.33 -41.14 16.01
C SER D 382 15.01 -41.65 17.40
N GLU D 383 14.16 -40.93 18.13
CA GLU D 383 13.90 -41.28 19.53
C GLU D 383 13.09 -42.56 19.64
N GLN D 384 12.20 -42.79 18.67
CA GLN D 384 11.52 -44.08 18.61
C GLN D 384 12.48 -45.19 18.23
N PHE D 385 13.52 -44.87 17.46
CA PHE D 385 14.52 -45.87 17.11
C PHE D 385 15.40 -46.20 18.31
N THR D 386 15.61 -45.23 19.22
CA THR D 386 16.48 -45.44 20.37
C THR D 386 15.93 -46.50 21.31
N ALA D 387 14.63 -46.47 21.58
CA ALA D 387 14.03 -47.48 22.45
C ALA D 387 14.01 -48.85 21.77
N MET D 388 13.72 -48.86 20.46
CA MET D 388 13.57 -50.13 19.77
C MET D 388 14.92 -50.79 19.52
N PHE D 389 15.98 -50.00 19.47
CA PHE D 389 17.32 -50.58 19.31
C PHE D 389 17.78 -51.24 20.60
N ARG D 390 17.25 -50.78 21.74
CA ARG D 390 17.61 -51.38 23.02
C ARG D 390 17.00 -52.76 23.17
N ARG D 391 15.67 -52.85 23.13
CA ARG D 391 14.95 -54.07 23.43
C ARG D 391 14.91 -55.03 22.26
N LYS D 392 15.11 -54.51 21.03
CA LYS D 392 15.26 -55.27 19.79
C LYS D 392 14.03 -56.13 19.52
N ALA D 393 12.85 -55.56 19.78
CA ALA D 393 11.60 -56.30 19.64
C ALA D 393 11.28 -56.54 18.17
N PHE D 394 10.98 -57.79 17.85
CA PHE D 394 10.71 -58.30 16.49
C PHE D 394 11.87 -58.02 15.54
N LEU D 395 13.08 -57.92 16.07
CA LEU D 395 14.24 -57.68 15.22
C LEU D 395 14.72 -58.97 14.58
N HIS D 396 14.29 -60.11 15.13
CA HIS D 396 14.65 -61.42 14.60
C HIS D 396 14.06 -61.67 13.22
N TRP D 397 13.01 -60.94 12.86
CA TRP D 397 12.55 -60.92 11.48
C TRP D 397 13.63 -60.41 10.55
N TYR D 398 14.19 -59.24 10.83
CA TYR D 398 15.28 -58.70 10.01
C TYR D 398 16.60 -59.38 10.30
N THR D 399 16.77 -59.95 11.49
CA THR D 399 18.04 -60.61 11.82
C THR D 399 18.18 -61.91 11.05
N GLY D 400 17.07 -62.64 10.88
CA GLY D 400 17.09 -63.82 10.04
C GLY D 400 17.31 -63.52 8.58
N GLU D 401 17.00 -62.28 8.17
CA GLU D 401 17.34 -61.84 6.82
C GLU D 401 18.83 -61.60 6.68
N GLY D 402 19.53 -61.35 7.79
CA GLY D 402 20.98 -61.24 7.75
C GLY D 402 21.49 -59.82 7.85
N MET D 403 20.89 -59.03 8.73
CA MET D 403 21.28 -57.63 8.89
C MET D 403 22.12 -57.45 10.15
N ASP D 404 22.88 -56.36 10.19
CA ASP D 404 23.76 -56.08 11.32
C ASP D 404 23.26 -54.86 12.09
N GLU D 405 23.53 -54.85 13.41
CA GLU D 405 23.02 -53.79 14.27
C GLU D 405 23.85 -52.51 14.16
N MET D 406 25.15 -52.64 13.89
CA MET D 406 25.98 -51.44 13.73
C MET D 406 25.67 -50.74 12.42
N GLU D 407 25.16 -51.48 11.44
CA GLU D 407 24.61 -50.87 10.23
C GLU D 407 23.40 -50.01 10.59
N PHE D 408 22.62 -50.45 11.56
CA PHE D 408 21.47 -49.66 12.02
C PHE D 408 21.94 -48.49 12.84
N THR D 409 23.05 -48.65 13.56
CA THR D 409 23.64 -47.57 14.32
C THR D 409 24.24 -46.53 13.39
N GLU D 410 24.86 -46.98 12.29
CA GLU D 410 25.37 -46.06 11.28
C GLU D 410 24.22 -45.34 10.58
N ALA D 411 23.11 -46.04 10.37
CA ALA D 411 21.90 -45.40 9.85
C ALA D 411 21.35 -44.41 10.86
N GLU D 412 21.45 -44.74 12.15
CA GLU D 412 21.13 -43.77 13.19
C GLU D 412 22.15 -42.63 13.19
N SER D 413 23.41 -42.95 12.91
CA SER D 413 24.46 -41.93 12.88
C SER D 413 24.25 -40.97 11.73
N ASN D 414 23.73 -41.46 10.59
CA ASN D 414 23.35 -40.57 9.51
C ASN D 414 22.17 -39.70 9.93
N MET D 415 21.22 -40.27 10.69
CA MET D 415 20.16 -39.46 11.26
C MET D 415 20.71 -38.53 12.33
N ASN D 416 21.73 -38.98 13.06
CA ASN D 416 22.42 -38.09 13.99
C ASN D 416 23.16 -36.99 13.25
N ASP D 417 23.65 -37.28 12.04
CA ASP D 417 24.26 -36.25 11.21
C ASP D 417 23.20 -35.30 10.67
N LEU D 418 22.05 -35.85 10.27
CA LEU D 418 21.04 -35.09 9.56
C LEU D 418 20.41 -34.01 10.44
N VAL D 419 20.17 -34.33 11.70
CA VAL D 419 19.63 -33.35 12.64
C VAL D 419 20.68 -32.29 12.94
N SER D 420 21.94 -32.70 13.07
CA SER D 420 23.01 -31.77 13.39
C SER D 420 23.31 -30.83 12.24
N GLU D 421 23.13 -31.29 10.99
CA GLU D 421 23.40 -30.44 9.84
C GLU D 421 22.36 -29.32 9.71
N TYR D 422 21.11 -29.60 10.11
CA TYR D 422 20.13 -28.52 10.20
C TYR D 422 20.47 -27.54 11.31
N GLN D 423 21.01 -28.03 12.43
CA GLN D 423 21.32 -27.15 13.54
C GLN D 423 22.55 -26.29 13.26
N GLN D 424 23.43 -26.75 12.37
CA GLN D 424 24.55 -25.93 11.96
C GLN D 424 24.08 -24.72 11.16
N TYR D 425 23.04 -24.89 10.36
CA TYR D 425 22.53 -23.81 9.53
C TYR D 425 21.27 -23.17 10.10
N GLN D 426 20.71 -23.70 11.18
CA GLN D 426 19.62 -22.99 11.83
C GLN D 426 20.14 -21.74 12.52
N ASP D 427 21.10 -21.90 13.42
CA ASP D 427 21.76 -20.76 14.03
C ASP D 427 23.27 -20.91 13.85
N ALA E 1 6.22 12.09 28.99
CA ALA E 1 6.92 12.88 28.01
C ALA E 1 6.77 12.26 26.62
N LYS E 2 7.32 12.93 25.62
CA LYS E 2 7.18 12.46 24.26
C LYS E 2 8.16 11.33 23.96
N SER E 3 7.60 10.15 23.74
CA SER E 3 8.38 8.94 23.51
C SER E 3 7.63 8.06 22.54
N ASN E 4 8.39 7.32 21.73
CA ASN E 4 7.84 6.23 20.93
C ASN E 4 8.04 4.90 21.64
N LYS E 5 8.01 4.95 22.98
CA LYS E 5 8.41 3.82 23.82
C LYS E 5 7.49 2.62 23.64
N PHE E 6 6.18 2.85 23.55
CA PHE E 6 5.25 1.74 23.36
C PHE E 6 5.22 1.32 21.89
N ILE E 7 5.51 2.25 20.98
CA ILE E 7 5.47 1.95 19.55
C ILE E 7 6.61 1.02 19.17
N ILE E 8 7.81 1.31 19.68
CA ILE E 8 8.95 0.44 19.46
C ILE E 8 8.74 -0.89 20.18
N HIS E 9 8.16 -0.85 21.37
CA HIS E 9 7.86 -2.07 22.11
C HIS E 9 6.77 -2.89 21.41
N ASN E 10 5.88 -2.22 20.68
CA ASN E 10 4.90 -2.97 19.90
C ASN E 10 5.54 -3.51 18.63
N ALA E 11 6.48 -2.77 18.05
CA ALA E 11 7.23 -3.27 16.90
C ALA E 11 8.25 -4.32 17.33
N LEU E 12 8.61 -4.33 18.61
CA LEU E 12 9.46 -5.38 19.17
C LEU E 12 8.81 -6.76 19.04
N SER E 13 7.60 -6.89 19.58
CA SER E 13 6.98 -8.21 19.72
C SER E 13 6.45 -8.78 18.41
N HIS E 14 6.27 -7.95 17.39
CA HIS E 14 5.61 -8.45 16.19
C HIS E 14 6.57 -9.25 15.30
N CYS E 15 7.48 -8.55 14.62
CA CYS E 15 8.26 -9.20 13.58
C CYS E 15 9.74 -8.86 13.65
N CYS E 16 10.06 -7.73 14.28
CA CYS E 16 11.40 -7.17 14.16
C CYS E 16 12.40 -7.92 15.03
N LEU E 17 12.14 -7.99 16.33
CA LEU E 17 13.18 -8.40 17.26
C LEU E 17 13.13 -9.88 17.59
N ALA E 18 11.96 -10.52 17.56
CA ALA E 18 11.90 -11.90 18.01
C ALA E 18 10.75 -12.70 17.41
N GLY E 19 11.02 -13.97 17.17
CA GLY E 19 10.02 -15.02 17.01
C GLY E 19 10.06 -15.96 18.18
N LYS E 20 10.77 -17.08 18.00
CA LYS E 20 11.21 -17.87 19.14
C LYS E 20 12.73 -17.85 19.24
N VAL E 21 13.40 -17.41 18.17
CA VAL E 21 14.86 -17.49 18.08
C VAL E 21 15.53 -16.50 19.01
N ASN E 22 15.21 -15.21 18.87
CA ASN E 22 15.88 -14.17 19.62
C ASN E 22 15.10 -13.79 20.88
N GLU E 23 14.40 -14.76 21.46
CA GLU E 23 13.69 -14.61 22.71
C GLU E 23 14.62 -14.37 23.93
N PRO E 24 15.82 -14.97 24.02
CA PRO E 24 16.75 -14.44 25.04
C PRO E 24 17.27 -13.05 24.72
N GLN E 25 17.29 -12.66 23.45
CA GLN E 25 17.81 -11.35 23.08
C GLN E 25 16.82 -10.25 23.44
N LYS E 26 15.52 -10.52 23.31
CA LYS E 26 14.53 -9.48 23.54
C LYS E 26 14.40 -9.14 25.03
N ASN E 27 14.71 -10.10 25.90
CA ASN E 27 14.56 -9.88 27.34
C ASN E 27 15.59 -8.89 27.85
N ARG E 28 16.76 -8.83 27.19
CA ARG E 28 17.70 -7.75 27.46
C ARG E 28 17.15 -6.42 26.95
N ILE E 29 16.47 -6.44 25.81
CA ILE E 29 16.00 -5.21 25.17
C ILE E 29 14.84 -4.60 25.96
N LEU E 30 13.99 -5.45 26.56
CA LEU E 30 13.02 -4.96 27.53
C LEU E 30 13.71 -4.39 28.76
N GLU E 31 14.81 -5.01 29.18
CA GLU E 31 15.48 -4.57 30.39
C GLU E 31 16.26 -3.28 30.15
N GLU E 32 16.63 -3.02 28.89
CA GLU E 32 17.32 -1.78 28.55
C GLU E 32 16.37 -0.60 28.53
N ILE E 33 15.20 -0.76 27.92
CA ILE E 33 14.35 0.39 27.65
C ILE E 33 13.59 0.82 28.90
N GLU E 34 13.43 -0.09 29.87
CA GLU E 34 12.74 0.28 31.11
C GLU E 34 13.63 1.13 32.00
N LYS E 35 14.94 0.89 31.97
CA LYS E 35 15.85 1.67 32.79
C LYS E 35 16.27 2.94 32.06
N SER E 36 16.03 3.01 30.76
CA SER E 36 16.47 4.15 29.97
C SER E 36 15.61 5.37 30.26
N LYS E 37 16.26 6.46 30.69
CA LYS E 37 15.54 7.71 30.90
C LYS E 37 15.42 8.51 29.61
N ALA E 38 16.08 8.07 28.55
CA ALA E 38 15.93 8.72 27.26
C ALA E 38 14.54 8.48 26.69
N ASN E 39 14.07 9.45 25.89
CA ASN E 39 12.68 9.41 25.44
C ASN E 39 12.55 8.80 24.05
N HIS E 40 13.21 9.37 23.06
CA HIS E 40 13.10 8.92 21.68
C HIS E 40 13.92 7.66 21.50
N PHE E 41 13.35 6.67 20.83
CA PHE E 41 14.03 5.40 20.58
C PHE E 41 14.24 5.22 19.09
N LEU E 42 15.41 4.76 18.70
CA LEU E 42 15.79 4.63 17.30
C LEU E 42 16.26 3.21 17.02
N ILE E 43 15.81 2.65 15.90
CA ILE E 43 16.19 1.30 15.49
C ILE E 43 17.13 1.40 14.29
N LEU E 44 18.32 0.84 14.44
CA LEU E 44 19.30 0.76 13.36
C LEU E 44 19.14 -0.56 12.61
N PHE E 45 19.10 -0.48 11.29
CA PHE E 45 19.06 -1.66 10.44
C PHE E 45 20.32 -1.78 9.62
N ARG E 46 20.58 -3.00 9.14
CA ARG E 46 21.64 -3.21 8.17
C ARG E 46 21.20 -2.77 6.78
N ASP E 47 20.00 -3.15 6.37
CA ASP E 47 19.55 -2.99 5.00
C ASP E 47 18.07 -2.61 5.04
N SER E 48 17.47 -2.43 3.85
CA SER E 48 16.04 -2.21 3.72
C SER E 48 15.22 -3.47 3.89
N SER E 49 15.86 -4.63 4.10
CA SER E 49 15.15 -5.87 4.34
C SER E 49 14.76 -6.04 5.81
N CYS E 50 14.89 -4.98 6.61
CA CYS E 50 14.53 -4.96 8.04
C CYS E 50 15.31 -5.99 8.84
N GLN E 51 16.63 -5.87 8.79
CA GLN E 51 17.53 -6.70 9.58
C GLN E 51 18.11 -5.88 10.72
N PHE E 52 17.69 -6.18 11.94
CA PHE E 52 18.01 -5.39 13.12
C PHE E 52 19.50 -5.48 13.42
N ARG E 53 20.11 -4.34 13.76
CA ARG E 53 21.50 -4.35 14.20
C ARG E 53 21.70 -3.65 15.54
N ALA E 54 21.01 -2.54 15.79
CA ALA E 54 21.24 -1.79 17.01
C ALA E 54 20.00 -0.98 17.37
N LEU E 55 19.86 -0.70 18.67
CA LEU E 55 18.79 0.12 19.21
C LEU E 55 19.37 1.38 19.83
N TYR E 56 18.96 2.54 19.31
CA TYR E 56 19.55 3.80 19.67
C TYR E 56 18.53 4.74 20.30
N THR E 57 19.04 5.80 20.90
CA THR E 57 18.23 6.84 21.54
C THR E 57 18.68 8.22 21.06
N LEU E 58 17.71 9.11 20.88
CA LEU E 58 17.99 10.49 20.50
C LEU E 58 18.06 11.37 21.74
N SER E 59 19.14 12.13 21.88
CA SER E 59 19.26 13.09 22.98
C SER E 59 18.46 14.35 22.71
N GLY E 60 18.41 14.79 21.45
CA GLY E 60 17.69 16.00 21.10
C GLY E 60 18.56 17.24 21.12
N GLU E 61 19.42 17.34 22.13
CA GLU E 61 20.31 18.50 22.23
C GLU E 61 21.45 18.41 21.22
N THR E 62 22.23 17.33 21.26
CA THR E 62 23.37 17.20 20.37
C THR E 62 23.03 16.43 19.11
N GLU E 63 21.82 15.87 19.02
CA GLU E 63 21.28 15.12 17.89
C GLU E 63 22.12 13.90 17.52
N GLU E 64 22.72 13.23 18.50
CA GLU E 64 23.47 12.00 18.27
C GLU E 64 22.69 10.82 18.81
N LEU E 65 23.19 9.63 18.50
CA LEU E 65 22.50 8.38 18.82
C LEU E 65 23.44 7.48 19.62
N SER E 66 23.02 7.11 20.83
CA SER E 66 23.83 6.33 21.74
C SER E 66 23.35 4.88 21.75
N ARG E 67 24.29 3.95 21.96
CA ARG E 67 23.97 2.53 21.92
C ARG E 67 23.62 2.03 23.31
N LEU E 68 22.48 1.33 23.41
CA LEU E 68 22.15 0.62 24.64
C LEU E 68 22.39 -0.87 24.50
N ALA E 69 22.04 -1.44 23.34
CA ALA E 69 22.29 -2.83 23.05
C ALA E 69 22.48 -2.99 21.56
N GLY E 70 23.08 -4.11 21.17
CA GLY E 70 23.28 -4.43 19.77
C GLY E 70 24.71 -4.25 19.29
N TYR E 71 24.87 -4.40 17.99
CA TYR E 71 26.17 -4.29 17.31
C TYR E 71 26.10 -3.10 16.37
N GLY E 72 26.99 -2.13 16.59
CA GLY E 72 27.04 -0.95 15.75
C GLY E 72 28.00 0.08 16.30
N PRO E 73 28.01 1.27 15.69
CA PRO E 73 28.87 2.36 16.19
C PRO E 73 28.40 2.87 17.54
N ARG E 74 29.33 3.50 18.25
CA ARG E 74 29.02 4.07 19.56
C ARG E 74 28.13 5.30 19.43
N THR E 75 28.52 6.23 18.58
CA THR E 75 27.72 7.42 18.30
C THR E 75 27.43 7.48 16.81
N VAL E 76 26.26 8.03 16.46
CA VAL E 76 25.84 8.17 15.08
C VAL E 76 25.33 9.59 14.88
N THR E 77 25.97 10.31 13.97
CA THR E 77 25.59 11.65 13.56
C THR E 77 24.48 11.56 12.52
N PRO E 78 23.74 12.66 12.29
CA PRO E 78 22.81 12.67 11.14
C PRO E 78 23.50 12.61 9.79
N ALA E 79 24.78 12.95 9.71
CA ALA E 79 25.54 12.70 8.50
C ALA E 79 25.76 11.21 8.28
N MET E 80 25.87 10.43 9.37
CA MET E 80 25.96 8.99 9.25
C MET E 80 24.62 8.38 8.87
N VAL E 81 23.52 9.05 9.20
CA VAL E 81 22.19 8.56 8.88
C VAL E 81 21.91 8.78 7.40
N GLU E 82 21.64 7.70 6.67
CA GLU E 82 21.31 7.80 5.26
C GLU E 82 19.81 7.90 5.04
N GLY E 83 19.06 6.90 5.51
CA GLY E 83 17.62 6.89 5.36
C GLY E 83 16.95 6.60 6.69
N ILE E 84 15.69 7.03 6.78
CA ILE E 84 14.90 6.89 7.99
C ILE E 84 13.60 6.16 7.67
N TYR E 85 13.12 5.39 8.64
CA TYR E 85 11.98 4.50 8.45
C TYR E 85 10.89 4.83 9.46
N LYS E 86 9.66 4.46 9.12
CA LYS E 86 8.54 4.57 10.03
C LYS E 86 7.78 3.24 10.09
N TYR E 87 7.54 2.77 11.30
CA TYR E 87 6.78 1.55 11.53
C TYR E 87 5.29 1.88 11.54
N ASN E 88 4.52 1.12 10.79
CA ASN E 88 3.07 1.20 10.81
C ASN E 88 2.57 0.11 11.73
N SER E 89 1.72 0.48 12.69
CA SER E 89 1.16 -0.49 13.61
C SER E 89 0.18 -1.41 12.91
N ASP E 90 -0.60 -0.85 11.97
CA ASP E 90 -1.64 -1.62 11.31
C ASP E 90 -1.06 -2.55 10.25
N ARG E 91 -0.09 -2.05 9.49
CA ARG E 91 0.50 -2.87 8.43
C ARG E 91 1.58 -3.79 8.99
N LYS E 92 2.02 -3.52 10.23
CA LYS E 92 3.01 -4.32 10.98
C LYS E 92 4.33 -4.41 10.24
N ARG E 93 4.76 -3.31 9.63
CA ARG E 93 6.05 -3.27 8.96
C ARG E 93 6.61 -1.86 9.00
N PHE E 94 7.85 -1.74 8.53
CA PHE E 94 8.56 -0.47 8.46
C PHE E 94 8.42 0.14 7.07
N THR E 95 7.98 1.40 7.04
CA THR E 95 7.79 2.13 5.81
C THR E 95 8.82 3.25 5.71
N GLN E 96 9.29 3.48 4.49
CA GLN E 96 10.34 4.47 4.25
C GLN E 96 9.78 5.89 4.38
N ILE E 97 10.63 6.80 4.83
CA ILE E 97 10.29 8.21 4.97
C ILE E 97 11.11 8.99 3.96
N PRO E 98 10.53 9.97 3.26
CA PRO E 98 11.35 10.88 2.44
C PRO E 98 12.24 11.77 3.28
N ALA E 99 13.04 12.59 2.59
CA ALA E 99 14.06 13.39 3.26
C ALA E 99 13.45 14.50 4.10
N LYS E 100 13.80 14.49 5.38
CA LYS E 100 13.36 15.51 6.33
C LYS E 100 14.36 15.58 7.47
N THR E 101 14.05 16.39 8.47
CA THR E 101 14.88 16.45 9.67
C THR E 101 14.55 15.30 10.61
N MET E 102 15.45 15.07 11.56
CA MET E 102 15.26 13.98 12.51
C MET E 102 14.18 14.36 13.52
N SER E 103 13.03 13.72 13.40
CA SER E 103 11.85 14.09 14.17
C SER E 103 11.51 12.95 15.12
N MET E 104 10.56 13.22 16.03
CA MET E 104 10.12 12.23 17.01
C MET E 104 9.37 11.08 16.34
N SER E 105 8.74 11.34 15.19
CA SER E 105 8.01 10.32 14.44
C SER E 105 8.91 9.25 13.85
N VAL E 106 10.21 9.52 13.72
CA VAL E 106 11.16 8.57 13.15
C VAL E 106 11.34 7.43 14.14
N ASP E 107 10.80 6.26 13.80
CA ASP E 107 10.91 5.08 14.65
C ASP E 107 12.14 4.26 14.35
N ALA E 108 12.62 4.30 13.11
CA ALA E 108 13.75 3.48 12.70
C ALA E 108 14.51 4.20 11.59
N PHE E 109 15.72 3.72 11.33
CA PHE E 109 16.57 4.36 10.33
C PHE E 109 17.60 3.35 9.84
N THR E 110 18.42 3.80 8.91
CA THR E 110 19.58 3.06 8.44
C THR E 110 20.74 4.03 8.27
N ILE E 111 21.92 3.47 7.99
CA ILE E 111 23.15 4.25 7.87
C ILE E 111 23.73 4.05 6.47
N GLN E 112 24.92 4.62 6.25
CA GLN E 112 25.47 4.73 4.90
C GLN E 112 25.91 3.36 4.37
N GLY E 113 26.61 2.59 5.18
CA GLY E 113 27.06 1.27 4.76
C GLY E 113 28.56 1.12 4.83
N HIS E 114 29.27 2.22 4.56
CA HIS E 114 30.73 2.23 4.69
C HIS E 114 31.16 2.19 6.15
N LEU E 115 30.25 2.57 7.07
CA LEU E 115 30.62 2.71 8.47
C LEU E 115 30.80 1.37 9.18
N TRP E 116 30.43 0.27 8.53
CA TRP E 116 30.61 -1.04 9.14
C TRP E 116 32.09 -1.44 9.15
N GLN E 117 32.47 -2.18 10.18
CA GLN E 117 33.83 -2.67 10.29
C GLN E 117 34.07 -3.79 9.27
N SER E 118 34.99 -3.56 8.36
CA SER E 118 35.31 -4.52 7.31
C SER E 118 36.16 -5.66 7.86
PG GTP F . -9.36 19.68 8.94
O1G GTP F . -10.32 19.02 8.03
O2G GTP F . -8.16 18.81 9.29
O3G GTP F . -10.01 20.15 10.23
O3B GTP F . -8.79 20.99 8.24
PB GTP F . -9.57 22.26 7.68
O1B GTP F . -8.66 23.46 7.73
O2B GTP F . -10.03 22.01 6.30
O3A GTP F . -10.82 22.53 8.61
PA GTP F . -12.28 23.06 8.24
O1A GTP F . -12.27 23.40 6.75
O2A GTP F . -13.26 21.98 8.49
O5' GTP F . -12.51 24.39 9.05
C5' GTP F . -13.79 24.78 9.62
C4' GTP F . -13.99 26.26 9.41
O4' GTP F . -14.05 26.54 7.99
C3' GTP F . -15.27 26.82 10.00
O3' GTP F . -15.07 28.15 10.48
C2' GTP F . -16.23 26.79 8.82
O2' GTP F . -17.26 27.77 8.93
C1' GTP F . -15.29 27.14 7.68
N9 GTP F . -15.73 26.66 6.36
C8 GTP F . -15.65 25.36 5.89
N7 GTP F . -16.08 25.25 4.65
C5 GTP F . -16.45 26.53 4.30
C6 GTP F . -16.99 27.06 3.08
O6 GTP F . -17.21 26.45 2.04
N1 GTP F . -17.25 28.41 3.16
C2 GTP F . -17.02 29.19 4.25
N2 GTP F . -17.33 30.48 4.16
N3 GTP F . -16.51 28.72 5.39
C4 GTP F . -16.25 27.40 5.35
MG MG G . -11.24 20.34 6.58
PB GDP H . -23.37 -12.47 27.75
O1B GDP H . -22.11 -11.67 27.51
O2B GDP H . -23.93 -12.90 26.40
O3B GDP H . -23.18 -13.60 28.70
O3A GDP H . -24.45 -11.46 28.34
PA GDP H . -25.73 -10.77 27.69
O1A GDP H . -25.39 -10.43 26.25
O2A GDP H . -26.87 -11.71 27.72
O5' GDP H . -26.01 -9.42 28.47
C5' GDP H . -27.12 -9.18 29.35
C4' GDP H . -27.32 -7.69 29.46
O4' GDP H . -27.58 -7.14 28.16
C3' GDP H . -28.51 -7.26 30.32
O3' GDP H . -28.29 -5.96 30.86
C2' GDP H . -29.65 -7.27 29.30
O2' GDP H . -30.69 -6.36 29.65
C1' GDP H . -28.94 -6.77 28.03
N9 GDP H . -29.47 -7.37 26.81
C8 GDP H . -29.51 -8.70 26.50
N7 GDP H . -30.01 -8.95 25.32
C5 GDP H . -30.31 -7.69 24.81
C6 GDP H . -30.87 -7.29 23.56
O6 GDP H . -31.13 -8.01 22.61
N1 GDP H . -31.02 -5.92 23.47
C2 GDP H . -30.67 -5.02 24.45
N2 GDP H . -30.88 -3.73 24.19
N3 GDP H . -30.15 -5.38 25.61
C4 GDP H . -29.99 -6.72 25.73
O01 TA1 I . -39.42 2.38 9.99
C01 TA1 I . -39.43 3.77 9.65
C02 TA1 I . -39.95 4.55 11.01
O02 TA1 I . -39.19 3.89 12.03
C03 TA1 I . -39.85 3.19 12.97
O03 TA1 I . -41.06 3.07 13.00
C04 TA1 I . -38.93 2.61 13.98
C05 TA1 I . -37.55 2.81 13.86
C06 TA1 I . -36.69 2.29 14.82
C07 TA1 I . -37.18 1.56 15.88
C08 TA1 I . -38.54 1.35 15.99
C09 TA1 I . -39.41 1.87 15.05
C10 TA1 I . -39.87 6.15 11.08
C11 TA1 I . -39.02 6.76 12.34
O04 TA1 I . -37.65 6.26 12.31
C12 TA1 I . -36.71 6.63 11.40
O05 TA1 I . -36.89 7.39 10.50
C13 TA1 I . -35.43 5.93 11.70
C14 TA1 I . -39.46 6.58 13.82
O06 TA1 I . -39.19 7.95 14.11
C15 TA1 I . -39.18 8.25 12.68
C16 TA1 I . -40.41 8.98 12.21
C17 TA1 I . -40.85 8.49 10.82
O07 TA1 I . -41.95 9.29 10.37
C18 TA1 I . -41.22 6.98 10.76
C19 TA1 I . -42.41 6.65 11.68
C20 TA1 I . -41.88 6.95 9.34
O08 TA1 I . -42.98 7.44 9.27
C21 TA1 I . -41.30 6.33 7.84
O09 TA1 I . -42.49 6.01 7.05
C22 TA1 I . -42.39 6.07 5.71
O10 TA1 I . -41.41 6.41 5.14
C23 TA1 I . -43.68 5.66 5.07
C24 TA1 I . -40.16 5.30 7.76
C25 TA1 I . -38.90 5.75 7.61
C26 TA1 I . -37.72 4.90 8.02
O11 TA1 I . -36.44 5.60 8.20
C27 TA1 I . -35.50 5.39 7.26
O12 TA1 I . -35.67 4.75 6.26
C28 TA1 I . -34.19 6.06 7.62
O13 TA1 I . -33.41 6.21 6.45
C29 TA1 I . -33.44 5.19 8.62
N01 TA1 I . -33.48 3.80 8.19
C30 TA1 I . -34.04 2.86 8.96
O14 TA1 I . -34.43 3.10 10.10
C31 TA1 I . -34.17 1.49 8.37
C32 TA1 I . -33.05 0.78 7.96
C33 TA1 I . -33.18 -0.49 7.44
C34 TA1 I . -34.43 -1.08 7.32
C35 TA1 I . -35.55 -0.38 7.72
C36 TA1 I . -35.43 0.90 8.25
C37 TA1 I . -32.03 5.69 8.88
C38 TA1 I . -31.79 6.74 9.75
C39 TA1 I . -30.51 7.20 9.98
C40 TA1 I . -29.44 6.61 9.35
C41 TA1 I . -29.66 5.56 8.48
C42 TA1 I . -30.94 5.11 8.24
C43 TA1 I . -37.97 4.12 9.31
C44 TA1 I . -38.57 7.09 7.03
C45 TA1 I . -40.47 3.89 8.42
C46 TA1 I . -40.50 2.72 7.42
C47 TA1 I . -41.83 3.50 9.01
PG GTP J . 18.50 -19.53 -18.07
O1G GTP J . 17.12 -19.76 -18.56
O2G GTP J . 19.47 -20.66 -18.41
O3G GTP J . 18.56 -19.25 -16.58
O3B GTP J . 19.08 -18.21 -18.76
PB GTP J . 18.44 -16.76 -18.84
O1B GTP J . 19.52 -15.73 -19.08
O2B GTP J . 17.42 -16.71 -19.90
O3A GTP J . 17.76 -16.48 -17.42
PA GTP J . 16.43 -15.70 -17.04
O1A GTP J . 15.84 -15.12 -18.32
O2A GTP J . 15.46 -16.66 -16.44
O5' GTP J . 16.83 -14.51 -16.07
C5' GTP J . 15.98 -13.99 -15.04
C4' GTP J . 16.06 -12.48 -15.06
O4' GTP J . 15.54 -11.98 -16.31
C3' GTP J . 15.29 -11.77 -13.96
O3' GTP J . 15.99 -10.63 -13.49
C2' GTP J . 13.98 -11.38 -14.66
O2' GTP J . 13.38 -10.24 -14.07
C1' GTP J . 14.51 -11.05 -16.05
N9 GTP J . 13.49 -11.18 -17.10
C8 GTP J . 12.99 -12.33 -17.64
N7 GTP J . 12.13 -12.12 -18.63
C5 GTP J . 12.08 -10.73 -18.72
C6 GTP J . 11.34 -9.88 -19.60
O6 GTP J . 10.59 -10.22 -20.51
N1 GTP J . 11.55 -8.54 -19.34
C2 GTP J . 12.39 -8.05 -18.37
N2 GTP J . 12.49 -6.73 -18.26
N3 GTP J . 13.11 -8.84 -17.56
C4 GTP J . 12.90 -10.15 -17.79
MG MG K . 15.99 -18.05 -19.23
PB GDP L . 4.58 -51.38 1.20
O1B GDP L . 5.89 -50.83 0.62
O2B GDP L . 3.50 -51.31 0.14
O3B GDP L . 4.73 -52.73 1.80
O3A GDP L . 4.13 -50.35 2.33
PA GDP L . 2.84 -49.44 2.47
O1A GDP L . 2.53 -48.82 1.12
O2A GDP L . 1.69 -50.26 2.92
O5' GDP L . 3.23 -48.27 3.47
C5' GDP L . 2.54 -47.92 4.69
C4' GDP L . 2.76 -46.45 4.93
O4' GDP L . 2.19 -45.68 3.84
C3' GDP L . 2.11 -45.89 6.20
O3' GDP L . 2.83 -44.76 6.67
C2' GDP L . 0.72 -45.50 5.70
O2' GDP L . 0.15 -44.45 6.47
C1' GDP L . 1.03 -44.99 4.29
N9 GDP L . -0.05 -45.26 3.33
C8 GDP L . -0.52 -46.48 2.93
N7 GDP L . -1.45 -46.41 2.02
C5 GDP L . -1.62 -45.05 1.80
C6 GDP L . -2.47 -44.33 0.92
O6 GDP L . -3.23 -44.80 0.09
N1 GDP L . -2.33 -42.96 1.05
C2 GDP L . -1.46 -42.34 1.90
N2 GDP L . -1.45 -41.01 1.89
N3 GDP L . -0.64 -43.00 2.72
C4 GDP L . -0.77 -44.33 2.62
O01 TA1 M . -12.67 -30.59 -7.07
C01 TA1 M . -12.44 -29.18 -7.21
C02 TA1 M . -12.20 -28.60 -5.68
O02 TA1 M . -11.33 -29.62 -5.12
C03 TA1 M . -11.78 -30.35 -4.09
O03 TA1 M . -12.89 -30.25 -3.63
C04 TA1 M . -10.74 -31.28 -3.59
C05 TA1 M . -9.49 -31.32 -4.18
C06 TA1 M . -8.51 -32.17 -3.71
C07 TA1 M . -8.77 -33.00 -2.63
C08 TA1 M . -10.02 -32.98 -2.04
C09 TA1 M . -10.99 -32.12 -2.51
C10 TA1 M . -11.65 -27.11 -5.48
C11 TA1 M . -10.28 -26.99 -4.59
O04 TA1 M . -9.19 -27.75 -5.22
C12 TA1 M . -8.57 -27.38 -6.37
O05 TA1 M . -8.86 -26.44 -7.04
C13 TA1 M . -7.48 -28.35 -6.67
C14 TA1 M . -10.21 -27.37 -3.09
O06 TA1 M . -9.47 -26.19 -2.77
C15 TA1 M . -9.87 -25.60 -4.05
C16 TA1 M . -10.93 -24.54 -3.92
C17 TA1 M . -11.93 -24.61 -5.06
O07 TA1 M . -12.84 -23.51 -4.96
C18 TA1 M . -12.72 -25.95 -5.15
C19 TA1 M . -13.56 -26.19 -3.88
C20 TA1 M . -13.82 -25.53 -6.19
O08 TA1 M . -14.66 -24.78 -5.77
C21 TA1 M . -14.04 -25.94 -7.84
O09 TA1 M . -15.46 -25.83 -8.09
C22 TA1 M . -15.90 -25.59 -9.35
O10 TA1 M . -15.16 -25.43 -10.28
C23 TA1 M . -17.38 -25.55 -9.41
C24 TA1 M . -13.36 -27.18 -8.46
C25 TA1 M . -12.20 -27.01 -9.15
C26 TA1 M . -11.20 -28.14 -9.28
O11 TA1 M . -9.82 -27.74 -9.56
C27 TA1 M . -9.36 -28.01 -10.79
O12 TA1 M . -10.02 -28.48 -11.67
C28 TA1 M . -7.88 -27.70 -10.92
O13 TA1 M . -7.56 -27.52 -12.28
C29 TA1 M . -7.08 -28.85 -10.36
N01 TA1 M . -7.60 -30.12 -10.86
C30 TA1 M . -8.10 -31.03 -10.02
O14 TA1 M . -8.07 -30.90 -8.80
C31 TA1 M . -8.74 -32.24 -10.63
C32 TA1 M . -8.00 -33.09 -11.44
C33 TA1 M . -8.59 -34.22 -11.99
C34 TA1 M . -9.92 -34.52 -11.73
C35 TA1 M . -10.65 -33.67 -10.93
C36 TA1 M . -10.08 -32.53 -10.38
C37 TA1 M . -5.60 -28.68 -10.65
C38 TA1 M . -4.85 -27.73 -9.96
C39 TA1 M . -3.50 -27.57 -10.21
C40 TA1 M . -2.88 -28.34 -11.16
C41 TA1 M . -3.61 -29.29 -11.86
C42 TA1 M . -4.96 -29.45 -11.60
C43 TA1 M . -11.16 -29.05 -8.05
C44 TA1 M . -11.83 -25.72 -9.81
C45 TA1 M . -13.78 -28.58 -7.88
C46 TA1 M . -14.50 -29.50 -8.88
C47 TA1 M . -14.89 -28.75 -6.84
#